data_6GRH
#
_entry.id   6GRH
#
_cell.length_a   180.740
_cell.length_b   83.760
_cell.length_c   87.120
_cell.angle_alpha   90.00
_cell.angle_beta   91.33
_cell.angle_gamma   90.00
#
_symmetry.space_group_name_H-M   'C 1 2 1'
#
loop_
_entity.id
_entity.type
_entity.pdbx_description
1 polymer 'Bacteriocin microcin B17'
2 polymer 'Microcin B17-processing protein McbB'
3 polymer 'Microcin B17-processing protein McbC'
4 polymer 'Microcin B17-processing protein McbD'
5 non-polymer 'ZINC ION'
6 non-polymer 'SULFATE ION'
7 non-polymer 'CHLORIDE ION'
8 non-polymer 1,2-ETHANEDIOL
9 non-polymer 'FLAVIN MONONUCLEOTIDE'
10 non-polymer GLYCEROL
11 water water
#
loop_
_entity_poly.entity_id
_entity_poly.type
_entity_poly.pdbx_seq_one_letter_code
_entity_poly.pdbx_strand_id
1 'polypeptide(L)' MGHHHHHHMELKASEFGVVLSVDALKLSRQSPLGVGIGGGGGGGGG(OTZ)GGQGG A
2 'polypeptide(L)'
;MVLPDIKKGKDMINILPFEIISRNTKTLLITYISSVDITHEGMKKVLESLRSKQGIISEYLLDKLLDESLIDKDKGKEFL
ITTGVINKTKTSPLWVNSVIISDVPHLFSNAREQWKCDGVFVSHIIDIKDNNINVSDSTLIWLHLENYHSDIVKRIYSKF
ESNPGVAFIQSYYLKESFRIDGVYSPDLGTPCHFCHIERWLSREEKSFRRNEMSWANLLQLLKKYQMTLPALALGESERG
FSYHLIKRRLQELTGTSLVKSHVDNFMSSVSADLITCILCKEPVIHWQACSCLER
;
1,2
3 'polypeptide(L)'
;MSKHELSLVEVTHYTDPEVLAIVKDFHVRGNFASLPEFAERTFVSAVPLAHLEKFENKEVLFRPGFSSVINISSSHNFSR
ERLPSGINFCDKNKLSIRTIEKLLVNAFSSPDPGSVRRPYPSGGALYPIEVFLCRLSENTENWQAGTNVYHYLPLSQALE
PVATCNTQSLYRSLSGGDSERLGKPHFALVYCIIFEKALFKYRYRGYRMALMETGSMYQNAVLVADQIGLKNRVWAGYTD
SYVAKTMNLDQRTVAPLIVQFFGDVNDDKCLQ
;
C
4 'polypeptide(L)'
;MINVYSNLMSAWPATMAMSPKLNRNMPTFSQIWDYERITPASAAGETLKSIQGAIGEYFERRHFFNEIVTGGQKTLYEMM
PPSAAKAFTEAFFQISSLTRDEIITHKFKTVRAFNLFSLEQQEIPAVIIALDNITAADDLKFYPDRDTCGCSFHGSLNDA
IEGSLCEFMERQSLLLYWLQGKANTEISSEIVTGINHIDEILLALRSEGDIRIFDITLPGAPGHAVLTLYGTKNKISRIK
YSTGLSYANSLKKALCKSVVELWQSYICLHNFLIGGYTDDDIIDSYQRHFMSCNKYESFTDLCENTVLLSDDVKLTLEEN
ITSDTNLLNYLQQISDNIFVYYARERVSNSLVWYTKIVSPDFFLHMNNSGAININNKIYHTGDGIKVRESKMVPFP
;
D
#
# COMPACT_ATOMS: atom_id res chain seq x y z
N LYS A 12 25.86 -15.66 0.04
CA LYS A 12 26.55 -16.89 0.51
C LYS A 12 27.39 -16.57 1.74
N ALA A 13 27.65 -17.59 2.57
CA ALA A 13 28.61 -17.48 3.68
C ALA A 13 29.98 -17.28 3.05
N SER A 14 30.80 -16.42 3.66
CA SER A 14 32.14 -16.23 3.14
C SER A 14 33.18 -16.31 4.26
N GLU A 15 34.38 -16.64 3.81
CA GLU A 15 35.62 -16.45 4.54
C GLU A 15 35.86 -15.03 5.10
N PHE A 16 35.16 -14.02 4.58
CA PHE A 16 35.51 -12.63 4.90
C PHE A 16 34.73 -12.04 6.08
N GLY A 17 33.60 -12.66 6.42
CA GLY A 17 32.74 -12.15 7.49
C GLY A 17 31.39 -12.82 7.51
N VAL A 18 30.54 -12.41 8.42
CA VAL A 18 29.20 -12.94 8.50
C VAL A 18 28.21 -11.87 8.02
N VAL A 19 27.36 -12.23 7.07
CA VAL A 19 26.38 -11.28 6.53
C VAL A 19 25.25 -11.18 7.57
N LEU A 20 25.05 -9.97 8.08
CA LEU A 20 24.07 -9.66 9.12
C LEU A 20 22.72 -9.27 8.57
N SER A 21 22.71 -8.45 7.53
N SER A 21 22.72 -8.44 7.53
CA SER A 21 21.46 -7.96 6.96
CA SER A 21 21.50 -7.88 6.95
C SER A 21 21.57 -7.79 5.46
C SER A 21 21.59 -7.84 5.44
N VAL A 22 20.44 -8.00 4.79
CA VAL A 22 20.32 -7.84 3.35
C VAL A 22 18.98 -7.12 3.08
N ASP A 23 19.04 -6.10 2.22
CA ASP A 23 17.84 -5.49 1.63
C ASP A 23 17.52 -6.29 0.35
N ALA A 24 16.61 -7.22 0.48
CA ALA A 24 16.29 -8.20 -0.57
C ALA A 24 15.77 -7.55 -1.83
N LEU A 25 14.97 -6.50 -1.68
CA LEU A 25 14.46 -5.76 -2.85
C LEU A 25 15.61 -5.19 -3.67
N LYS A 26 16.53 -4.49 -3.01
CA LYS A 26 17.69 -3.89 -3.67
C LYS A 26 18.72 -4.91 -4.16
N LEU A 27 18.91 -5.99 -3.41
CA LEU A 27 19.73 -7.11 -3.89
C LEU A 27 19.18 -7.67 -5.19
N SER A 28 17.87 -7.90 -5.24
CA SER A 28 17.24 -8.42 -6.48
C SER A 28 17.45 -7.52 -7.72
N ARG A 29 17.66 -6.22 -7.48
CA ARG A 29 17.86 -5.25 -8.55
C ARG A 29 19.33 -4.86 -8.83
N GLN A 30 20.31 -5.41 -8.11
CA GLN A 30 21.69 -4.86 -8.12
C GLN A 30 22.49 -5.10 -9.41
N GLY A 46 14.99 -9.12 -12.89
CA GLY A 46 15.20 -8.23 -11.73
C GLY A 46 14.18 -7.11 -11.70
N MET B 12 34.19 -1.32 -16.49
CA MET B 12 34.44 -0.20 -15.53
C MET B 12 33.94 -0.65 -14.16
N ILE B 13 34.75 -0.44 -13.13
CA ILE B 13 34.37 -0.76 -11.76
C ILE B 13 33.95 0.50 -11.04
N ASN B 14 32.72 0.53 -10.56
CA ASN B 14 32.13 1.67 -9.82
C ASN B 14 32.12 1.33 -8.36
N ILE B 15 32.61 2.24 -7.52
CA ILE B 15 32.53 2.09 -6.05
C ILE B 15 31.23 2.73 -5.58
N LEU B 16 30.42 1.95 -4.86
CA LEU B 16 29.07 2.35 -4.47
C LEU B 16 29.12 2.95 -3.07
N PRO B 17 28.03 3.55 -2.60
CA PRO B 17 28.08 4.10 -1.23
C PRO B 17 28.18 3.03 -0.15
N PHE B 18 29.11 3.21 0.78
CA PHE B 18 29.22 2.32 1.93
C PHE B 18 30.01 2.96 3.04
N GLU B 19 29.91 2.41 4.24
CA GLU B 19 30.83 2.73 5.32
C GLU B 19 31.42 1.45 5.89
N ILE B 20 32.65 1.57 6.39
CA ILE B 20 33.36 0.49 7.05
C ILE B 20 33.77 1.06 8.39
N ILE B 21 33.19 0.57 9.48
CA ILE B 21 33.40 1.15 10.82
C ILE B 21 34.01 0.13 11.78
N SER B 22 34.76 0.62 12.76
CA SER B 22 35.53 -0.24 13.67
C SER B 22 35.52 0.29 15.08
N ARG B 23 35.43 -0.63 16.04
CA ARG B 23 35.58 -0.32 17.44
C ARG B 23 35.97 -1.59 18.18
N ASN B 24 37.00 -1.50 19.04
CA ASN B 24 37.61 -2.65 19.72
C ASN B 24 38.10 -3.63 18.64
N THR B 25 37.67 -4.88 18.68
CA THR B 25 38.03 -5.84 17.62
C THR B 25 36.89 -6.06 16.62
N LYS B 26 35.88 -5.19 16.63
CA LYS B 26 34.69 -5.33 15.79
C LYS B 26 34.77 -4.40 14.58
N THR B 27 34.45 -4.94 13.40
CA THR B 27 34.46 -4.18 12.15
C THR B 27 33.22 -4.52 11.35
N LEU B 28 32.48 -3.49 10.96
CA LEU B 28 31.23 -3.69 10.19
C LEU B 28 31.28 -2.89 8.88
N LEU B 29 30.87 -3.57 7.82
CA LEU B 29 30.64 -3.02 6.50
C LEU B 29 29.15 -2.78 6.40
N ILE B 30 28.76 -1.58 5.99
CA ILE B 30 27.36 -1.27 5.74
C ILE B 30 27.25 -0.62 4.36
N THR B 31 26.47 -1.25 3.48
CA THR B 31 26.18 -0.71 2.18
C THR B 31 24.67 -0.50 2.02
N TYR B 32 24.27 -0.04 0.84
CA TYR B 32 22.84 0.02 0.52
C TYR B 32 22.14 -1.35 0.41
N ILE B 33 22.92 -2.37 0.11
CA ILE B 33 22.46 -3.72 -0.13
C ILE B 33 22.54 -4.60 1.12
N SER B 34 23.63 -4.51 1.87
CA SER B 34 23.84 -5.44 2.96
C SER B 34 24.68 -4.86 4.08
N SER B 35 24.76 -5.63 5.15
N SER B 35 24.75 -5.61 5.18
CA SER B 35 25.68 -5.35 6.23
CA SER B 35 25.72 -5.32 6.21
C SER B 35 26.45 -6.63 6.58
C SER B 35 26.43 -6.61 6.60
N VAL B 36 27.74 -6.49 6.86
CA VAL B 36 28.62 -7.66 7.09
C VAL B 36 29.50 -7.38 8.31
N ASP B 37 29.53 -8.34 9.23
CA ASP B 37 30.50 -8.34 10.32
C ASP B 37 31.81 -8.89 9.72
N ILE B 38 32.79 -8.03 9.54
CA ILE B 38 34.03 -8.39 8.80
C ILE B 38 35.00 -9.07 9.75
N THR B 39 35.40 -10.29 9.45
CA THR B 39 36.34 -11.01 10.34
C THR B 39 37.72 -11.26 9.71
N HIS B 40 37.98 -10.74 8.53
CA HIS B 40 39.22 -10.94 7.81
C HIS B 40 39.95 -9.57 7.72
N GLU B 41 41.17 -9.49 8.27
CA GLU B 41 41.97 -8.25 8.28
C GLU B 41 42.29 -7.71 6.89
N GLY B 42 42.70 -8.59 5.98
CA GLY B 42 42.94 -8.20 4.60
C GLY B 42 41.75 -7.55 3.90
N MET B 43 40.55 -8.09 4.10
CA MET B 43 39.38 -7.51 3.46
C MET B 43 39.05 -6.19 4.14
N LYS B 44 39.30 -6.06 5.45
CA LYS B 44 39.10 -4.75 6.12
C LYS B 44 39.97 -3.69 5.43
N LYS B 45 41.24 -4.02 5.25
CA LYS B 45 42.19 -3.15 4.54
C LYS B 45 41.73 -2.74 3.15
N VAL B 46 41.24 -3.71 2.37
CA VAL B 46 40.72 -3.45 1.04
C VAL B 46 39.55 -2.46 1.09
N LEU B 47 38.58 -2.74 1.96
CA LEU B 47 37.43 -1.90 2.10
C LEU B 47 37.80 -0.47 2.53
N GLU B 48 38.72 -0.32 3.47
CA GLU B 48 39.21 1.01 3.85
C GLU B 48 39.84 1.80 2.68
N SER B 49 40.64 1.13 1.86
N SER B 49 40.62 1.11 1.87
CA SER B 49 41.24 1.79 0.68
CA SER B 49 41.26 1.69 0.70
C SER B 49 40.19 2.15 -0.35
C SER B 49 40.23 2.11 -0.36
N LEU B 50 39.25 1.25 -0.61
CA LEU B 50 38.15 1.56 -1.50
C LEU B 50 37.32 2.74 -0.99
N ARG B 51 37.16 2.83 0.33
CA ARG B 51 36.36 3.93 0.88
C ARG B 51 37.00 5.31 0.70
N SER B 52 38.32 5.37 0.72
CA SER B 52 39.00 6.63 0.47
C SER B 52 39.12 7.03 -1.01
N LYS B 53 38.83 6.13 -1.96
N LYS B 53 39.02 6.08 -1.94
CA LYS B 53 38.75 6.48 -3.41
CA LYS B 53 39.13 6.37 -3.37
C LYS B 53 37.39 6.99 -3.88
C LYS B 53 37.77 6.82 -3.86
N GLN B 54 37.42 7.71 -5.00
N GLN B 54 36.77 5.97 -3.67
CA GLN B 54 36.25 8.40 -5.54
CA GLN B 54 35.42 6.28 -4.14
C GLN B 54 35.68 7.75 -6.78
C GLN B 54 35.44 6.43 -5.65
N GLY B 55 34.54 7.08 -6.61
N GLY B 55 34.25 6.55 -6.24
CA GLY B 55 33.79 6.54 -7.73
CA GLY B 55 34.10 6.79 -7.67
C GLY B 55 34.50 5.40 -8.44
C GLY B 55 34.23 5.60 -8.60
N ILE B 56 35.19 5.69 -9.52
CA ILE B 56 35.59 4.62 -10.46
C ILE B 56 37.01 4.17 -10.07
N ILE B 57 37.27 2.86 -10.15
CA ILE B 57 38.64 2.35 -9.91
C ILE B 57 39.00 1.41 -11.03
N SER B 58 40.24 1.51 -11.51
CA SER B 58 40.73 0.60 -12.51
C SER B 58 40.73 -0.82 -11.93
N GLU B 59 40.26 -1.78 -12.72
CA GLU B 59 40.32 -3.18 -12.30
C GLU B 59 41.73 -3.64 -11.98
N TYR B 60 42.73 -3.09 -12.66
N TYR B 60 42.74 -3.07 -12.64
CA TYR B 60 44.12 -3.37 -12.35
CA TYR B 60 44.13 -3.37 -12.32
C TYR B 60 44.48 -3.00 -10.91
C TYR B 60 44.49 -3.00 -10.88
N LEU B 61 44.04 -1.82 -10.44
CA LEU B 61 44.32 -1.39 -9.05
C LEU B 61 43.50 -2.22 -8.05
N LEU B 62 42.28 -2.59 -8.42
CA LEU B 62 41.46 -3.43 -7.53
C LEU B 62 42.19 -4.76 -7.31
N ASP B 63 42.61 -5.38 -8.41
CA ASP B 63 43.41 -6.62 -8.36
C ASP B 63 44.64 -6.49 -7.48
N LYS B 64 45.38 -5.40 -7.67
CA LYS B 64 46.57 -5.07 -6.88
C LYS B 64 46.21 -4.96 -5.38
N LEU B 65 45.14 -4.24 -5.09
CA LEU B 65 44.63 -4.11 -3.72
C LEU B 65 44.36 -5.47 -3.07
N LEU B 66 43.66 -6.32 -3.82
CA LEU B 66 43.35 -7.68 -3.37
C LEU B 66 44.61 -8.54 -3.20
N ASP B 67 45.53 -8.48 -4.17
CA ASP B 67 46.84 -9.18 -4.07
C ASP B 67 47.60 -8.77 -2.83
N GLU B 68 47.63 -7.47 -2.53
CA GLU B 68 48.35 -6.95 -1.34
C GLU B 68 47.80 -7.46 -0.01
N SER B 69 46.49 -7.69 0.05
CA SER B 69 45.84 -8.28 1.21
C SER B 69 45.73 -9.80 1.13
N LEU B 70 46.46 -10.43 0.18
CA LEU B 70 46.46 -11.88 -0.02
C LEU B 70 45.07 -12.53 -0.16
N ILE B 71 44.20 -11.87 -0.91
CA ILE B 71 42.83 -12.34 -1.15
C ILE B 71 42.75 -12.81 -2.59
N ASP B 72 42.15 -13.98 -2.81
CA ASP B 72 41.86 -14.45 -4.17
C ASP B 72 41.04 -13.38 -4.91
N LYS B 73 41.50 -13.00 -6.12
CA LYS B 73 40.83 -11.91 -6.86
C LYS B 73 39.37 -12.17 -7.18
N ASP B 74 39.07 -13.35 -7.73
CA ASP B 74 37.69 -13.77 -8.05
C ASP B 74 36.78 -13.80 -6.81
N LYS B 75 37.25 -14.43 -5.73
CA LYS B 75 36.43 -14.53 -4.51
C LYS B 75 36.24 -13.15 -3.87
N GLY B 76 37.31 -12.35 -3.83
CA GLY B 76 37.23 -10.97 -3.34
C GLY B 76 36.26 -10.09 -4.13
N LYS B 77 36.35 -10.16 -5.46
CA LYS B 77 35.46 -9.40 -6.32
C LYS B 77 34.00 -9.78 -6.16
N GLU B 78 33.74 -11.09 -6.12
CA GLU B 78 32.40 -11.63 -5.89
C GLU B 78 31.80 -11.13 -4.57
N PHE B 79 32.61 -11.09 -3.53
CA PHE B 79 32.20 -10.55 -2.23
C PHE B 79 31.84 -9.06 -2.35
N LEU B 80 32.72 -8.30 -2.99
CA LEU B 80 32.54 -6.85 -3.12
C LEU B 80 31.30 -6.52 -3.95
N ILE B 81 31.04 -7.31 -4.99
CA ILE B 81 29.90 -7.10 -5.86
C ILE B 81 28.60 -7.50 -5.15
N THR B 82 28.59 -8.69 -4.55
CA THR B 82 27.35 -9.23 -3.97
C THR B 82 26.91 -8.42 -2.76
N THR B 83 27.85 -7.91 -1.97
CA THR B 83 27.52 -7.09 -0.80
C THR B 83 27.14 -5.64 -1.08
N GLY B 84 27.37 -5.14 -2.31
CA GLY B 84 27.02 -3.77 -2.71
C GLY B 84 28.13 -2.72 -2.51
N VAL B 85 29.39 -3.16 -2.51
CA VAL B 85 30.52 -2.26 -2.38
C VAL B 85 30.92 -1.72 -3.76
N ILE B 86 30.92 -2.59 -4.76
CA ILE B 86 31.23 -2.22 -6.14
C ILE B 86 30.21 -2.81 -7.11
N ASN B 87 30.14 -2.26 -8.33
CA ASN B 87 29.58 -3.03 -9.43
C ASN B 87 30.39 -2.86 -10.68
N LYS B 88 30.17 -3.74 -11.65
CA LYS B 88 30.88 -3.71 -12.90
C LYS B 88 29.91 -3.35 -14.03
N THR B 89 30.17 -2.27 -14.75
CA THR B 89 29.32 -1.90 -15.89
C THR B 89 30.07 -2.10 -17.22
N LYS B 90 29.30 -2.37 -18.26
CA LYS B 90 29.86 -2.71 -19.58
C LYS B 90 29.57 -1.68 -20.68
N THR B 91 28.56 -0.84 -20.49
CA THR B 91 27.97 -0.10 -21.59
C THR B 91 28.71 1.19 -21.97
N SER B 92 29.00 1.36 -23.26
CA SER B 92 29.54 2.62 -23.79
C SER B 92 28.43 3.67 -23.71
N PRO B 93 28.65 4.79 -22.97
CA PRO B 93 27.55 5.70 -22.66
C PRO B 93 27.28 6.73 -23.79
N LEU B 94 26.12 7.36 -23.80
CA LEU B 94 25.69 8.17 -24.95
C LEU B 94 26.41 9.51 -25.07
N TRP B 95 26.64 10.15 -23.93
CA TRP B 95 27.41 11.36 -23.85
C TRP B 95 28.68 11.02 -23.11
N VAL B 96 29.80 11.29 -23.76
CA VAL B 96 31.12 10.92 -23.24
C VAL B 96 31.60 11.90 -22.18
N ASN B 97 30.94 13.05 -22.09
CA ASN B 97 31.30 14.09 -21.18
C ASN B 97 30.11 15.02 -20.93
N SER B 98 30.09 15.67 -19.77
N SER B 98 30.07 15.67 -19.77
CA SER B 98 29.17 16.75 -19.46
CA SER B 98 29.15 16.78 -19.54
C SER B 98 29.91 18.08 -19.19
C SER B 98 29.87 18.07 -19.15
N VAL B 99 29.25 19.20 -19.49
CA VAL B 99 29.72 20.51 -19.09
C VAL B 99 28.55 21.22 -18.43
N ILE B 100 28.83 22.06 -17.45
CA ILE B 100 27.83 22.90 -16.82
C ILE B 100 28.11 24.33 -17.22
N ILE B 101 27.13 24.98 -17.86
CA ILE B 101 27.21 26.39 -18.24
C ILE B 101 26.25 27.13 -17.33
N SER B 102 26.72 28.19 -16.69
CA SER B 102 25.87 28.86 -15.69
C SER B 102 26.18 30.31 -15.49
N ASP B 103 25.18 31.05 -15.04
CA ASP B 103 25.37 32.42 -14.55
C ASP B 103 25.81 32.46 -13.11
N VAL B 104 25.81 31.32 -12.42
CA VAL B 104 26.38 31.22 -11.05
C VAL B 104 27.43 30.10 -11.00
N PRO B 105 28.50 30.19 -11.82
CA PRO B 105 29.48 29.11 -11.83
C PRO B 105 30.13 28.82 -10.50
N HIS B 106 30.29 29.84 -9.65
CA HIS B 106 30.79 29.66 -8.27
C HIS B 106 30.01 28.62 -7.41
N LEU B 107 28.70 28.45 -7.65
CA LEU B 107 27.91 27.40 -6.99
C LEU B 107 28.46 25.99 -7.28
N PHE B 108 29.18 25.85 -8.39
CA PHE B 108 29.70 24.57 -8.84
C PHE B 108 31.21 24.46 -8.73
N SER B 109 31.85 25.34 -7.98
CA SER B 109 33.30 25.40 -7.95
C SER B 109 33.96 24.15 -7.35
N ASN B 110 33.22 23.34 -6.59
CA ASN B 110 33.74 22.04 -6.13
C ASN B 110 33.09 20.82 -6.81
N ALA B 111 32.19 21.06 -7.77
CA ALA B 111 31.32 20.00 -8.31
C ALA B 111 32.10 18.97 -9.12
N ARG B 112 33.04 19.43 -9.93
CA ARG B 112 33.84 18.51 -10.73
C ARG B 112 34.54 17.47 -9.87
N GLU B 113 35.14 17.89 -8.76
N GLU B 113 35.14 17.93 -8.77
CA GLU B 113 35.91 16.95 -7.94
CA GLU B 113 35.88 17.08 -7.87
C GLU B 113 35.01 16.11 -7.05
C GLU B 113 34.97 16.13 -7.12
N GLN B 114 34.00 16.72 -6.42
CA GLN B 114 33.03 15.98 -5.58
C GLN B 114 32.26 14.92 -6.33
N TRP B 115 31.77 15.29 -7.52
CA TRP B 115 30.81 14.44 -8.21
C TRP B 115 31.44 13.25 -8.91
N LYS B 116 32.78 13.22 -9.01
CA LYS B 116 33.49 12.00 -9.44
C LYS B 116 33.19 10.81 -8.55
N CYS B 117 32.95 11.02 -7.27
N CYS B 117 32.96 11.05 -7.26
CA CYS B 117 32.63 9.90 -6.39
CA CYS B 117 32.55 10.01 -6.32
C CYS B 117 31.19 9.40 -6.55
C CYS B 117 31.27 9.31 -6.74
N ASP B 118 30.39 10.07 -7.39
CA ASP B 118 29.10 9.59 -7.86
C ASP B 118 29.22 9.11 -9.31
N GLY B 119 30.45 8.99 -9.83
CA GLY B 119 30.69 8.54 -11.17
C GLY B 119 30.32 9.52 -12.27
N VAL B 120 30.18 10.79 -11.91
CA VAL B 120 29.80 11.84 -12.85
C VAL B 120 31.04 12.58 -13.36
N PHE B 121 31.24 12.57 -14.68
CA PHE B 121 32.36 13.27 -15.35
C PHE B 121 31.86 14.62 -15.88
N VAL B 122 32.18 15.70 -15.17
CA VAL B 122 31.93 17.06 -15.64
C VAL B 122 33.29 17.63 -15.98
N SER B 123 33.53 17.93 -17.25
CA SER B 123 34.85 18.39 -17.69
C SER B 123 35.10 19.86 -17.37
N HIS B 124 34.07 20.69 -17.45
CA HIS B 124 34.25 22.13 -17.29
C HIS B 124 33.01 22.75 -16.69
N ILE B 125 33.22 23.74 -15.82
CA ILE B 125 32.20 24.69 -15.39
C ILE B 125 32.43 25.97 -16.19
N ILE B 126 31.45 26.37 -16.97
CA ILE B 126 31.60 27.52 -17.86
C ILE B 126 30.70 28.68 -17.41
N ASP B 127 31.29 29.86 -17.29
CA ASP B 127 30.53 31.06 -16.99
C ASP B 127 29.83 31.50 -18.28
N ILE B 128 28.52 31.71 -18.22
CA ILE B 128 27.78 32.21 -19.38
C ILE B 128 28.37 33.54 -19.96
N LYS B 129 28.99 34.36 -19.12
CA LYS B 129 29.67 35.60 -19.57
C LYS B 129 30.86 35.40 -20.54
N ASP B 130 31.43 34.20 -20.57
CA ASP B 130 32.52 33.88 -21.49
C ASP B 130 32.12 34.01 -22.96
N ASN B 131 32.89 34.78 -23.72
CA ASN B 131 32.87 34.72 -25.18
C ASN B 131 33.71 33.51 -25.60
N ASN B 132 33.50 33.02 -26.82
CA ASN B 132 34.26 31.87 -27.36
C ASN B 132 34.19 30.63 -26.44
N ILE B 133 32.97 30.21 -26.14
CA ILE B 133 32.72 28.96 -25.41
C ILE B 133 32.80 27.82 -26.44
N ASN B 134 33.69 26.85 -26.25
CA ASN B 134 33.76 25.64 -27.10
C ASN B 134 33.27 24.39 -26.34
N VAL B 135 32.59 23.47 -27.05
CA VAL B 135 32.21 22.15 -26.53
C VAL B 135 32.51 21.03 -27.55
N SER B 136 33.06 19.92 -27.08
CA SER B 136 33.36 18.75 -27.94
C SER B 136 32.15 17.92 -28.39
N ASP B 137 32.41 16.96 -29.30
CA ASP B 137 31.45 15.93 -29.74
C ASP B 137 30.85 15.10 -28.57
N SER B 138 29.58 14.74 -28.71
CA SER B 138 28.90 13.85 -27.79
C SER B 138 28.95 14.34 -26.34
N THR B 139 28.72 15.63 -26.13
CA THR B 139 28.71 16.23 -24.81
C THR B 139 27.30 16.58 -24.39
N LEU B 140 26.96 16.26 -23.14
CA LEU B 140 25.73 16.77 -22.51
C LEU B 140 26.01 18.17 -21.93
N ILE B 141 25.26 19.16 -22.39
CA ILE B 141 25.41 20.51 -21.90
C ILE B 141 24.28 20.81 -20.90
N TRP B 142 24.67 21.02 -19.64
CA TRP B 142 23.74 21.45 -18.61
C TRP B 142 23.81 22.97 -18.48
N LEU B 143 22.71 23.66 -18.79
CA LEU B 143 22.64 25.10 -18.63
C LEU B 143 21.80 25.45 -17.42
N HIS B 144 22.41 26.06 -16.41
CA HIS B 144 21.71 26.37 -15.16
C HIS B 144 21.70 27.88 -15.01
N LEU B 145 20.49 28.46 -14.89
CA LEU B 145 20.30 29.90 -14.74
C LEU B 145 19.51 30.27 -13.48
N GLU B 146 20.12 31.07 -12.60
CA GLU B 146 19.39 31.78 -11.55
C GLU B 146 18.66 33.00 -12.09
N ASN B 147 19.31 33.74 -12.97
CA ASN B 147 18.70 34.91 -13.58
C ASN B 147 18.36 34.56 -15.02
N TYR B 148 17.13 34.09 -15.21
CA TYR B 148 16.70 33.55 -16.49
C TYR B 148 16.48 34.66 -17.53
N HIS B 149 16.90 34.42 -18.75
CA HIS B 149 16.43 35.18 -19.91
C HIS B 149 16.45 34.19 -21.06
N SER B 150 15.38 34.17 -21.86
CA SER B 150 15.28 33.27 -23.01
C SER B 150 16.38 33.43 -24.06
N ASP B 151 16.87 34.65 -24.25
CA ASP B 151 18.02 34.92 -25.13
C ASP B 151 19.27 34.11 -24.80
N ILE B 152 19.49 33.80 -23.52
CA ILE B 152 20.65 32.99 -23.10
C ILE B 152 20.52 31.58 -23.65
N VAL B 153 19.33 31.00 -23.49
CA VAL B 153 19.07 29.67 -24.02
C VAL B 153 19.21 29.67 -25.53
N LYS B 154 18.70 30.70 -26.18
CA LYS B 154 18.77 30.80 -27.63
C LYS B 154 20.21 30.88 -28.15
N ARG B 155 21.05 31.66 -27.46
CA ARG B 155 22.48 31.74 -27.78
C ARG B 155 23.18 30.37 -27.69
N ILE B 156 22.92 29.63 -26.61
CA ILE B 156 23.53 28.31 -26.40
C ILE B 156 23.07 27.31 -27.47
N TYR B 157 21.77 27.30 -27.77
CA TYR B 157 21.26 26.46 -28.85
C TYR B 157 21.89 26.85 -30.20
N SER B 158 21.97 28.14 -30.48
CA SER B 158 22.49 28.64 -31.72
C SER B 158 23.95 28.20 -31.93
N LYS B 159 24.74 28.26 -30.88
CA LYS B 159 26.13 27.81 -30.93
C LYS B 159 26.32 26.29 -31.03
N PHE B 160 25.53 25.51 -30.29
CA PHE B 160 25.84 24.07 -30.10
C PHE B 160 24.91 23.01 -30.68
N GLU B 161 23.70 23.39 -31.15
CA GLU B 161 22.73 22.41 -31.67
C GLU B 161 23.23 21.50 -32.77
N SER B 162 24.16 22.02 -33.57
CA SER B 162 24.78 21.27 -34.65
C SER B 162 25.95 20.37 -34.22
N ASN B 163 26.44 20.51 -32.98
CA ASN B 163 27.55 19.65 -32.52
C ASN B 163 27.09 18.20 -32.59
N PRO B 164 27.85 17.35 -33.29
CA PRO B 164 27.54 15.91 -33.35
C PRO B 164 27.32 15.28 -31.97
N GLY B 165 26.19 14.61 -31.79
CA GLY B 165 25.88 13.90 -30.55
C GLY B 165 25.55 14.75 -29.34
N VAL B 166 25.36 16.05 -29.52
CA VAL B 166 25.10 16.96 -28.40
C VAL B 166 23.73 16.66 -27.79
N ALA B 167 23.57 17.01 -26.52
CA ALA B 167 22.26 17.12 -25.90
C ALA B 167 22.34 18.23 -24.86
N PHE B 168 21.19 18.75 -24.46
CA PHE B 168 21.08 19.84 -23.52
C PHE B 168 20.12 19.48 -22.42
N ILE B 169 20.42 20.01 -21.22
CA ILE B 169 19.46 20.06 -20.11
C ILE B 169 19.51 21.49 -19.66
N GLN B 170 18.35 22.04 -19.31
CA GLN B 170 18.24 23.39 -18.82
C GLN B 170 17.58 23.37 -17.48
N SER B 171 18.11 24.18 -16.56
CA SER B 171 17.49 24.32 -15.24
C SER B 171 17.40 25.78 -14.82
N TYR B 172 16.34 26.11 -14.11
CA TYR B 172 15.91 27.50 -13.88
C TYR B 172 14.77 27.47 -12.86
N TYR B 173 14.37 28.64 -12.40
CA TYR B 173 13.38 28.79 -11.36
C TYR B 173 12.15 29.48 -11.93
N LEU B 174 10.99 29.02 -11.50
CA LEU B 174 9.73 29.61 -11.94
C LEU B 174 8.82 29.57 -10.75
N LYS B 175 8.41 30.76 -10.32
CA LYS B 175 7.56 30.99 -9.15
C LYS B 175 8.19 30.35 -7.90
N GLU B 176 7.61 29.30 -7.33
CA GLU B 176 8.20 28.64 -6.16
C GLU B 176 8.82 27.29 -6.54
N SER B 177 9.11 27.07 -7.83
CA SER B 177 9.66 25.81 -8.27
C SER B 177 11.05 25.92 -8.86
N PHE B 178 11.76 24.82 -8.76
CA PHE B 178 13.00 24.57 -9.51
C PHE B 178 12.60 23.59 -10.63
N ARG B 179 12.91 23.97 -11.86
CA ARG B 179 12.59 23.16 -13.04
C ARG B 179 13.83 22.60 -13.68
N ILE B 180 13.80 21.32 -13.99
CA ILE B 180 14.84 20.72 -14.79
C ILE B 180 14.12 20.19 -16.02
N ASP B 181 14.46 20.72 -17.20
CA ASP B 181 13.84 20.26 -18.40
C ASP B 181 14.24 18.83 -18.72
N GLY B 182 13.41 18.15 -19.49
CA GLY B 182 13.81 16.90 -20.11
C GLY B 182 15.04 17.11 -20.98
N VAL B 183 15.68 16.01 -21.33
CA VAL B 183 16.88 16.09 -22.14
C VAL B 183 16.45 16.47 -23.54
N TYR B 184 17.01 17.57 -24.04
CA TYR B 184 16.91 17.98 -25.43
C TYR B 184 18.05 17.43 -26.29
N SER B 185 17.73 16.45 -27.11
CA SER B 185 18.68 15.79 -28.00
C SER B 185 18.17 15.93 -29.43
N PRO B 186 18.85 16.76 -30.25
CA PRO B 186 18.41 16.82 -31.64
C PRO B 186 18.46 15.47 -32.34
N ASP B 187 19.49 14.68 -32.11
CA ASP B 187 19.60 13.34 -32.67
C ASP B 187 18.36 12.49 -32.34
N LEU B 188 17.88 12.55 -31.11
CA LEU B 188 16.72 11.74 -30.65
C LEU B 188 15.32 12.36 -30.86
N GLY B 189 15.30 13.62 -31.28
CA GLY B 189 14.08 14.35 -31.62
C GLY B 189 13.19 14.76 -30.44
N THR B 190 13.80 14.93 -29.25
CA THR B 190 13.05 15.25 -28.03
C THR B 190 12.83 16.77 -27.87
N PRO B 191 11.79 17.16 -27.09
CA PRO B 191 11.45 18.59 -26.97
C PRO B 191 12.49 19.42 -26.28
N CYS B 192 12.62 20.65 -26.77
CA CYS B 192 13.59 21.60 -26.32
C CYS B 192 13.09 22.39 -25.11
N HIS B 193 13.93 23.27 -24.59
CA HIS B 193 13.54 24.16 -23.50
C HIS B 193 12.25 24.95 -23.72
N PHE B 194 12.09 25.47 -24.94
CA PHE B 194 10.92 26.33 -25.24
C PHE B 194 9.63 25.50 -25.22
N CYS B 195 9.73 24.23 -25.63
CA CYS B 195 8.63 23.30 -25.46
C CYS B 195 8.21 23.15 -23.99
N HIS B 196 9.20 23.14 -23.09
CA HIS B 196 8.97 23.00 -21.65
C HIS B 196 8.38 24.25 -21.03
N ILE B 197 9.02 25.38 -21.28
N ILE B 197 9.03 25.39 -21.24
CA ILE B 197 8.65 26.62 -20.59
CA ILE B 197 8.62 26.62 -20.54
C ILE B 197 7.22 27.06 -20.99
C ILE B 197 7.21 27.05 -20.98
N GLU B 198 6.84 26.80 -22.24
CA GLU B 198 5.46 27.05 -22.70
C GLU B 198 4.43 26.12 -22.03
N ARG B 199 4.79 24.87 -21.83
CA ARG B 199 3.95 23.95 -21.05
C ARG B 199 3.71 24.49 -19.62
N TRP B 200 4.76 24.95 -18.95
CA TRP B 200 4.62 25.45 -17.57
C TRP B 200 3.90 26.81 -17.52
N LEU B 201 4.19 27.70 -18.46
CA LEU B 201 3.50 29.00 -18.49
C LEU B 201 1.99 28.86 -18.73
N SER B 202 1.61 27.93 -19.61
N SER B 202 1.57 27.94 -19.59
CA SER B 202 0.21 27.56 -19.85
CA SER B 202 0.16 27.65 -19.81
C SER B 202 -0.48 27.01 -18.60
C SER B 202 -0.51 27.01 -18.59
N ARG B 203 0.14 26.04 -17.94
CA ARG B 203 -0.39 25.46 -16.69
C ARG B 203 -0.57 26.52 -15.60
N GLU B 204 0.32 27.53 -15.54
CA GLU B 204 0.21 28.59 -14.50
C GLU B 204 -0.90 29.63 -14.76
N GLU B 205 -1.42 29.70 -15.98
CA GLU B 205 -2.50 30.64 -16.28
C GLU B 205 -3.78 30.13 -15.64
N LYS B 206 -4.59 31.02 -15.08
CA LYS B 206 -5.81 30.65 -14.37
C LYS B 206 -7.01 30.61 -15.35
N SER B 207 -6.87 29.81 -16.40
CA SER B 207 -7.84 29.69 -17.48
C SER B 207 -8.69 28.42 -17.39
N PHE B 208 -8.33 27.50 -16.49
CA PHE B 208 -9.00 26.18 -16.34
C PHE B 208 -9.03 25.36 -17.64
N ARG B 209 -8.02 25.59 -18.50
CA ARG B 209 -7.99 25.07 -19.85
C ARG B 209 -6.58 24.52 -20.09
N ARG B 210 -6.48 23.38 -20.74
CA ARG B 210 -5.18 22.89 -21.20
C ARG B 210 -4.67 23.73 -22.38
N ASN B 211 -5.53 23.95 -23.36
CA ASN B 211 -5.19 24.79 -24.52
C ASN B 211 -4.80 26.24 -24.17
N GLU B 212 -3.58 26.63 -24.56
CA GLU B 212 -3.01 27.96 -24.33
C GLU B 212 -3.40 29.04 -25.38
N MET B 213 -3.92 28.64 -26.54
CA MET B 213 -4.12 29.58 -27.65
C MET B 213 -5.46 30.33 -27.61
N SER B 214 -5.38 31.63 -27.84
CA SER B 214 -6.50 32.55 -27.95
C SER B 214 -5.93 33.79 -28.67
N TRP B 215 -6.80 34.73 -29.06
CA TRP B 215 -6.29 35.94 -29.70
C TRP B 215 -5.32 36.74 -28.83
N ALA B 216 -5.51 36.74 -27.51
CA ALA B 216 -4.56 37.43 -26.63
C ALA B 216 -3.17 36.84 -26.77
N ASN B 217 -3.09 35.52 -26.88
CA ASN B 217 -1.80 34.86 -27.05
C ASN B 217 -1.21 35.05 -28.44
N LEU B 218 -2.06 35.02 -29.46
CA LEU B 218 -1.62 35.25 -30.83
C LEU B 218 -1.02 36.65 -31.03
N LEU B 219 -1.64 37.66 -30.44
CA LEU B 219 -1.11 39.02 -30.52
C LEU B 219 0.27 39.14 -29.83
N GLN B 220 0.47 38.44 -28.73
CA GLN B 220 1.75 38.46 -28.04
C GLN B 220 2.85 37.79 -28.89
N LEU B 221 2.46 36.74 -29.63
CA LEU B 221 3.39 36.02 -30.52
C LEU B 221 3.89 36.85 -31.70
N LEU B 222 3.27 38.00 -31.97
CA LEU B 222 3.80 38.98 -32.94
C LEU B 222 5.09 39.68 -32.53
N LYS B 223 5.28 39.88 -31.23
CA LYS B 223 6.47 40.57 -30.73
C LYS B 223 7.64 39.60 -30.79
N LYS B 224 8.85 40.16 -30.77
CA LYS B 224 10.04 39.34 -30.66
C LYS B 224 9.86 38.41 -29.46
N TYR B 225 10.06 37.11 -29.69
CA TYR B 225 9.91 36.10 -28.65
C TYR B 225 11.02 36.30 -27.66
N GLN B 226 10.68 36.83 -26.50
CA GLN B 226 11.66 36.94 -25.42
C GLN B 226 10.96 37.06 -24.08
N MET B 227 11.62 36.55 -23.04
CA MET B 227 11.06 36.67 -21.70
C MET B 227 12.02 36.38 -20.57
N THR B 228 11.63 36.90 -19.42
CA THR B 228 12.19 36.58 -18.13
C THR B 228 11.09 35.85 -17.37
N LEU B 229 11.41 35.34 -16.18
CA LEU B 229 10.45 34.54 -15.40
C LEU B 229 10.41 35.01 -13.96
N PRO B 230 9.19 35.25 -13.41
CA PRO B 230 9.12 35.53 -11.99
C PRO B 230 9.48 34.27 -11.14
N ALA B 231 10.12 34.50 -10.00
CA ALA B 231 10.51 33.44 -9.09
C ALA B 231 10.82 33.97 -7.72
N LEU B 232 10.73 33.12 -6.70
N LEU B 232 10.81 33.07 -6.74
CA LEU B 232 11.05 33.54 -5.33
CA LEU B 232 11.14 33.36 -5.35
C LEU B 232 12.56 33.70 -5.22
C LEU B 232 12.61 33.69 -5.25
N ALA B 233 12.96 34.60 -4.33
CA ALA B 233 14.37 34.88 -4.03
C ALA B 233 15.03 33.64 -3.40
N LEU B 234 16.24 33.33 -3.83
CA LEU B 234 16.91 32.12 -3.43
C LEU B 234 17.79 32.38 -2.22
N GLY B 235 17.79 31.42 -1.29
CA GLY B 235 18.71 31.41 -0.17
C GLY B 235 19.66 30.25 -0.35
N GLU B 236 20.61 30.12 0.59
CA GLU B 236 21.57 29.02 0.58
C GLU B 236 20.87 27.65 0.53
N SER B 237 19.79 27.46 1.28
CA SER B 237 19.18 26.13 1.32
C SER B 237 18.55 25.75 -0.02
N GLU B 238 17.91 26.70 -0.72
CA GLU B 238 17.33 26.43 -2.03
C GLU B 238 18.44 26.05 -3.03
N ARG B 239 19.55 26.76 -2.97
CA ARG B 239 20.70 26.44 -3.82
C ARG B 239 21.26 25.02 -3.55
N GLY B 240 21.31 24.65 -2.26
CA GLY B 240 21.82 23.30 -1.87
C GLY B 240 20.93 22.17 -2.34
N PHE B 241 19.63 22.36 -2.18
CA PHE B 241 18.60 21.45 -2.69
C PHE B 241 18.74 21.29 -4.20
N SER B 242 18.82 22.42 -4.89
CA SER B 242 19.01 22.45 -6.36
C SER B 242 20.27 21.71 -6.78
N TYR B 243 21.37 21.98 -6.06
CA TYR B 243 22.66 21.34 -6.30
C TYR B 243 22.57 19.81 -6.23
N HIS B 244 21.88 19.31 -5.20
CA HIS B 244 21.67 17.88 -5.10
C HIS B 244 20.83 17.30 -6.24
N LEU B 245 19.73 17.97 -6.60
CA LEU B 245 18.92 17.52 -7.73
C LEU B 245 19.65 17.47 -9.07
N ILE B 246 20.50 18.47 -9.31
CA ILE B 246 21.38 18.50 -10.49
C ILE B 246 22.32 17.29 -10.47
N LYS B 247 23.00 17.08 -9.35
CA LYS B 247 23.89 15.95 -9.19
C LYS B 247 23.20 14.62 -9.46
N ARG B 248 22.05 14.41 -8.83
CA ARG B 248 21.34 13.16 -9.00
C ARG B 248 20.82 12.95 -10.40
N ARG B 249 20.41 14.03 -11.05
CA ARG B 249 19.98 13.93 -12.42
C ARG B 249 21.13 13.58 -13.36
N LEU B 250 22.26 14.23 -13.22
CA LEU B 250 23.44 13.89 -14.00
C LEU B 250 23.88 12.47 -13.73
N GLN B 251 23.82 12.07 -12.46
CA GLN B 251 24.14 10.71 -12.06
C GLN B 251 23.26 9.68 -12.76
N GLU B 252 21.94 9.95 -12.80
CA GLU B 252 21.00 9.07 -13.50
C GLU B 252 21.38 8.87 -14.95
N LEU B 253 21.74 9.96 -15.60
CA LEU B 253 21.99 9.99 -17.03
C LEU B 253 23.37 9.49 -17.45
N THR B 254 24.41 9.88 -16.70
CA THR B 254 25.80 9.63 -17.09
C THR B 254 26.68 9.04 -16.00
N GLY B 255 26.19 8.91 -14.77
CA GLY B 255 27.06 8.53 -13.66
C GLY B 255 26.82 7.12 -13.17
N THR B 256 27.20 6.87 -11.94
CA THR B 256 27.01 5.56 -11.32
C THR B 256 25.52 5.38 -11.01
N SER B 257 24.88 4.51 -11.78
CA SER B 257 23.45 4.27 -11.63
C SER B 257 23.21 3.51 -10.33
N LEU B 258 22.42 4.07 -9.43
CA LEU B 258 22.05 3.41 -8.19
C LEU B 258 20.60 2.84 -8.20
N VAL B 259 19.70 3.52 -8.89
CA VAL B 259 18.31 3.09 -9.03
C VAL B 259 18.00 3.24 -10.51
N LYS B 260 17.60 2.17 -11.18
CA LYS B 260 17.21 2.26 -12.59
C LYS B 260 15.90 3.06 -12.77
N SER B 261 15.81 3.77 -13.89
CA SER B 261 14.58 4.47 -14.28
C SER B 261 13.81 3.69 -15.31
N HIS B 262 12.48 3.73 -15.26
CA HIS B 262 11.72 3.10 -16.32
C HIS B 262 11.96 3.86 -17.63
N VAL B 263 11.93 3.14 -18.74
CA VAL B 263 12.20 3.73 -20.04
C VAL B 263 11.17 4.83 -20.43
N ASP B 264 9.94 4.77 -19.88
CA ASP B 264 8.93 5.80 -20.18
C ASP B 264 9.09 7.16 -19.52
N ASN B 265 10.09 7.31 -18.63
N ASN B 265 10.06 7.32 -18.61
CA ASN B 265 10.30 8.58 -17.97
CA ASN B 265 10.30 8.65 -17.98
C ASN B 265 11.76 8.95 -17.73
C ASN B 265 11.78 9.04 -17.85
N PHE B 266 12.70 8.21 -18.33
CA PHE B 266 14.14 8.44 -18.15
C PHE B 266 14.63 9.80 -18.67
N MET B 267 14.11 10.24 -19.81
N MET B 267 14.09 10.20 -19.82
CA MET B 267 14.54 11.54 -20.32
CA MET B 267 14.43 11.45 -20.46
C MET B 267 13.60 12.70 -20.02
C MET B 267 13.67 12.68 -19.94
N SER B 268 12.62 12.47 -19.14
CA SER B 268 11.60 13.47 -18.87
C SER B 268 12.02 14.60 -17.92
N SER B 269 11.22 15.66 -17.91
CA SER B 269 11.43 16.79 -17.03
C SER B 269 11.23 16.39 -15.56
N VAL B 270 11.89 17.12 -14.67
CA VAL B 270 11.79 16.95 -13.23
C VAL B 270 11.56 18.35 -12.66
N SER B 271 10.45 18.53 -11.95
CA SER B 271 10.13 19.81 -11.31
C SER B 271 10.05 19.60 -9.79
N ALA B 272 10.55 20.54 -9.02
CA ALA B 272 10.53 20.45 -7.57
C ALA B 272 9.87 21.69 -6.99
N ASP B 273 8.89 21.51 -6.13
N ASP B 273 8.87 21.52 -6.15
CA ASP B 273 8.34 22.62 -5.38
CA ASP B 273 8.35 22.63 -5.39
C ASP B 273 9.28 22.94 -4.22
C ASP B 273 9.33 22.92 -4.25
N LEU B 274 9.86 24.14 -4.20
CA LEU B 274 10.84 24.51 -3.18
C LEU B 274 10.26 24.68 -1.77
N ILE B 275 8.94 24.81 -1.66
CA ILE B 275 8.26 24.92 -0.37
C ILE B 275 8.03 23.53 0.23
N THR B 276 7.32 22.66 -0.51
CA THR B 276 6.98 21.33 -0.01
C THR B 276 8.07 20.32 -0.23
N CYS B 277 9.04 20.64 -1.09
CA CYS B 277 10.08 19.72 -1.54
C CYS B 277 9.62 18.48 -2.31
N ILE B 278 8.41 18.52 -2.86
N ILE B 278 8.39 18.50 -2.84
CA ILE B 278 7.85 17.42 -3.62
CA ILE B 278 7.89 17.37 -3.61
C ILE B 278 8.29 17.55 -5.07
C ILE B 278 8.32 17.54 -5.05
N LEU B 279 8.70 16.43 -5.66
CA LEU B 279 9.12 16.38 -7.05
C LEU B 279 8.04 15.81 -7.93
N CYS B 280 7.96 16.30 -9.17
N CYS B 280 8.05 16.27 -9.19
CA CYS B 280 7.04 15.77 -10.18
CA CYS B 280 7.18 15.78 -10.25
C CYS B 280 7.75 15.63 -11.50
C CYS B 280 7.99 15.44 -11.49
N LYS B 281 7.80 14.39 -11.98
N LYS B 281 7.86 14.22 -11.97
CA LYS B 281 8.49 14.03 -13.22
CA LYS B 281 8.46 13.84 -13.24
C LYS B 281 7.48 13.74 -14.32
C LYS B 281 7.32 13.89 -14.26
N GLU B 282 7.58 14.47 -15.43
CA GLU B 282 6.52 14.59 -16.43
C GLU B 282 7.10 14.75 -17.83
N PRO B 283 6.66 13.91 -18.80
CA PRO B 283 7.10 14.13 -20.18
C PRO B 283 6.27 15.25 -20.79
N VAL B 284 6.90 16.21 -21.47
CA VAL B 284 6.14 17.27 -22.14
C VAL B 284 6.07 16.98 -23.63
N ILE B 285 5.02 17.45 -24.28
CA ILE B 285 4.89 17.38 -25.73
C ILE B 285 5.68 18.51 -26.40
N HIS B 286 5.98 18.33 -27.67
CA HIS B 286 6.50 19.44 -28.50
C HIS B 286 5.45 20.54 -28.57
N TRP B 287 5.88 21.78 -28.36
CA TRP B 287 4.96 22.89 -28.43
C TRP B 287 4.65 23.16 -29.91
N GLN B 288 3.37 23.30 -30.21
CA GLN B 288 2.93 23.50 -31.59
C GLN B 288 3.63 24.64 -32.33
N ALA B 289 3.94 25.73 -31.61
CA ALA B 289 4.59 26.88 -32.22
C ALA B 289 6.12 26.87 -32.16
N CYS B 290 6.72 25.79 -31.67
CA CYS B 290 8.17 25.70 -31.58
C CYS B 290 8.76 25.16 -32.87
N SER B 291 9.93 25.64 -33.24
CA SER B 291 10.62 25.16 -34.44
C SER B 291 11.76 24.15 -34.16
N CYS B 292 11.90 23.65 -32.92
CA CYS B 292 12.99 22.70 -32.63
C CYS B 292 12.98 21.45 -33.51
N LEU B 293 11.79 20.94 -33.79
N LEU B 293 11.79 20.97 -33.79
CA LEU B 293 11.58 19.78 -34.66
CA LEU B 293 11.57 19.80 -34.59
C LEU B 293 12.03 19.97 -36.09
C LEU B 293 11.96 19.97 -36.08
N GLU B 294 11.95 21.21 -36.56
CA GLU B 294 12.24 21.55 -37.94
C GLU B 294 13.74 21.75 -38.18
N ARG B 295 14.51 21.97 -37.13
CA ARG B 295 15.94 22.24 -37.29
C ARG B 295 16.76 20.99 -37.60
N MET C 12 -8.41 27.15 23.82
CA MET C 12 -8.26 27.08 25.30
C MET C 12 -7.99 25.62 25.75
N ILE C 13 -9.04 24.79 25.69
CA ILE C 13 -8.99 23.39 26.12
C ILE C 13 -9.18 22.43 24.94
N ASN C 14 -8.21 21.56 24.70
CA ASN C 14 -8.39 20.41 23.80
C ASN C 14 -8.93 19.24 24.64
N ILE C 15 -10.03 18.63 24.21
CA ILE C 15 -10.55 17.39 24.79
C ILE C 15 -9.85 16.24 24.05
N LEU C 16 -9.11 15.42 24.78
CA LEU C 16 -8.43 14.30 24.19
C LEU C 16 -9.42 13.15 23.92
N PRO C 17 -9.04 12.21 23.03
CA PRO C 17 -9.92 11.06 22.84
C PRO C 17 -9.92 10.17 24.10
N PHE C 18 -11.09 9.68 24.48
CA PHE C 18 -11.18 8.75 25.62
C PHE C 18 -12.45 7.95 25.49
N GLU C 19 -12.58 6.92 26.33
CA GLU C 19 -13.78 6.11 26.40
C GLU C 19 -14.29 6.02 27.84
N ILE C 20 -15.61 5.94 27.99
CA ILE C 20 -16.24 5.53 29.24
C ILE C 20 -17.08 4.32 28.93
N ILE C 21 -16.98 3.30 29.75
CA ILE C 21 -17.84 2.11 29.61
C ILE C 21 -18.64 2.00 30.91
N SER C 22 -19.95 1.75 30.78
CA SER C 22 -20.82 1.64 31.94
C SER C 22 -21.55 0.30 32.01
N ARG C 23 -21.72 -0.19 33.23
CA ARG C 23 -22.45 -1.43 33.49
C ARG C 23 -23.23 -1.25 34.78
N ASN C 24 -24.55 -1.09 34.64
CA ASN C 24 -25.41 -0.61 35.70
C ASN C 24 -24.81 0.71 36.26
N THR C 25 -24.41 0.71 37.54
CA THR C 25 -23.83 1.89 38.20
C THR C 25 -22.30 1.90 38.20
N LYS C 26 -21.68 0.93 37.53
CA LYS C 26 -20.23 0.87 37.41
C LYS C 26 -19.84 1.66 36.16
N THR C 27 -18.80 2.50 36.28
CA THR C 27 -18.31 3.28 35.15
C THR C 27 -16.80 3.20 35.16
N LEU C 28 -16.21 2.90 34.01
CA LEU C 28 -14.77 2.85 33.85
C LEU C 28 -14.37 3.82 32.72
N LEU C 29 -13.39 4.67 33.03
CA LEU C 29 -12.82 5.66 32.11
C LEU C 29 -11.48 5.14 31.64
N ILE C 30 -11.22 5.21 30.34
CA ILE C 30 -9.91 4.85 29.81
C ILE C 30 -9.47 5.93 28.84
N THR C 31 -8.34 6.55 29.14
CA THR C 31 -7.71 7.57 28.32
C THR C 31 -6.48 6.94 27.68
N TYR C 32 -5.75 7.72 26.90
CA TYR C 32 -4.50 7.23 26.33
C TYR C 32 -3.45 6.81 27.39
N ILE C 33 -3.57 7.32 28.62
CA ILE C 33 -2.59 7.03 29.70
C ILE C 33 -3.14 6.42 31.00
N SER C 34 -4.47 6.37 31.17
CA SER C 34 -5.07 5.95 32.45
C SER C 34 -6.30 5.06 32.26
N SER C 35 -6.59 4.31 33.32
CA SER C 35 -7.84 3.56 33.48
C SER C 35 -8.36 3.82 34.88
N VAL C 36 -9.54 4.43 34.99
CA VAL C 36 -10.02 4.93 36.27
C VAL C 36 -11.44 4.45 36.53
N ASP C 37 -11.68 3.89 37.71
CA ASP C 37 -13.03 3.58 38.17
C ASP C 37 -13.66 4.91 38.51
N ILE C 38 -14.82 5.21 37.92
CA ILE C 38 -15.50 6.47 38.17
C ILE C 38 -16.68 6.12 39.06
N THR C 39 -16.61 6.52 40.32
CA THR C 39 -17.66 6.25 41.29
C THR C 39 -18.45 7.49 41.73
N HIS C 40 -18.05 8.70 41.33
CA HIS C 40 -18.85 9.92 41.62
C HIS C 40 -19.79 10.20 40.44
N GLU C 41 -21.06 10.47 40.77
CA GLU C 41 -22.11 10.71 39.77
C GLU C 41 -21.84 11.98 38.96
N GLY C 42 -21.41 13.01 39.66
CA GLY C 42 -21.02 14.28 39.05
C GLY C 42 -19.96 14.11 37.98
N MET C 43 -18.89 13.37 38.30
CA MET C 43 -17.78 13.18 37.36
C MET C 43 -18.19 12.33 36.16
N LYS C 44 -19.09 11.36 36.35
CA LYS C 44 -19.67 10.59 35.24
C LYS C 44 -20.38 11.55 34.26
N LYS C 45 -21.15 12.51 34.80
CA LYS C 45 -21.87 13.52 33.99
C LYS C 45 -20.92 14.49 33.26
N VAL C 46 -19.86 14.91 33.93
CA VAL C 46 -18.81 15.72 33.29
C VAL C 46 -18.19 14.95 32.13
N LEU C 47 -17.83 13.68 32.36
CA LEU C 47 -17.18 12.85 31.33
C LEU C 47 -18.13 12.49 30.17
N GLU C 48 -19.39 12.15 30.46
CA GLU C 48 -20.40 11.93 29.41
C GLU C 48 -20.59 13.16 28.50
N SER C 49 -20.56 14.35 29.10
CA SER C 49 -20.67 15.59 28.35
C SER C 49 -19.45 15.83 27.49
N LEU C 50 -18.25 15.71 28.08
CA LEU C 50 -17.01 15.93 27.32
C LEU C 50 -16.87 14.94 26.17
N ARG C 51 -17.32 13.70 26.38
CA ARG C 51 -17.28 12.66 25.35
C ARG C 51 -18.12 13.01 24.11
N SER C 52 -19.23 13.71 24.30
N SER C 52 -19.24 13.72 24.31
CA SER C 52 -20.11 14.15 23.20
CA SER C 52 -20.13 14.16 23.24
C SER C 52 -19.72 15.50 22.55
C SER C 52 -19.79 15.53 22.63
N LYS C 53 -18.76 16.22 23.15
CA LYS C 53 -18.38 17.57 22.67
C LYS C 53 -17.46 17.54 21.46
N GLN C 54 -16.63 16.50 21.35
CA GLN C 54 -15.88 16.23 20.13
C GLN C 54 -14.72 17.20 19.85
N GLY C 55 -13.78 17.26 20.81
N GLY C 55 -13.85 17.43 20.85
CA GLY C 55 -12.47 17.86 20.59
CA GLY C 55 -12.68 18.34 20.72
C GLY C 55 -12.30 19.22 21.24
C GLY C 55 -12.86 19.77 21.22
N ILE C 56 -13.36 20.02 21.25
N ILE C 56 -11.94 20.66 20.81
CA ILE C 56 -13.23 21.41 21.66
CA ILE C 56 -11.83 22.06 21.31
C ILE C 56 -14.16 21.83 22.80
C ILE C 56 -13.09 22.69 21.94
N ILE C 57 -13.65 22.68 23.67
N ILE C 57 -12.96 23.11 23.21
CA ILE C 57 -14.48 23.37 24.64
CA ILE C 57 -14.08 23.60 24.05
C ILE C 57 -13.75 24.63 25.13
C ILE C 57 -13.62 24.76 24.96
N SER C 58 -14.52 25.68 25.33
CA SER C 58 -14.08 26.90 26.04
C SER C 58 -13.93 26.67 27.55
N GLU C 59 -13.00 27.41 28.17
CA GLU C 59 -12.83 27.40 29.63
C GLU C 59 -14.13 27.70 30.35
N TYR C 60 -14.90 28.65 29.82
CA TYR C 60 -16.21 29.03 30.36
C TYR C 60 -17.21 27.86 30.40
N LEU C 61 -17.30 27.13 29.30
CA LEU C 61 -18.19 25.95 29.22
C LEU C 61 -17.72 24.80 30.13
N LEU C 62 -16.41 24.54 30.17
CA LEU C 62 -15.86 23.56 31.11
C LEU C 62 -16.16 23.91 32.57
N ASP C 63 -15.90 25.17 32.94
CA ASP C 63 -16.24 25.70 34.28
C ASP C 63 -17.73 25.58 34.60
N LYS C 64 -18.59 25.88 33.62
CA LYS C 64 -20.04 25.73 33.79
C LYS C 64 -20.39 24.26 34.02
N LEU C 65 -19.86 23.38 33.16
CA LEU C 65 -20.10 21.94 33.24
C LEU C 65 -19.67 21.34 34.58
N LEU C 66 -18.54 21.81 35.10
CA LEU C 66 -18.07 21.39 36.43
C LEU C 66 -18.98 21.87 37.56
N ASP C 67 -19.36 23.14 37.53
CA ASP C 67 -20.28 23.70 38.54
C ASP C 67 -21.64 23.00 38.57
N GLU C 68 -22.17 22.67 37.39
CA GLU C 68 -23.47 21.98 37.29
C GLU C 68 -23.40 20.57 37.90
N SER C 69 -22.24 19.90 37.78
CA SER C 69 -22.04 18.56 38.34
C SER C 69 -21.51 18.54 39.78
N LEU C 70 -21.51 19.70 40.47
CA LEU C 70 -21.09 19.82 41.87
C LEU C 70 -19.67 19.29 42.14
N ILE C 71 -18.74 19.66 41.27
CA ILE C 71 -17.33 19.29 41.40
C ILE C 71 -16.51 20.56 41.46
N ASP C 72 -15.66 20.66 42.49
CA ASP C 72 -14.74 21.77 42.63
C ASP C 72 -13.96 21.94 41.33
N LYS C 73 -13.96 23.18 40.81
CA LYS C 73 -13.34 23.44 39.51
C LYS C 73 -11.84 23.11 39.44
N ASP C 74 -11.11 23.44 40.51
CA ASP C 74 -9.64 23.19 40.50
C ASP C 74 -9.29 21.69 40.65
N LYS C 75 -9.94 20.99 41.58
CA LYS C 75 -9.77 19.52 41.73
C LYS C 75 -10.20 18.81 40.45
N GLY C 76 -11.33 19.25 39.90
CA GLY C 76 -11.89 18.68 38.67
C GLY C 76 -10.98 18.83 37.48
N LYS C 77 -10.46 20.03 37.26
CA LYS C 77 -9.54 20.23 36.14
C LYS C 77 -8.20 19.54 36.32
N GLU C 78 -7.67 19.56 37.54
CA GLU C 78 -6.40 18.83 37.79
C GLU C 78 -6.58 17.33 37.47
N PHE C 79 -7.71 16.75 37.87
CA PHE C 79 -8.03 15.36 37.54
C PHE C 79 -8.10 15.13 36.02
N LEU C 80 -8.82 16.00 35.32
CA LEU C 80 -8.99 15.89 33.88
C LEU C 80 -7.68 16.00 33.13
N ILE C 81 -6.84 16.93 33.54
CA ILE C 81 -5.50 17.07 32.94
C ILE C 81 -4.59 15.89 33.28
N THR C 82 -4.55 15.49 34.55
CA THR C 82 -3.60 14.46 35.01
C THR C 82 -3.91 13.11 34.39
N THR C 83 -5.19 12.76 34.30
CA THR C 83 -5.62 11.49 33.71
C THR C 83 -5.66 11.46 32.18
N GLY C 84 -5.46 12.59 31.51
CA GLY C 84 -5.40 12.65 30.05
C GLY C 84 -6.74 12.77 29.34
N VAL C 85 -7.70 13.44 29.97
CA VAL C 85 -8.98 13.72 29.33
C VAL C 85 -8.90 15.05 28.59
N ILE C 86 -8.24 16.04 29.18
CA ILE C 86 -8.05 17.34 28.52
C ILE C 86 -6.59 17.74 28.52
N ASN C 87 -6.22 18.64 27.60
CA ASN C 87 -4.99 19.41 27.74
C ASN C 87 -5.32 20.90 27.54
N LYS C 88 -4.67 21.76 28.33
CA LYS C 88 -4.79 23.20 28.18
C LYS C 88 -3.61 23.61 27.31
N THR C 89 -3.90 24.21 26.15
CA THR C 89 -2.86 24.71 25.23
C THR C 89 -3.22 26.10 24.72
N LYS C 90 -2.23 26.77 24.14
CA LYS C 90 -2.34 28.19 23.81
C LYS C 90 -2.86 28.41 22.38
N THR C 91 -3.55 29.53 22.19
CA THR C 91 -3.86 30.05 20.84
C THR C 91 -2.57 30.56 20.13
N SER C 92 -1.67 31.20 20.88
CA SER C 92 -0.40 31.73 20.35
C SER C 92 0.53 30.57 19.94
N PRO C 93 1.63 30.86 19.18
CA PRO C 93 2.57 29.80 18.76
C PRO C 93 3.10 28.95 19.92
N LEU C 94 3.04 27.63 19.77
CA LEU C 94 3.48 26.71 20.80
C LEU C 94 4.92 26.93 21.21
N TRP C 95 5.76 27.24 20.24
CA TRP C 95 7.21 27.35 20.47
C TRP C 95 7.72 28.72 20.03
N VAL C 96 8.22 29.46 21.02
CA VAL C 96 8.75 30.83 20.86
C VAL C 96 10.07 30.83 20.07
N ASN C 97 10.79 29.70 20.10
CA ASN C 97 11.98 29.55 19.27
C ASN C 97 12.35 28.07 19.19
N SER C 98 13.41 27.80 18.44
CA SER C 98 13.92 26.48 18.27
C SER C 98 15.43 26.49 18.56
N VAL C 99 15.96 25.34 18.97
CA VAL C 99 17.40 25.13 19.03
C VAL C 99 17.70 23.89 18.17
N ILE C 100 18.86 23.88 17.53
CA ILE C 100 19.32 22.71 16.82
C ILE C 100 20.47 22.10 17.66
N ILE C 101 20.34 20.82 18.00
CA ILE C 101 21.40 20.09 18.67
C ILE C 101 21.89 19.05 17.66
N SER C 102 23.19 19.01 17.39
CA SER C 102 23.70 18.16 16.34
C SER C 102 25.08 17.63 16.61
N ASP C 103 25.39 16.49 15.99
CA ASP C 103 26.78 16.05 15.89
C ASP C 103 27.56 16.70 14.75
N VAL C 104 26.87 17.49 13.91
CA VAL C 104 27.50 18.27 12.85
C VAL C 104 27.05 19.75 12.89
N PRO C 105 27.29 20.41 14.04
CA PRO C 105 26.80 21.78 14.23
C PRO C 105 27.37 22.81 13.25
N HIS C 106 28.60 22.61 12.79
CA HIS C 106 29.20 23.42 11.72
C HIS C 106 28.34 23.52 10.41
N LEU C 107 27.56 22.48 10.09
N LEU C 107 27.56 22.50 10.08
CA LEU C 107 26.57 22.52 8.99
CA LEU C 107 26.68 22.58 8.93
C LEU C 107 25.60 23.70 9.09
C LEU C 107 25.50 23.59 9.09
N PHE C 108 25.24 24.05 10.32
CA PHE C 108 24.25 25.08 10.59
C PHE C 108 24.87 26.43 11.02
N SER C 109 26.15 26.66 10.71
CA SER C 109 26.84 27.83 11.21
C SER C 109 26.26 29.16 10.68
N ASN C 110 25.53 29.17 9.57
CA ASN C 110 24.83 30.39 9.13
C ASN C 110 23.30 30.27 9.13
N ALA C 111 22.76 29.17 9.67
CA ALA C 111 21.32 28.93 9.59
C ALA C 111 20.50 29.94 10.38
N ARG C 112 21.00 30.33 11.54
CA ARG C 112 20.25 31.25 12.40
C ARG C 112 20.01 32.57 11.65
N GLU C 113 21.07 33.08 11.03
CA GLU C 113 20.99 34.30 10.26
C GLU C 113 20.16 34.15 8.96
N GLN C 114 20.47 33.12 8.18
CA GLN C 114 19.78 32.88 6.91
C GLN C 114 18.28 32.71 7.06
N TRP C 115 17.87 31.91 8.04
CA TRP C 115 16.49 31.43 8.09
C TRP C 115 15.49 32.44 8.64
N LYS C 116 15.98 33.53 9.24
CA LYS C 116 15.14 34.70 9.58
C LYS C 116 14.30 35.18 8.40
N CYS C 117 14.86 35.24 7.19
CA CYS C 117 14.06 35.71 6.05
C CYS C 117 12.98 34.72 5.59
N ASP C 118 13.07 33.46 6.03
CA ASP C 118 11.96 32.50 5.89
C ASP C 118 11.01 32.52 7.10
N GLY C 119 11.18 33.46 8.03
CA GLY C 119 10.40 33.46 9.26
C GLY C 119 10.71 32.36 10.24
N VAL C 120 11.92 31.80 10.21
CA VAL C 120 12.29 30.71 11.12
C VAL C 120 13.32 31.27 12.09
N PHE C 121 13.08 31.09 13.38
CA PHE C 121 13.93 31.67 14.39
C PHE C 121 14.57 30.56 15.23
N VAL C 122 15.83 30.29 14.95
CA VAL C 122 16.63 29.31 15.64
C VAL C 122 17.59 30.12 16.52
N SER C 123 17.49 29.99 17.83
CA SER C 123 18.28 30.84 18.74
C SER C 123 19.71 30.34 18.95
N HIS C 124 19.91 29.02 18.92
CA HIS C 124 21.25 28.43 19.14
C HIS C 124 21.46 27.16 18.35
N ILE C 125 22.71 26.96 17.93
CA ILE C 125 23.19 25.71 17.40
C ILE C 125 24.09 25.13 18.48
N ILE C 126 23.85 23.88 18.85
CA ILE C 126 24.48 23.26 20.01
C ILE C 126 25.14 21.96 19.59
N ASP C 127 26.40 21.80 19.97
CA ASP C 127 27.11 20.56 19.73
C ASP C 127 26.62 19.54 20.74
N ILE C 128 26.24 18.37 20.26
CA ILE C 128 25.77 17.25 21.10
C ILE C 128 26.85 16.80 22.12
N LYS C 129 28.12 17.03 21.81
CA LYS C 129 29.22 16.70 22.71
C LYS C 129 29.39 17.68 23.87
N ASP C 130 28.69 18.81 23.87
CA ASP C 130 28.77 19.74 24.99
C ASP C 130 28.25 19.10 26.27
N ASN C 131 28.89 19.39 27.40
N ASN C 131 28.97 19.33 27.35
CA ASN C 131 28.58 18.74 28.68
CA ASN C 131 28.48 19.07 28.68
C ASN C 131 27.24 19.22 29.28
C ASN C 131 27.68 20.33 29.03
N ASN C 132 27.04 20.54 29.26
N ASN C 132 26.64 20.16 29.82
CA ASN C 132 26.00 21.20 30.05
CA ASN C 132 25.85 21.29 30.23
C ASN C 132 25.05 22.05 29.21
C ASN C 132 25.23 21.96 29.01
N ILE C 133 24.15 21.38 28.52
CA ILE C 133 23.26 22.00 27.52
C ILE C 133 22.03 22.51 28.30
N ASN C 134 21.73 23.81 28.15
CA ASN C 134 20.55 24.45 28.74
C ASN C 134 19.58 24.87 27.60
N VAL C 135 18.27 24.69 27.82
CA VAL C 135 17.25 25.12 26.83
C VAL C 135 16.12 25.83 27.56
N SER C 136 15.72 27.00 27.06
CA SER C 136 14.65 27.78 27.64
C SER C 136 13.29 27.09 27.52
N ASP C 137 12.30 27.64 28.22
CA ASP C 137 10.92 27.16 28.14
C ASP C 137 10.33 27.40 26.75
N SER C 138 9.30 26.61 26.42
CA SER C 138 8.55 26.74 25.16
C SER C 138 9.47 26.75 23.96
N THR C 139 10.41 25.80 23.93
CA THR C 139 11.35 25.72 22.83
C THR C 139 11.26 24.36 22.18
N LEU C 140 11.27 24.35 20.85
CA LEU C 140 11.33 23.14 20.07
C LEU C 140 12.79 22.73 19.95
N ILE C 141 13.11 21.51 20.31
CA ILE C 141 14.48 21.01 20.21
C ILE C 141 14.56 20.12 18.98
N TRP C 142 15.36 20.52 18.00
CA TRP C 142 15.62 19.72 16.83
C TRP C 142 16.95 18.99 17.00
N LEU C 143 16.92 17.67 17.09
CA LEU C 143 18.12 16.87 17.26
C LEU C 143 18.45 16.25 15.91
N HIS C 144 19.57 16.67 15.31
CA HIS C 144 20.01 16.19 14.00
C HIS C 144 21.33 15.39 14.09
N LEU C 145 21.30 14.13 13.69
CA LEU C 145 22.44 13.23 13.85
C LEU C 145 22.84 12.60 12.51
N GLU C 146 24.11 12.74 12.14
CA GLU C 146 24.69 11.89 11.12
C GLU C 146 25.09 10.53 11.65
N ASN C 147 25.40 10.44 12.94
CA ASN C 147 25.77 9.19 13.61
C ASN C 147 24.73 8.88 14.67
N TYR C 148 23.85 7.95 14.35
CA TYR C 148 22.67 7.69 15.15
C TYR C 148 22.98 6.61 16.22
N HIS C 149 22.55 6.89 17.44
CA HIS C 149 22.44 5.88 18.49
C HIS C 149 21.25 6.24 19.35
N SER C 150 20.46 5.25 19.72
CA SER C 150 19.21 5.52 20.49
C SER C 150 19.47 6.21 21.87
N ASP C 151 20.59 5.88 22.52
CA ASP C 151 20.94 6.51 23.80
C ASP C 151 21.18 8.02 23.71
N ILE C 152 21.59 8.52 22.54
CA ILE C 152 21.73 9.96 22.34
C ILE C 152 20.34 10.62 22.47
N VAL C 153 19.34 10.06 21.81
CA VAL C 153 17.96 10.59 21.90
C VAL C 153 17.46 10.43 23.35
N LYS C 154 17.76 9.28 23.95
CA LYS C 154 17.29 9.03 25.33
C LYS C 154 17.85 10.07 26.30
N ARG C 155 19.11 10.45 26.15
N ARG C 155 19.12 10.43 26.12
CA ARG C 155 19.71 11.43 27.06
CA ARG C 155 19.79 11.47 26.93
C ARG C 155 19.15 12.85 26.85
C ARG C 155 19.08 12.80 26.84
N ILE C 156 18.80 13.22 25.61
CA ILE C 156 18.16 14.53 25.34
C ILE C 156 16.74 14.55 25.93
N TYR C 157 16.01 13.46 25.74
CA TYR C 157 14.67 13.34 26.34
C TYR C 157 14.73 13.43 27.87
N SER C 158 15.63 12.68 28.51
CA SER C 158 15.75 12.74 29.98
C SER C 158 16.17 14.11 30.50
N LYS C 159 17.05 14.81 29.78
CA LYS C 159 17.47 16.17 30.19
C LYS C 159 16.30 17.17 30.16
N PHE C 160 15.47 17.12 29.13
CA PHE C 160 14.58 18.25 28.82
C PHE C 160 13.07 17.99 28.81
N GLU C 161 12.61 16.75 28.96
CA GLU C 161 11.18 16.42 28.98
C GLU C 161 10.31 17.20 29.96
N SER C 162 10.89 17.62 31.09
CA SER C 162 10.17 18.40 32.10
C SER C 162 10.31 19.90 31.94
N ASN C 163 11.10 20.39 30.98
CA ASN C 163 11.08 21.81 30.63
C ASN C 163 9.65 22.22 30.20
N PRO C 164 9.12 23.30 30.80
CA PRO C 164 7.76 23.73 30.41
C PRO C 164 7.64 24.04 28.90
N GLY C 165 6.63 23.47 28.28
CA GLY C 165 6.31 23.76 26.87
C GLY C 165 7.27 23.19 25.83
N VAL C 166 8.16 22.31 26.27
CA VAL C 166 9.20 21.74 25.38
C VAL C 166 8.56 20.80 24.35
N ALA C 167 9.18 20.72 23.19
CA ALA C 167 8.93 19.63 22.25
C ALA C 167 10.23 19.28 21.56
N PHE C 168 10.22 18.11 20.92
CA PHE C 168 11.40 17.51 20.28
C PHE C 168 11.05 17.01 18.89
N ILE C 169 12.01 17.12 17.98
CA ILE C 169 11.90 16.50 16.70
C ILE C 169 13.33 15.98 16.42
N GLN C 170 13.44 14.82 15.78
CA GLN C 170 14.73 14.20 15.50
C GLN C 170 14.87 13.95 14.02
N SER C 171 16.08 14.12 13.50
CA SER C 171 16.37 13.78 12.13
C SER C 171 17.65 12.97 12.09
N TYR C 172 17.67 11.94 11.25
CA TYR C 172 18.81 11.01 11.19
C TYR C 172 18.73 10.20 9.91
N TYR C 173 19.76 9.40 9.64
CA TYR C 173 19.91 8.69 8.39
C TYR C 173 19.82 7.17 8.58
N LEU C 174 19.03 6.54 7.71
CA LEU C 174 18.78 5.12 7.71
C LEU C 174 19.06 4.61 6.34
N LYS C 175 20.32 4.21 6.11
CA LYS C 175 20.75 3.65 4.84
C LYS C 175 20.63 4.72 3.72
N GLU C 176 19.77 4.57 2.72
CA GLU C 176 19.68 5.63 1.68
C GLU C 176 18.65 6.72 2.04
N SER C 177 18.03 6.66 3.21
CA SER C 177 16.97 7.61 3.58
C SER C 177 17.42 8.59 4.64
N PHE C 178 16.95 9.82 4.54
CA PHE C 178 17.00 10.81 5.63
C PHE C 178 15.59 10.82 6.27
N ARG C 179 15.48 10.50 7.56
CA ARG C 179 14.15 10.50 8.26
C ARG C 179 14.03 11.72 9.19
N ILE C 180 12.91 12.40 9.11
CA ILE C 180 12.50 13.39 10.12
C ILE C 180 11.29 12.80 10.86
N ASP C 181 11.49 12.51 12.14
CA ASP C 181 10.41 12.02 13.03
C ASP C 181 9.28 13.03 13.18
N GLY C 182 8.13 12.58 13.72
CA GLY C 182 7.10 13.49 14.13
C GLY C 182 7.58 14.34 15.28
N VAL C 183 6.78 15.34 15.66
CA VAL C 183 7.04 16.13 16.85
C VAL C 183 6.56 15.41 18.11
N TYR C 184 7.49 15.19 19.02
CA TYR C 184 7.23 14.70 20.39
C TYR C 184 7.03 15.85 21.37
N SER C 185 5.79 15.99 21.85
CA SER C 185 5.43 17.01 22.80
C SER C 185 4.79 16.32 24.00
N PRO C 186 5.49 16.28 25.15
CA PRO C 186 4.88 15.78 26.38
C PRO C 186 3.56 16.50 26.75
N ASP C 187 3.55 17.82 26.66
CA ASP C 187 2.32 18.62 26.89
C ASP C 187 1.14 18.16 26.04
N LEU C 188 1.38 18.00 24.75
CA LEU C 188 0.32 17.63 23.80
C LEU C 188 0.03 16.13 23.77
N GLY C 189 0.95 15.31 24.27
CA GLY C 189 0.81 13.87 24.24
C GLY C 189 0.94 13.24 22.86
N THR C 190 1.91 13.69 22.07
CA THR C 190 2.18 13.11 20.76
C THR C 190 3.26 12.03 20.87
N PRO C 191 3.34 11.12 19.88
CA PRO C 191 4.33 10.04 19.98
C PRO C 191 5.78 10.51 19.98
N CYS C 192 6.67 9.68 20.54
CA CYS C 192 8.09 9.99 20.59
C CYS C 192 8.89 9.20 19.59
N HIS C 193 10.19 9.49 19.51
CA HIS C 193 11.12 8.76 18.66
C HIS C 193 10.97 7.24 18.79
N PHE C 194 10.86 6.78 20.04
CA PHE C 194 10.84 5.35 20.34
C PHE C 194 9.55 4.64 19.96
N CYS C 195 8.44 5.37 19.94
CA CYS C 195 7.17 4.86 19.42
C CYS C 195 7.32 4.35 17.99
N HIS C 196 8.23 4.95 17.22
CA HIS C 196 8.58 4.44 15.93
C HIS C 196 9.63 3.33 15.98
N ILE C 197 10.86 3.67 16.40
CA ILE C 197 11.99 2.75 16.20
C ILE C 197 11.92 1.46 17.05
N GLU C 198 11.54 1.58 18.32
CA GLU C 198 11.51 0.39 19.20
C GLU C 198 10.35 -0.50 18.82
N ARG C 199 9.23 0.10 18.40
CA ARG C 199 8.12 -0.69 17.86
C ARG C 199 8.55 -1.42 16.56
N TRP C 200 9.29 -0.74 15.70
CA TRP C 200 9.79 -1.35 14.46
C TRP C 200 10.69 -2.55 14.81
N LEU C 201 11.63 -2.34 15.73
CA LEU C 201 12.54 -3.43 16.19
C LEU C 201 11.77 -4.60 16.83
N SER C 202 10.74 -4.26 17.61
CA SER C 202 9.84 -5.27 18.20
C SER C 202 9.26 -6.17 17.12
N ARG C 203 8.76 -5.56 16.04
CA ARG C 203 8.11 -6.30 14.98
C ARG C 203 9.10 -7.25 14.26
N GLU C 204 10.36 -6.83 14.12
CA GLU C 204 11.40 -7.73 13.58
C GLU C 204 11.71 -8.89 14.56
N GLU C 205 11.96 -8.55 15.82
CA GLU C 205 12.31 -9.53 16.87
C GLU C 205 11.19 -10.55 17.08
N LYS C 206 9.95 -10.04 17.09
CA LYS C 206 8.78 -10.87 17.32
C LYS C 206 8.07 -11.31 16.03
N SER C 207 8.75 -11.24 14.89
CA SER C 207 8.18 -11.72 13.62
C SER C 207 7.73 -13.16 13.74
N PHE C 208 6.64 -13.48 13.04
CA PHE C 208 6.08 -14.80 13.06
C PHE C 208 7.14 -15.77 12.51
N ARG C 209 7.75 -15.42 11.40
CA ARG C 209 8.99 -16.03 10.95
C ARG C 209 10.04 -14.95 10.78
N ARG C 210 11.02 -14.94 11.66
CA ARG C 210 12.08 -13.95 11.62
C ARG C 210 12.80 -14.00 10.30
N ASN C 211 13.10 -12.82 9.79
CA ASN C 211 14.03 -12.68 8.70
C ASN C 211 15.44 -12.66 9.36
N GLU C 212 16.18 -13.74 9.16
CA GLU C 212 17.56 -13.85 9.62
C GLU C 212 18.50 -12.76 9.05
N MET C 213 18.14 -12.14 7.92
CA MET C 213 18.88 -11.00 7.35
C MET C 213 18.16 -9.65 7.56
N SER C 214 17.39 -9.54 8.64
CA SER C 214 16.77 -8.30 9.05
C SER C 214 17.80 -7.22 9.34
N TRP C 215 17.49 -5.98 8.98
N TRP C 215 17.47 -6.00 8.93
CA TRP C 215 18.29 -4.83 9.37
CA TRP C 215 18.13 -4.77 9.31
C TRP C 215 18.23 -4.59 10.87
C TRP C 215 18.21 -4.59 10.82
N ALA C 216 17.25 -5.17 11.57
CA ALA C 216 17.30 -5.17 13.02
C ALA C 216 18.60 -5.85 13.55
N ASN C 217 19.12 -6.86 12.84
CA ASN C 217 20.37 -7.51 13.26
C ASN C 217 21.52 -6.52 13.33
N LEU C 218 21.60 -5.62 12.33
CA LEU C 218 22.64 -4.61 12.32
C LEU C 218 22.44 -3.66 13.48
N LEU C 219 21.22 -3.15 13.62
CA LEU C 219 20.93 -2.15 14.65
C LEU C 219 21.23 -2.71 16.05
N GLN C 220 20.81 -3.95 16.30
CA GLN C 220 21.02 -4.58 17.62
C GLN C 220 22.51 -4.92 17.83
N LEU C 221 23.23 -5.31 16.78
CA LEU C 221 24.68 -5.55 16.90
C LEU C 221 25.47 -4.27 17.19
N LEU C 222 25.06 -3.15 16.58
CA LEU C 222 25.66 -1.85 16.89
C LEU C 222 25.46 -1.45 18.36
N LYS C 223 24.27 -1.67 18.91
CA LYS C 223 24.08 -1.55 20.39
C LYS C 223 25.12 -2.41 21.15
N LYS C 224 25.17 -3.71 20.87
CA LYS C 224 26.07 -4.64 21.57
C LYS C 224 27.54 -4.19 21.49
N TYR C 225 27.94 -3.70 20.33
CA TYR C 225 29.31 -3.29 20.07
C TYR C 225 29.59 -1.84 20.48
N GLN C 226 28.59 -1.14 21.01
CA GLN C 226 28.70 0.26 21.46
C GLN C 226 29.07 1.23 20.32
N MET C 227 28.49 0.98 19.14
CA MET C 227 28.82 1.77 17.94
C MET C 227 27.58 2.56 17.48
N THR C 228 27.82 3.69 16.84
CA THR C 228 26.77 4.45 16.16
C THR C 228 26.51 3.93 14.74
N LEU C 229 25.31 4.18 14.25
CA LEU C 229 24.94 3.92 12.86
C LEU C 229 25.33 5.17 12.07
N PRO C 230 26.34 5.07 11.20
CA PRO C 230 26.71 6.20 10.36
C PRO C 230 25.76 6.39 9.18
N ALA C 231 25.61 7.64 8.78
CA ALA C 231 25.05 7.97 7.46
C ALA C 231 26.02 7.47 6.40
N LEU C 232 25.49 6.93 5.32
CA LEU C 232 26.34 6.27 4.33
C LEU C 232 26.85 7.23 3.28
N ALA C 233 28.14 7.55 3.36
CA ALA C 233 28.83 8.28 2.30
C ALA C 233 28.13 9.60 1.92
N LEU C 234 27.75 10.40 2.91
CA LEU C 234 27.20 11.74 2.62
C LEU C 234 28.27 12.66 2.05
N GLY C 235 27.91 13.44 1.05
CA GLY C 235 28.76 14.52 0.55
C GLY C 235 28.06 15.85 0.74
N GLU C 236 28.63 16.87 0.14
CA GLU C 236 28.06 18.22 0.24
C GLU C 236 26.60 18.27 -0.24
N SER C 237 26.29 17.64 -1.37
CA SER C 237 24.94 17.76 -1.93
C SER C 237 23.88 17.13 -1.02
N GLU C 238 24.19 15.98 -0.43
CA GLU C 238 23.23 15.33 0.45
C GLU C 238 22.97 16.17 1.68
N ARG C 239 24.03 16.81 2.19
CA ARG C 239 23.89 17.69 3.32
C ARG C 239 23.09 18.96 2.98
N GLY C 240 23.29 19.54 1.79
CA GLY C 240 22.49 20.69 1.35
C GLY C 240 21.01 20.34 1.20
N PHE C 241 20.73 19.17 0.64
CA PHE C 241 19.38 18.66 0.54
C PHE C 241 18.75 18.52 1.93
N SER C 242 19.49 17.91 2.86
CA SER C 242 19.00 17.74 4.25
C SER C 242 18.72 19.10 4.93
N TYR C 243 19.63 20.04 4.73
CA TYR C 243 19.55 21.40 5.30
C TYR C 243 18.25 22.12 4.89
N HIS C 244 17.91 22.01 3.60
CA HIS C 244 16.68 22.60 3.08
C HIS C 244 15.42 21.91 3.63
N LEU C 245 15.43 20.59 3.72
CA LEU C 245 14.31 19.87 4.33
C LEU C 245 14.05 20.27 5.79
N ILE C 246 15.13 20.45 6.53
CA ILE C 246 15.06 20.89 7.91
C ILE C 246 14.45 22.29 7.98
N LYS C 247 14.96 23.20 7.15
CA LYS C 247 14.40 24.53 7.10
C LYS C 247 12.91 24.55 6.82
N ARG C 248 12.48 23.81 5.82
CA ARG C 248 11.06 23.82 5.46
C ARG C 248 10.20 23.15 6.51
N ARG C 249 10.69 22.06 7.10
CA ARG C 249 9.93 21.45 8.20
C ARG C 249 9.79 22.41 9.40
N LEU C 250 10.90 23.06 9.79
CA LEU C 250 10.85 24.10 10.83
C LEU C 250 9.83 25.21 10.50
N GLN C 251 9.85 25.69 9.25
CA GLN C 251 8.87 26.69 8.80
C GLN C 251 7.42 26.20 8.99
N GLU C 252 7.14 24.95 8.66
CA GLU C 252 5.80 24.36 8.86
C GLU C 252 5.39 24.34 10.35
N LEU C 253 6.36 24.20 11.25
CA LEU C 253 6.14 24.16 12.70
C LEU C 253 6.12 25.53 13.40
N THR C 254 6.52 26.59 12.67
CA THR C 254 6.57 27.96 13.19
C THR C 254 5.19 28.65 13.13
N GLY C 255 4.86 29.38 14.20
CA GLY C 255 3.53 29.98 14.35
C GLY C 255 2.38 29.01 14.57
N THR C 256 2.68 27.73 14.82
CA THR C 256 1.65 26.69 14.94
C THR C 256 1.17 26.52 16.37
N SER C 257 -0.12 26.19 16.48
CA SER C 257 -0.76 25.76 17.73
C SER C 257 -1.97 24.92 17.39
N LEU C 258 -2.63 24.36 18.42
CA LEU C 258 -3.91 23.66 18.23
C LEU C 258 -5.07 24.59 17.78
N VAL C 259 -4.91 25.91 17.93
CA VAL C 259 -5.91 26.89 17.48
C VAL C 259 -6.17 26.87 15.97
N LYS C 260 -5.10 26.84 15.16
CA LYS C 260 -5.23 26.75 13.68
C LYS C 260 -4.17 25.87 12.98
N SER C 261 -3.67 24.85 13.68
CA SER C 261 -2.80 23.83 13.08
C SER C 261 -3.14 22.42 13.63
N HIS C 262 -3.72 21.60 12.75
CA HIS C 262 -4.15 20.26 13.09
C HIS C 262 -3.02 19.39 13.69
N VAL C 263 -3.41 18.49 14.60
CA VAL C 263 -2.44 17.63 15.29
C VAL C 263 -1.65 16.71 14.32
N ASP C 264 -2.22 16.47 13.15
CA ASP C 264 -1.53 15.77 12.06
C ASP C 264 -0.27 16.44 11.54
N ASN C 265 -0.14 17.76 11.68
CA ASN C 265 1.15 18.43 11.40
C ASN C 265 2.26 17.90 12.35
N PHE C 266 1.90 17.52 13.57
CA PHE C 266 2.89 17.04 14.51
C PHE C 266 3.09 15.56 14.39
N MET C 267 2.00 14.83 14.13
CA MET C 267 1.99 13.37 14.13
C MET C 267 2.18 12.82 12.70
N SER C 268 3.23 13.32 12.03
CA SER C 268 3.61 12.94 10.69
C SER C 268 5.12 12.93 10.61
N SER C 269 5.65 11.94 9.93
CA SER C 269 7.10 11.83 9.69
C SER C 269 7.35 12.17 8.23
N VAL C 270 8.59 12.52 7.90
CA VAL C 270 9.00 12.78 6.53
C VAL C 270 10.26 11.96 6.27
N SER C 271 10.20 11.07 5.29
CA SER C 271 11.36 10.32 4.86
C SER C 271 11.71 10.68 3.42
N ALA C 272 12.98 10.95 3.20
CA ALA C 272 13.46 11.38 1.88
C ALA C 272 14.50 10.38 1.41
N ASP C 273 14.22 9.71 0.28
CA ASP C 273 15.20 8.87 -0.38
C ASP C 273 16.27 9.78 -1.02
N LEU C 274 17.49 9.67 -0.56
CA LEU C 274 18.57 10.55 -1.00
C LEU C 274 19.03 10.27 -2.42
N ILE C 275 18.68 9.12 -2.98
CA ILE C 275 19.00 8.82 -4.35
C ILE C 275 17.96 9.42 -5.31
N THR C 276 16.69 9.08 -5.11
CA THR C 276 15.60 9.53 -6.02
C THR C 276 15.11 10.95 -5.67
N CYS C 277 15.40 11.41 -4.48
CA CYS C 277 14.97 12.69 -3.93
C CYS C 277 13.44 12.72 -3.67
N ILE C 278 12.81 11.56 -3.63
CA ILE C 278 11.38 11.45 -3.37
C ILE C 278 11.10 11.44 -1.87
N LEU C 279 10.15 12.27 -1.45
CA LEU C 279 9.72 12.37 -0.06
C LEU C 279 8.48 11.50 0.18
N CYS C 280 8.43 10.86 1.33
CA CYS C 280 7.28 10.06 1.76
C CYS C 280 6.87 10.60 3.14
N LYS C 281 5.70 11.22 3.20
CA LYS C 281 5.14 11.74 4.45
C LYS C 281 4.15 10.70 4.98
N GLU C 282 4.37 10.24 6.21
CA GLU C 282 3.59 9.13 6.78
C GLU C 282 3.06 9.48 8.16
N PRO C 283 1.90 8.92 8.53
CA PRO C 283 1.45 9.13 9.90
C PRO C 283 2.33 8.45 10.96
N VAL C 284 2.49 9.10 12.11
N VAL C 284 2.36 9.09 12.12
CA VAL C 284 3.08 8.48 13.29
CA VAL C 284 3.02 8.63 13.30
C VAL C 284 2.02 8.35 14.38
C VAL C 284 1.88 8.30 14.27
N ILE C 285 1.95 7.16 14.95
CA ILE C 285 0.99 6.80 15.98
C ILE C 285 1.72 6.38 17.25
N HIS C 286 1.00 6.36 18.35
CA HIS C 286 1.56 5.92 19.61
C HIS C 286 1.73 4.41 19.58
N TRP C 287 2.75 3.94 20.30
CA TRP C 287 2.93 2.54 20.64
C TRP C 287 2.53 2.33 22.13
N GLN C 288 1.53 1.49 22.37
CA GLN C 288 1.02 1.26 23.74
C GLN C 288 2.14 0.86 24.74
N ALA C 289 3.14 0.13 24.27
CA ALA C 289 4.25 -0.32 25.11
C ALA C 289 5.32 0.73 25.39
N CYS C 290 5.26 1.91 24.78
CA CYS C 290 6.35 2.87 24.92
C CYS C 290 6.41 3.50 26.30
N SER C 291 7.63 3.76 26.75
CA SER C 291 7.82 4.38 28.04
C SER C 291 7.36 5.84 28.06
N CYS C 292 7.21 6.51 26.89
CA CYS C 292 6.66 7.87 26.90
C CYS C 292 5.22 7.89 27.46
N LEU C 293 4.52 6.75 27.45
CA LEU C 293 3.16 6.67 28.04
C LEU C 293 3.14 6.36 29.55
N GLU C 294 4.30 6.13 30.16
CA GLU C 294 4.38 5.89 31.61
C GLU C 294 4.34 7.24 32.32
N ARG C 295 3.13 7.71 32.61
CA ARG C 295 2.90 9.08 33.10
C ARG C 295 1.46 9.24 33.61
N SER D 2 -8.87 -21.91 -16.93
CA SER D 2 -9.22 -22.78 -15.74
C SER D 2 -8.01 -23.60 -15.26
N LYS D 3 -7.49 -24.49 -16.12
CA LYS D 3 -6.10 -24.98 -16.00
C LYS D 3 -5.08 -23.83 -16.22
N HIS D 4 -5.52 -22.78 -16.92
CA HIS D 4 -4.71 -21.62 -17.27
C HIS D 4 -5.05 -20.37 -16.43
N GLU D 5 -5.65 -20.56 -15.26
CA GLU D 5 -6.20 -19.45 -14.50
C GLU D 5 -5.10 -18.56 -13.93
N LEU D 6 -5.31 -17.27 -14.00
CA LEU D 6 -4.48 -16.27 -13.35
C LEU D 6 -5.40 -15.46 -12.46
N SER D 7 -5.02 -15.30 -11.20
CA SER D 7 -5.75 -14.44 -10.28
C SER D 7 -5.30 -13.00 -10.46
N LEU D 8 -6.24 -12.07 -10.55
CA LEU D 8 -5.90 -10.65 -10.57
C LEU D 8 -5.18 -10.11 -9.29
N VAL D 9 -5.30 -10.85 -8.18
N VAL D 9 -5.27 -10.83 -8.18
CA VAL D 9 -4.54 -10.59 -6.97
CA VAL D 9 -4.52 -10.45 -6.98
C VAL D 9 -3.04 -10.53 -7.25
C VAL D 9 -3.02 -10.52 -7.24
N GLU D 10 -2.58 -11.44 -8.09
CA GLU D 10 -1.16 -11.55 -8.46
C GLU D 10 -0.72 -10.33 -9.29
N VAL D 11 -1.62 -9.89 -10.16
CA VAL D 11 -1.39 -8.73 -11.00
C VAL D 11 -1.29 -7.45 -10.18
N THR D 12 -2.24 -7.25 -9.27
CA THR D 12 -2.31 -5.95 -8.58
C THR D 12 -1.07 -5.67 -7.69
N HIS D 13 -0.39 -6.72 -7.25
CA HIS D 13 0.87 -6.59 -6.54
C HIS D 13 1.88 -5.66 -7.25
N TYR D 14 1.83 -5.57 -8.58
CA TYR D 14 2.76 -4.73 -9.35
C TYR D 14 2.16 -3.42 -9.85
N THR D 15 0.91 -3.12 -9.51
CA THR D 15 0.22 -1.96 -10.06
C THR D 15 0.79 -0.65 -9.48
N ASP D 16 1.02 0.30 -10.37
CA ASP D 16 1.35 1.67 -9.96
C ASP D 16 0.03 2.46 -9.95
N PRO D 17 -0.41 2.92 -8.76
CA PRO D 17 -1.74 3.55 -8.67
C PRO D 17 -1.83 4.89 -9.39
N GLU D 18 -0.70 5.56 -9.57
CA GLU D 18 -0.66 6.80 -10.32
C GLU D 18 -0.92 6.51 -11.82
N VAL D 19 -0.27 5.48 -12.35
CA VAL D 19 -0.46 5.09 -13.73
C VAL D 19 -1.93 4.69 -13.95
N LEU D 20 -2.45 3.85 -13.06
CA LEU D 20 -3.82 3.39 -13.18
C LEU D 20 -4.82 4.54 -13.23
N ALA D 21 -4.69 5.48 -12.31
CA ALA D 21 -5.61 6.62 -12.23
C ALA D 21 -5.53 7.51 -13.45
N ILE D 22 -4.30 7.80 -13.89
CA ILE D 22 -4.10 8.65 -15.06
C ILE D 22 -4.68 8.01 -16.31
N VAL D 23 -4.48 6.70 -16.46
CA VAL D 23 -5.02 5.99 -17.59
C VAL D 23 -6.58 5.96 -17.55
N LYS D 24 -7.16 5.67 -16.38
CA LYS D 24 -8.62 5.68 -16.30
C LYS D 24 -9.22 7.05 -16.58
N ASP D 25 -8.58 8.10 -16.04
CA ASP D 25 -9.00 9.46 -16.26
C ASP D 25 -9.06 9.77 -17.75
N PHE D 26 -8.04 9.34 -18.49
CA PHE D 26 -8.00 9.59 -19.90
C PHE D 26 -9.05 8.77 -20.64
N HIS D 27 -9.09 7.49 -20.32
CA HIS D 27 -9.99 6.56 -20.93
C HIS D 27 -11.46 7.04 -20.92
N VAL D 28 -11.93 7.55 -19.79
N VAL D 28 -11.93 7.54 -19.78
CA VAL D 28 -13.32 7.97 -19.63
CA VAL D 28 -13.34 7.95 -19.67
C VAL D 28 -13.71 9.21 -20.46
C VAL D 28 -13.70 9.14 -20.56
N ARG D 29 -12.73 9.97 -20.93
CA ARG D 29 -12.96 11.06 -21.85
C ARG D 29 -13.54 10.62 -23.19
N GLY D 30 -13.27 9.39 -23.60
CA GLY D 30 -13.79 8.83 -24.80
C GLY D 30 -15.07 8.03 -24.68
N ASN D 31 -15.63 7.93 -23.48
CA ASN D 31 -16.86 7.20 -23.27
C ASN D 31 -18.02 8.08 -23.81
N PHE D 32 -19.09 7.42 -24.24
CA PHE D 32 -20.24 8.07 -24.85
C PHE D 32 -21.48 7.84 -24.00
N ALA D 33 -22.37 8.81 -24.02
CA ALA D 33 -23.76 8.66 -23.62
C ALA D 33 -24.56 8.68 -24.91
N SER D 34 -24.84 7.49 -25.43
CA SER D 34 -25.46 7.33 -26.72
C SER D 34 -26.76 6.55 -26.50
N LEU D 35 -27.86 7.24 -26.44
CA LEU D 35 -29.16 6.59 -26.18
C LEU D 35 -30.21 7.17 -27.11
N PRO D 36 -31.23 6.38 -27.49
CA PRO D 36 -32.31 6.95 -28.32
C PRO D 36 -32.96 8.20 -27.71
N GLU D 37 -33.13 8.21 -26.40
CA GLU D 37 -33.80 9.32 -25.72
C GLU D 37 -33.00 10.62 -25.73
N PHE D 38 -31.71 10.57 -26.06
CA PHE D 38 -30.90 11.78 -26.19
C PHE D 38 -30.67 12.23 -27.66
N ALA D 39 -31.44 11.72 -28.62
CA ALA D 39 -31.19 11.96 -30.07
C ALA D 39 -31.23 13.42 -30.49
N GLU D 40 -32.14 14.17 -29.91
CA GLU D 40 -32.31 15.56 -30.31
C GLU D 40 -31.51 16.56 -29.48
N ARG D 41 -30.72 16.08 -28.52
CA ARG D 41 -29.97 16.98 -27.67
C ARG D 41 -28.50 16.69 -27.66
N THR D 42 -28.05 15.71 -28.46
CA THR D 42 -26.62 15.36 -28.55
C THR D 42 -26.21 15.17 -29.99
N PHE D 43 -24.91 15.13 -30.23
CA PHE D 43 -24.37 14.80 -31.53
C PHE D 43 -23.11 13.94 -31.37
N VAL D 44 -22.77 13.18 -32.42
CA VAL D 44 -21.61 12.32 -32.42
C VAL D 44 -20.49 12.89 -33.32
N SER D 45 -20.86 13.31 -34.53
CA SER D 45 -19.88 13.81 -35.51
C SER D 45 -19.71 15.30 -35.37
N ALA D 46 -18.46 15.75 -35.23
CA ALA D 46 -18.16 17.16 -35.21
C ALA D 46 -18.14 17.75 -36.62
N VAL D 47 -18.15 16.89 -37.64
CA VAL D 47 -18.23 17.32 -39.02
C VAL D 47 -19.69 17.20 -39.52
N PRO D 48 -20.23 18.23 -40.16
CA PRO D 48 -21.61 18.10 -40.69
C PRO D 48 -21.69 17.00 -41.74
N LEU D 49 -22.81 16.26 -41.73
CA LEU D 49 -23.03 15.11 -42.65
C LEU D 49 -22.69 15.41 -44.11
N ALA D 50 -23.07 16.60 -44.57
CA ALA D 50 -22.87 17.03 -45.96
C ALA D 50 -21.42 17.21 -46.38
N HIS D 51 -20.51 17.38 -45.42
CA HIS D 51 -19.10 17.53 -45.71
C HIS D 51 -18.27 16.28 -45.43
N LEU D 52 -18.88 15.21 -44.93
CA LEU D 52 -18.13 14.02 -44.54
C LEU D 52 -17.54 13.28 -45.74
N GLU D 53 -18.19 13.36 -46.90
CA GLU D 53 -17.72 12.65 -48.09
C GLU D 53 -16.26 12.98 -48.44
N LYS D 54 -15.88 14.25 -48.30
CA LYS D 54 -14.52 14.67 -48.63
C LYS D 54 -13.44 14.04 -47.74
N PHE D 55 -13.82 13.51 -46.57
CA PHE D 55 -12.88 12.90 -45.64
C PHE D 55 -12.82 11.37 -45.67
N GLU D 56 -13.82 10.74 -46.28
CA GLU D 56 -13.97 9.30 -46.24
C GLU D 56 -13.16 8.65 -47.37
N ASN D 57 -12.41 7.61 -47.00
CA ASN D 57 -11.65 6.78 -47.95
C ASN D 57 -10.68 7.59 -48.78
N LYS D 58 -9.82 8.34 -48.10
CA LYS D 58 -8.83 9.19 -48.72
C LYS D 58 -7.42 8.79 -48.27
N GLU D 59 -6.43 9.35 -48.94
CA GLU D 59 -5.01 9.19 -48.57
C GLU D 59 -4.44 10.56 -48.24
N VAL D 60 -3.75 10.64 -47.12
CA VAL D 60 -2.96 11.81 -46.81
C VAL D 60 -1.55 11.50 -47.34
N LEU D 61 -0.90 12.49 -47.93
CA LEU D 61 0.43 12.32 -48.52
C LEU D 61 1.57 12.87 -47.65
N PHE D 62 2.71 12.16 -47.68
CA PHE D 62 3.96 12.70 -47.15
C PHE D 62 4.44 13.93 -47.94
N ARG D 63 4.23 13.97 -49.27
CA ARG D 63 4.52 15.20 -50.08
C ARG D 63 3.24 15.69 -50.82
N PRO D 64 2.36 16.40 -50.09
CA PRO D 64 1.11 16.93 -50.66
C PRO D 64 1.39 17.78 -51.86
N GLY D 65 0.57 17.65 -52.90
CA GLY D 65 0.78 18.39 -54.13
C GLY D 65 1.67 17.72 -55.15
N PHE D 66 2.34 16.64 -54.76
CA PHE D 66 3.28 15.93 -55.65
C PHE D 66 2.83 14.52 -55.89
N SER D 67 3.16 13.99 -57.06
CA SER D 67 2.58 12.75 -57.58
C SER D 67 3.61 11.70 -58.03
N SER D 68 4.90 11.93 -57.73
CA SER D 68 5.95 10.97 -58.10
C SER D 68 5.92 9.82 -57.12
N VAL D 69 5.44 8.69 -57.58
CA VAL D 69 5.23 7.53 -56.73
C VAL D 69 5.77 6.31 -57.47
N ILE D 70 6.02 5.24 -56.72
CA ILE D 70 6.38 3.95 -57.30
C ILE D 70 5.14 3.07 -57.29
N ASN D 71 4.52 2.89 -58.45
CA ASN D 71 3.31 2.08 -58.57
C ASN D 71 3.60 0.60 -58.37
N ILE D 72 2.69 -0.07 -57.67
CA ILE D 72 2.75 -1.50 -57.43
C ILE D 72 1.55 -2.17 -58.09
N SER D 73 1.79 -3.30 -58.75
CA SER D 73 0.74 -4.05 -59.45
C SER D 73 -0.17 -4.84 -58.52
N SER D 74 -1.46 -4.82 -58.83
CA SER D 74 -2.48 -5.58 -58.12
C SER D 74 -2.51 -7.06 -58.52
N SER D 75 -1.68 -7.47 -59.49
CA SER D 75 -1.52 -8.90 -59.78
C SER D 75 -0.84 -9.68 -58.65
N HIS D 76 -0.18 -9.00 -57.70
CA HIS D 76 0.38 -9.67 -56.51
C HIS D 76 -0.68 -9.98 -55.47
N ASN D 77 -1.88 -9.43 -55.64
CA ASN D 77 -2.95 -9.64 -54.66
C ASN D 77 -3.61 -11.00 -54.90
N PHE D 78 -3.57 -11.87 -53.89
CA PHE D 78 -4.18 -13.21 -53.95
C PHE D 78 -5.41 -13.31 -53.05
N SER D 79 -5.90 -12.17 -52.56
CA SER D 79 -6.89 -12.15 -51.48
C SER D 79 -8.29 -11.94 -52.01
N ARG D 80 -9.28 -12.33 -51.21
CA ARG D 80 -10.68 -11.97 -51.45
C ARG D 80 -10.93 -10.56 -50.92
N GLU D 81 -11.88 -9.85 -51.53
CA GLU D 81 -12.38 -8.59 -51.01
C GLU D 81 -13.08 -8.83 -49.67
N ARG D 82 -12.79 -7.99 -48.69
CA ARG D 82 -13.53 -8.01 -47.43
C ARG D 82 -14.96 -7.62 -47.78
N LEU D 83 -15.93 -8.35 -47.22
CA LEU D 83 -17.35 -8.03 -47.47
C LEU D 83 -17.71 -6.67 -46.85
N PRO D 84 -18.68 -5.93 -47.48
CA PRO D 84 -19.21 -4.74 -46.83
C PRO D 84 -19.69 -5.07 -45.42
N SER D 85 -19.47 -4.16 -44.45
CA SER D 85 -19.94 -4.37 -43.09
C SER D 85 -21.46 -4.46 -43.11
N GLY D 86 -22.03 -5.40 -42.36
CA GLY D 86 -23.50 -5.59 -42.34
C GLY D 86 -24.21 -4.42 -41.70
N ILE D 87 -25.42 -4.15 -42.14
CA ILE D 87 -26.25 -3.08 -41.60
C ILE D 87 -27.67 -3.47 -41.94
N ASN D 88 -28.65 -2.92 -41.21
N ASN D 88 -28.64 -2.93 -41.20
CA ASN D 88 -30.05 -3.34 -41.32
CA ASN D 88 -30.04 -3.36 -41.29
C ASN D 88 -30.12 -4.87 -41.13
C ASN D 88 -30.11 -4.88 -41.13
N PHE D 89 -29.51 -5.37 -40.05
CA PHE D 89 -29.45 -6.82 -39.76
C PHE D 89 -30.87 -7.37 -39.59
N CYS D 90 -31.07 -8.62 -39.98
CA CYS D 90 -32.38 -9.26 -39.90
C CYS D 90 -32.20 -10.63 -39.26
N ASP D 91 -33.01 -10.94 -38.25
CA ASP D 91 -32.84 -12.18 -37.47
C ASP D 91 -33.93 -13.23 -37.74
N LYS D 92 -34.57 -13.18 -38.91
CA LYS D 92 -35.69 -14.08 -39.22
C LYS D 92 -35.31 -15.57 -39.21
N ASN D 93 -34.08 -15.90 -39.62
CA ASN D 93 -33.60 -17.28 -39.64
C ASN D 93 -32.92 -17.63 -38.32
N LYS D 94 -33.07 -18.88 -37.89
CA LYS D 94 -32.43 -19.36 -36.67
C LYS D 94 -30.92 -19.43 -36.89
N LEU D 95 -30.15 -19.06 -35.87
CA LEU D 95 -28.68 -19.12 -35.94
C LEU D 95 -28.20 -20.12 -34.89
N SER D 96 -27.45 -21.12 -35.31
CA SER D 96 -27.06 -22.23 -34.43
C SER D 96 -25.88 -21.83 -33.55
N ILE D 97 -25.79 -22.44 -32.37
CA ILE D 97 -24.59 -22.32 -31.53
C ILE D 97 -23.33 -22.81 -32.26
N ARG D 98 -23.51 -23.77 -33.17
CA ARG D 98 -22.42 -24.29 -34.02
C ARG D 98 -21.71 -23.19 -34.83
N THR D 99 -22.48 -22.26 -35.36
CA THR D 99 -21.93 -21.13 -36.10
C THR D 99 -21.13 -20.19 -35.18
N ILE D 100 -21.65 -19.93 -33.99
CA ILE D 100 -21.00 -19.01 -33.04
C ILE D 100 -19.71 -19.65 -32.51
N GLU D 101 -19.78 -20.94 -32.19
CA GLU D 101 -18.59 -21.72 -31.79
C GLU D 101 -17.47 -21.70 -32.82
N LYS D 102 -17.84 -21.83 -34.09
CA LYS D 102 -16.91 -21.73 -35.20
C LYS D 102 -16.22 -20.37 -35.24
N LEU D 103 -17.00 -19.31 -35.04
CA LEU D 103 -16.42 -17.96 -35.00
C LEU D 103 -15.35 -17.87 -33.91
N LEU D 104 -15.71 -18.30 -32.71
CA LEU D 104 -14.91 -18.10 -31.52
C LEU D 104 -13.57 -18.85 -31.58
N VAL D 105 -13.63 -20.15 -31.87
CA VAL D 105 -12.40 -20.98 -31.88
C VAL D 105 -11.44 -20.57 -33.02
N ASN D 106 -11.98 -20.26 -34.20
CA ASN D 106 -11.14 -19.81 -35.31
C ASN D 106 -10.53 -18.42 -35.13
N ALA D 107 -11.32 -17.46 -34.62
CA ALA D 107 -10.82 -16.10 -34.40
C ALA D 107 -9.83 -15.97 -33.26
N PHE D 108 -10.02 -16.73 -32.18
CA PHE D 108 -9.33 -16.46 -30.90
C PHE D 108 -8.50 -17.61 -30.30
N SER D 109 -8.60 -18.80 -30.87
CA SER D 109 -7.99 -19.99 -30.28
C SER D 109 -7.14 -20.75 -31.29
N SER D 110 -6.20 -21.51 -30.75
CA SER D 110 -5.38 -22.40 -31.53
C SER D 110 -6.22 -23.59 -32.00
N PRO D 111 -5.91 -24.12 -33.20
CA PRO D 111 -6.55 -25.38 -33.61
C PRO D 111 -6.21 -26.56 -32.69
N ASP D 112 -5.06 -26.49 -32.01
CA ASP D 112 -4.63 -27.49 -31.05
C ASP D 112 -5.11 -27.11 -29.62
N PRO D 113 -6.02 -27.90 -29.03
CA PRO D 113 -6.54 -27.53 -27.71
C PRO D 113 -5.51 -27.65 -26.54
N GLY D 114 -4.42 -28.39 -26.75
CA GLY D 114 -3.33 -28.47 -25.76
C GLY D 114 -2.31 -27.32 -25.85
N SER D 115 -2.44 -26.48 -26.87
CA SER D 115 -1.57 -25.30 -27.03
C SER D 115 -2.14 -24.07 -26.36
N VAL D 116 -1.23 -23.25 -25.86
CA VAL D 116 -1.57 -21.93 -25.31
C VAL D 116 -1.27 -20.74 -26.24
N ARG D 117 -0.83 -21.00 -27.47
N ARG D 117 -0.90 -21.01 -27.51
CA ARG D 117 -0.63 -19.91 -28.42
CA ARG D 117 -0.62 -19.97 -28.51
C ARG D 117 -2.00 -19.54 -29.00
C ARG D 117 -1.84 -19.57 -29.35
N ARG D 118 -2.15 -18.27 -29.39
CA ARG D 118 -3.38 -17.77 -30.02
C ARG D 118 -3.07 -17.26 -31.43
N PRO D 119 -4.12 -17.13 -32.27
CA PRO D 119 -3.95 -16.63 -33.64
C PRO D 119 -3.69 -15.12 -33.75
N TYR D 120 -3.45 -14.46 -32.61
CA TYR D 120 -3.07 -13.05 -32.60
C TYR D 120 -1.99 -12.89 -31.51
N PRO D 121 -0.98 -12.04 -31.78
CA PRO D 121 0.07 -11.84 -30.79
C PRO D 121 -0.35 -10.88 -29.68
N SER D 122 0.48 -10.75 -28.65
CA SER D 122 0.21 -9.81 -27.54
C SER D 122 1.51 -9.42 -26.87
N GLY D 123 1.67 -8.14 -26.57
CA GLY D 123 2.84 -7.67 -25.83
C GLY D 123 3.04 -8.46 -24.55
N GLY D 124 4.23 -9.04 -24.41
CA GLY D 124 4.60 -9.86 -23.26
C GLY D 124 3.78 -11.12 -23.05
N ALA D 125 3.06 -11.54 -24.10
CA ALA D 125 2.10 -12.63 -24.01
C ALA D 125 1.10 -12.48 -22.85
N LEU D 126 0.73 -11.24 -22.56
CA LEU D 126 -0.14 -10.96 -21.41
C LEU D 126 -1.64 -11.05 -21.72
N TYR D 127 -2.01 -10.82 -22.97
CA TYR D 127 -3.43 -10.94 -23.41
C TYR D 127 -4.44 -10.28 -22.47
N PRO D 128 -4.37 -8.94 -22.36
CA PRO D 128 -5.24 -8.24 -21.39
C PRO D 128 -6.67 -7.98 -21.82
N ILE D 129 -7.05 -8.41 -23.02
CA ILE D 129 -8.35 -8.12 -23.57
C ILE D 129 -9.20 -9.36 -23.43
N GLU D 130 -10.40 -9.19 -22.90
CA GLU D 130 -11.36 -10.27 -22.72
C GLU D 130 -12.47 -10.15 -23.75
N VAL D 131 -12.94 -11.28 -24.25
CA VAL D 131 -14.07 -11.32 -25.19
C VAL D 131 -15.33 -11.82 -24.49
N PHE D 132 -16.39 -11.04 -24.60
CA PHE D 132 -17.68 -11.42 -24.09
C PHE D 132 -18.65 -11.61 -25.26
N LEU D 133 -19.54 -12.59 -25.11
CA LEU D 133 -20.50 -12.95 -26.13
C LEU D 133 -21.86 -12.52 -25.61
N CYS D 134 -22.58 -11.72 -26.40
CA CYS D 134 -23.92 -11.24 -26.03
C CYS D 134 -24.96 -11.78 -27.00
N ARG D 135 -25.94 -12.52 -26.49
CA ARG D 135 -27.01 -13.09 -27.30
C ARG D 135 -28.13 -12.06 -27.42
N LEU D 136 -28.52 -11.70 -28.64
CA LEU D 136 -29.36 -10.52 -28.89
C LEU D 136 -30.70 -10.77 -29.55
N SER D 137 -30.95 -12.02 -29.97
CA SER D 137 -32.22 -12.39 -30.58
C SER D 137 -32.68 -13.71 -30.00
N GLU D 138 -34.01 -13.85 -29.82
CA GLU D 138 -34.57 -15.15 -29.46
C GLU D 138 -34.49 -16.16 -30.62
N ASN D 139 -34.14 -15.70 -31.83
CA ASN D 139 -33.81 -16.60 -32.93
C ASN D 139 -32.35 -17.08 -32.94
N THR D 140 -31.60 -16.75 -31.90
CA THR D 140 -30.29 -17.31 -31.71
C THR D 140 -30.43 -18.49 -30.72
N GLU D 141 -29.88 -19.64 -31.10
CA GLU D 141 -29.87 -20.83 -30.21
C GLU D 141 -28.98 -20.49 -28.99
N ASN D 142 -29.22 -21.14 -27.86
CA ASN D 142 -28.49 -20.87 -26.63
C ASN D 142 -27.88 -22.14 -26.00
N TRP D 143 -26.80 -21.98 -25.25
CA TRP D 143 -26.15 -23.09 -24.56
C TRP D 143 -26.84 -23.38 -23.25
N GLN D 144 -27.12 -22.33 -22.49
CA GLN D 144 -27.74 -22.41 -21.18
C GLN D 144 -28.96 -21.50 -21.21
N ALA D 145 -30.14 -22.09 -21.03
CA ALA D 145 -31.41 -21.35 -21.10
C ALA D 145 -31.40 -20.13 -20.18
N GLY D 146 -31.64 -18.96 -20.75
CA GLY D 146 -31.77 -17.73 -19.97
C GLY D 146 -30.49 -16.97 -19.71
N THR D 147 -29.34 -17.54 -20.07
CA THR D 147 -28.07 -16.84 -19.96
C THR D 147 -27.77 -16.21 -21.31
N ASN D 148 -27.64 -14.88 -21.32
CA ASN D 148 -27.44 -14.15 -22.57
C ASN D 148 -26.11 -13.45 -22.70
N VAL D 149 -25.30 -13.48 -21.65
CA VAL D 149 -23.92 -12.98 -21.73
C VAL D 149 -23.01 -14.11 -21.27
N TYR D 150 -21.93 -14.33 -22.01
CA TYR D 150 -20.94 -15.34 -21.70
C TYR D 150 -19.58 -14.69 -21.84
N HIS D 151 -18.57 -15.30 -21.21
CA HIS D 151 -17.20 -14.88 -21.38
C HIS D 151 -16.45 -16.02 -22.07
N TYR D 152 -15.82 -15.74 -23.22
CA TYR D 152 -15.06 -16.77 -23.92
C TYR D 152 -13.66 -16.92 -23.33
N LEU D 153 -13.30 -18.17 -22.98
CA LEU D 153 -11.99 -18.52 -22.46
C LEU D 153 -11.20 -19.12 -23.62
N PRO D 154 -10.28 -18.34 -24.23
CA PRO D 154 -9.66 -18.80 -25.48
C PRO D 154 -8.67 -19.96 -25.38
N LEU D 155 -8.10 -20.20 -24.21
CA LEU D 155 -7.16 -21.30 -24.01
C LEU D 155 -7.91 -22.55 -23.61
N SER D 156 -8.90 -22.43 -22.70
CA SER D 156 -9.77 -23.57 -22.35
C SER D 156 -10.72 -23.94 -23.51
N GLN D 157 -11.00 -22.98 -24.39
CA GLN D 157 -11.97 -23.14 -25.49
C GLN D 157 -13.34 -23.49 -24.91
N ALA D 158 -13.83 -22.56 -24.11
CA ALA D 158 -15.03 -22.77 -23.32
C ALA D 158 -15.71 -21.43 -23.05
N LEU D 159 -16.99 -21.48 -22.72
CA LEU D 159 -17.76 -20.30 -22.43
C LEU D 159 -18.12 -20.36 -20.95
N GLU D 160 -17.90 -19.24 -20.26
CA GLU D 160 -18.26 -19.07 -18.86
C GLU D 160 -19.56 -18.22 -18.78
N PRO D 161 -20.60 -18.68 -18.05
CA PRO D 161 -21.80 -17.87 -17.92
C PRO D 161 -21.54 -16.56 -17.18
N VAL D 162 -22.07 -15.45 -17.68
CA VAL D 162 -21.87 -14.14 -17.09
C VAL D 162 -23.14 -13.48 -16.59
N ALA D 163 -24.21 -13.44 -17.39
CA ALA D 163 -25.43 -12.70 -17.01
C ALA D 163 -26.69 -13.28 -17.62
N THR D 164 -27.78 -13.14 -16.87
CA THR D 164 -29.10 -13.55 -17.27
C THR D 164 -30.00 -12.34 -17.57
N CYS D 165 -29.43 -11.23 -18.01
CA CYS D 165 -30.27 -10.11 -18.48
C CYS D 165 -31.00 -10.56 -19.74
N ASN D 166 -32.19 -10.01 -19.99
CA ASN D 166 -32.94 -10.41 -21.19
C ASN D 166 -32.25 -9.86 -22.44
N THR D 167 -32.63 -10.43 -23.57
N THR D 167 -32.59 -10.44 -23.60
CA THR D 167 -32.05 -10.09 -24.86
CA THR D 167 -31.98 -10.05 -24.86
C THR D 167 -32.33 -8.62 -25.28
C THR D 167 -32.31 -8.59 -25.26
N GLN D 168 -33.49 -8.11 -24.91
CA GLN D 168 -33.88 -6.69 -25.18
C GLN D 168 -33.04 -5.64 -24.44
N SER D 169 -32.73 -5.89 -23.16
CA SER D 169 -31.85 -4.99 -22.38
C SER D 169 -30.45 -4.93 -22.96
N LEU D 170 -29.90 -6.09 -23.34
CA LEU D 170 -28.59 -6.15 -23.93
C LEU D 170 -28.53 -5.41 -25.23
N TYR D 171 -29.53 -5.66 -26.08
CA TYR D 171 -29.64 -4.99 -27.38
C TYR D 171 -29.71 -3.46 -27.20
N ARG D 172 -30.56 -3.01 -26.29
CA ARG D 172 -30.71 -1.58 -26.03
C ARG D 172 -29.35 -0.97 -25.65
N SER D 173 -28.66 -1.60 -24.70
CA SER D 173 -27.36 -1.07 -24.24
C SER D 173 -26.28 -1.04 -25.33
N LEU D 174 -26.21 -2.09 -26.15
CA LEU D 174 -25.13 -2.17 -27.17
C LEU D 174 -25.35 -1.31 -28.41
N SER D 175 -26.59 -1.03 -28.76
CA SER D 175 -26.92 -0.42 -30.06
C SER D 175 -26.97 1.10 -30.00
N GLY D 176 -26.94 1.64 -28.79
CA GLY D 176 -26.94 3.07 -28.55
C GLY D 176 -28.06 3.82 -29.25
N GLY D 177 -27.75 4.99 -29.75
CA GLY D 177 -28.73 5.81 -30.44
C GLY D 177 -29.20 5.33 -31.80
N ASP D 178 -28.40 4.52 -32.48
CA ASP D 178 -28.61 4.20 -33.91
C ASP D 178 -29.21 2.80 -34.14
N SER D 179 -30.09 2.37 -33.23
CA SER D 179 -30.62 1.01 -33.26
C SER D 179 -31.57 0.74 -34.44
N GLU D 180 -32.33 1.75 -34.87
CA GLU D 180 -33.19 1.54 -36.03
C GLU D 180 -32.38 1.19 -37.28
N ARG D 181 -31.30 1.92 -37.51
CA ARG D 181 -30.44 1.66 -38.68
C ARG D 181 -29.71 0.31 -38.53
N LEU D 182 -29.29 -0.01 -37.31
CA LEU D 182 -28.61 -1.29 -37.07
C LEU D 182 -29.44 -2.50 -37.40
N GLY D 183 -30.72 -2.45 -37.05
CA GLY D 183 -31.65 -3.56 -37.27
C GLY D 183 -31.54 -4.55 -36.13
N LYS D 184 -31.56 -5.85 -36.46
CA LYS D 184 -31.62 -6.90 -35.48
C LYS D 184 -30.54 -7.96 -35.73
N PRO D 185 -29.32 -7.71 -35.19
CA PRO D 185 -28.28 -8.74 -35.21
C PRO D 185 -28.61 -9.93 -34.30
N HIS D 186 -28.03 -11.09 -34.60
CA HIS D 186 -28.20 -12.27 -33.77
C HIS D 186 -27.40 -12.22 -32.48
N PHE D 187 -26.17 -11.71 -32.56
CA PHE D 187 -25.32 -11.64 -31.39
C PHE D 187 -24.27 -10.57 -31.56
N ALA D 188 -23.58 -10.27 -30.46
CA ALA D 188 -22.44 -9.36 -30.48
C ALA D 188 -21.26 -9.96 -29.75
N LEU D 189 -20.07 -9.52 -30.14
CA LEU D 189 -18.89 -9.70 -29.31
C LEU D 189 -18.56 -8.35 -28.71
N VAL D 190 -18.20 -8.35 -27.43
CA VAL D 190 -17.77 -7.15 -26.72
C VAL D 190 -16.34 -7.39 -26.22
N TYR D 191 -15.42 -6.53 -26.64
CA TYR D 191 -14.00 -6.66 -26.31
C TYR D 191 -13.71 -5.69 -25.18
N CYS D 192 -13.17 -6.21 -24.07
CA CYS D 192 -12.99 -5.44 -22.85
C CYS D 192 -11.54 -5.48 -22.37
N ILE D 193 -11.07 -4.32 -21.92
CA ILE D 193 -9.75 -4.17 -21.35
C ILE D 193 -9.81 -4.34 -19.82
N ILE D 194 -8.93 -5.18 -19.29
CA ILE D 194 -8.70 -5.23 -17.85
C ILE D 194 -7.55 -4.27 -17.56
N PHE D 195 -7.84 -3.14 -16.93
CA PHE D 195 -6.84 -2.05 -16.84
C PHE D 195 -5.53 -2.49 -16.23
N GLU D 196 -5.63 -3.16 -15.09
CA GLU D 196 -4.41 -3.52 -14.36
C GLU D 196 -3.59 -4.57 -15.09
N LYS D 197 -4.21 -5.48 -15.83
CA LYS D 197 -3.49 -6.44 -16.65
C LYS D 197 -2.78 -5.75 -17.82
N ALA D 198 -3.39 -4.70 -18.38
CA ALA D 198 -2.74 -3.91 -19.45
C ALA D 198 -1.56 -3.05 -18.96
N LEU D 199 -1.58 -2.64 -17.70
CA LEU D 199 -0.64 -1.65 -17.19
C LEU D 199 0.51 -2.20 -16.34
N PHE D 200 0.30 -3.37 -15.72
CA PHE D 200 1.20 -3.78 -14.64
C PHE D 200 2.66 -3.99 -15.05
N LYS D 201 2.89 -4.47 -16.27
CA LYS D 201 4.25 -4.70 -16.75
C LYS D 201 4.91 -3.49 -17.44
N TYR D 202 4.21 -2.95 -18.42
CA TYR D 202 4.73 -1.91 -19.31
C TYR D 202 4.31 -0.48 -18.98
N ARG D 203 3.48 -0.30 -17.95
CA ARG D 203 2.96 1.00 -17.56
C ARG D 203 2.11 1.60 -18.72
N TYR D 204 2.21 2.90 -18.98
CA TYR D 204 1.33 3.60 -19.96
C TYR D 204 1.32 2.99 -21.36
N ARG D 205 2.49 2.60 -21.83
CA ARG D 205 2.59 1.95 -23.14
C ARG D 205 1.73 0.67 -23.23
N GLY D 206 1.48 0.01 -22.10
CA GLY D 206 0.58 -1.14 -22.08
C GLY D 206 -0.85 -0.86 -22.51
N TYR D 207 -1.30 0.34 -22.21
CA TYR D 207 -2.64 0.79 -22.64
C TYR D 207 -2.71 0.85 -24.16
N ARG D 208 -1.71 1.47 -24.75
CA ARG D 208 -1.60 1.55 -26.19
C ARG D 208 -1.56 0.12 -26.79
N MET D 209 -0.74 -0.76 -26.21
N MET D 209 -0.76 -0.75 -26.20
CA MET D 209 -0.63 -2.17 -26.64
CA MET D 209 -0.64 -2.13 -26.64
C MET D 209 -1.96 -2.92 -26.52
C MET D 209 -1.94 -2.94 -26.49
N ALA D 210 -2.69 -2.69 -25.42
CA ALA D 210 -4.00 -3.34 -25.21
C ALA D 210 -5.06 -2.95 -26.26
N LEU D 211 -5.09 -1.65 -26.61
CA LEU D 211 -6.01 -1.14 -27.63
C LEU D 211 -5.69 -1.69 -29.01
N MET D 212 -4.40 -1.76 -29.35
CA MET D 212 -3.99 -2.39 -30.60
C MET D 212 -4.37 -3.87 -30.64
N GLU D 213 -4.17 -4.57 -29.53
CA GLU D 213 -4.54 -5.95 -29.45
C GLU D 213 -6.01 -6.19 -29.72
N THR D 214 -6.86 -5.33 -29.22
CA THR D 214 -8.30 -5.39 -29.48
C THR D 214 -8.63 -5.37 -30.98
N GLY D 215 -7.92 -4.53 -31.72
CA GLY D 215 -8.07 -4.44 -33.15
C GLY D 215 -7.60 -5.69 -33.85
N SER D 216 -6.50 -6.30 -33.38
CA SER D 216 -6.08 -7.58 -33.96
C SER D 216 -7.14 -8.66 -33.73
N MET D 217 -7.82 -8.57 -32.60
CA MET D 217 -8.84 -9.57 -32.27
C MET D 217 -10.09 -9.40 -33.12
N TYR D 218 -10.64 -8.19 -33.19
CA TYR D 218 -11.85 -8.05 -34.00
C TYR D 218 -11.57 -8.28 -35.50
N GLN D 219 -10.33 -8.03 -35.92
CA GLN D 219 -9.96 -8.25 -37.32
C GLN D 219 -9.99 -9.73 -37.67
N ASN D 220 -9.46 -10.58 -36.79
CA ASN D 220 -9.60 -12.04 -36.95
C ASN D 220 -11.07 -12.44 -37.06
N ALA D 221 -11.90 -11.82 -36.25
CA ALA D 221 -13.34 -12.06 -36.27
C ALA D 221 -14.00 -11.61 -37.59
N VAL D 222 -13.60 -10.46 -38.11
CA VAL D 222 -14.01 -10.01 -39.47
C VAL D 222 -13.69 -11.05 -40.52
N LEU D 223 -12.46 -11.51 -40.50
CA LEU D 223 -11.96 -12.46 -41.49
C LEU D 223 -12.64 -13.83 -41.34
N VAL D 224 -12.80 -14.32 -40.11
CA VAL D 224 -13.46 -15.60 -39.88
C VAL D 224 -14.95 -15.50 -40.26
N ALA D 225 -15.60 -14.40 -39.86
CA ALA D 225 -17.02 -14.16 -40.18
C ALA D 225 -17.31 -14.16 -41.68
N ASP D 226 -16.45 -13.49 -42.45
CA ASP D 226 -16.53 -13.52 -43.92
C ASP D 226 -16.46 -14.94 -44.48
N GLN D 227 -15.62 -15.80 -43.90
CA GLN D 227 -15.48 -17.18 -44.38
C GLN D 227 -16.62 -18.10 -44.01
N ILE D 228 -17.35 -17.80 -42.95
CA ILE D 228 -18.46 -18.67 -42.52
C ILE D 228 -19.85 -18.13 -42.87
N GLY D 229 -19.90 -17.08 -43.69
CA GLY D 229 -21.18 -16.56 -44.17
C GLY D 229 -21.97 -15.71 -43.18
N LEU D 230 -21.30 -15.12 -42.19
CA LEU D 230 -21.92 -14.15 -41.30
C LEU D 230 -21.56 -12.76 -41.79
N LYS D 231 -22.45 -11.79 -41.56
CA LYS D 231 -22.13 -10.39 -41.78
C LYS D 231 -21.77 -9.84 -40.43
N ASN D 232 -20.98 -8.78 -40.41
CA ASN D 232 -20.56 -8.19 -39.15
C ASN D 232 -20.33 -6.70 -39.29
N ARG D 233 -20.40 -6.00 -38.15
CA ARG D 233 -20.05 -4.58 -38.10
C ARG D 233 -19.43 -4.25 -36.74
N VAL D 234 -18.23 -3.68 -36.78
CA VAL D 234 -17.58 -3.12 -35.60
C VAL D 234 -18.32 -1.83 -35.28
N TRP D 235 -18.48 -1.54 -34.00
CA TRP D 235 -19.44 -0.54 -33.58
C TRP D 235 -18.96 0.18 -32.32
N ALA D 236 -18.88 1.50 -32.43
CA ALA D 236 -18.49 2.38 -31.32
C ALA D 236 -19.65 3.21 -30.75
N GLY D 237 -20.84 3.09 -31.32
CA GLY D 237 -21.97 3.94 -30.93
C GLY D 237 -22.78 3.31 -29.80
N TYR D 238 -22.16 3.16 -28.64
CA TYR D 238 -22.84 2.62 -27.46
C TYR D 238 -22.43 3.44 -26.24
N THR D 239 -23.21 3.27 -25.18
CA THR D 239 -22.96 3.92 -23.91
C THR D 239 -22.14 2.96 -23.06
N ASP D 240 -20.87 3.29 -22.89
CA ASP D 240 -19.91 2.35 -22.27
C ASP D 240 -20.34 1.88 -20.88
N SER D 241 -20.78 2.80 -20.03
CA SER D 241 -21.08 2.47 -18.65
C SER D 241 -22.34 1.61 -18.57
N TYR D 242 -23.26 1.83 -19.50
CA TYR D 242 -24.51 1.12 -19.54
C TYR D 242 -24.31 -0.33 -20.05
N VAL D 243 -23.49 -0.48 -21.08
CA VAL D 243 -23.05 -1.81 -21.53
C VAL D 243 -22.37 -2.57 -20.37
N ALA D 244 -21.41 -1.92 -19.71
CA ALA D 244 -20.73 -2.54 -18.57
C ALA D 244 -21.70 -3.01 -17.47
N LYS D 245 -22.63 -2.14 -17.08
CA LYS D 245 -23.59 -2.42 -16.02
C LYS D 245 -24.48 -3.61 -16.40
N THR D 246 -24.94 -3.60 -17.67
CA THR D 246 -25.86 -4.61 -18.20
C THR D 246 -25.21 -6.00 -18.22
N MET D 247 -23.93 -6.03 -18.54
CA MET D 247 -23.09 -7.24 -18.48
C MET D 247 -22.56 -7.60 -17.07
N ASN D 248 -22.92 -6.81 -16.07
CA ASN D 248 -22.43 -6.94 -14.70
C ASN D 248 -20.90 -6.86 -14.59
N LEU D 249 -20.28 -6.05 -15.43
CA LEU D 249 -18.85 -5.80 -15.33
C LEU D 249 -18.59 -4.73 -14.26
N ASP D 250 -17.47 -4.86 -13.56
CA ASP D 250 -17.02 -3.85 -12.59
C ASP D 250 -16.09 -2.84 -13.30
N GLN D 251 -16.64 -1.65 -13.53
CA GLN D 251 -15.94 -0.58 -14.27
C GLN D 251 -14.68 -0.06 -13.63
N ARG D 252 -14.47 -0.33 -12.34
CA ARG D 252 -13.15 -0.07 -11.71
C ARG D 252 -12.04 -0.97 -12.24
N THR D 253 -12.40 -2.14 -12.77
CA THR D 253 -11.42 -3.11 -13.23
C THR D 253 -11.38 -3.26 -14.73
N VAL D 254 -12.57 -3.22 -15.37
CA VAL D 254 -12.73 -3.63 -16.77
C VAL D 254 -13.72 -2.70 -17.51
N ALA D 255 -13.39 -2.38 -18.76
CA ALA D 255 -14.18 -1.43 -19.56
C ALA D 255 -14.33 -2.00 -20.98
N PRO D 256 -15.55 -1.91 -21.57
CA PRO D 256 -15.75 -2.30 -22.97
C PRO D 256 -15.09 -1.32 -23.96
N LEU D 257 -14.22 -1.82 -24.82
CA LEU D 257 -13.53 -0.97 -25.79
C LEU D 257 -14.28 -0.82 -27.11
N ILE D 258 -14.94 -1.89 -27.55
CA ILE D 258 -15.57 -1.93 -28.85
C ILE D 258 -16.56 -3.09 -28.86
N VAL D 259 -17.63 -2.91 -29.62
CA VAL D 259 -18.66 -3.91 -29.81
C VAL D 259 -18.60 -4.36 -31.27
N GLN D 260 -18.96 -5.60 -31.53
CA GLN D 260 -18.97 -6.13 -32.89
C GLN D 260 -20.22 -6.96 -33.07
N PHE D 261 -21.08 -6.51 -33.96
CA PHE D 261 -22.36 -7.17 -34.21
C PHE D 261 -22.22 -8.21 -35.31
N PHE D 262 -22.97 -9.31 -35.20
CA PHE D 262 -22.95 -10.38 -36.18
C PHE D 262 -24.35 -10.81 -36.50
N GLY D 263 -24.54 -11.23 -37.75
CA GLY D 263 -25.84 -11.66 -38.20
C GLY D 263 -26.00 -11.82 -39.70
N ASP D 264 -27.26 -11.76 -40.13
CA ASP D 264 -27.66 -11.85 -41.54
C ASP D 264 -28.17 -10.49 -42.03
N VAL D 265 -28.04 -10.27 -43.35
CA VAL D 265 -28.63 -9.11 -44.01
C VAL D 265 -29.44 -9.64 -45.20
N ASN D 266 -30.77 -9.55 -45.13
CA ASN D 266 -31.69 -9.92 -46.25
C ASN D 266 -32.73 -8.80 -46.52
N ASP D 267 -33.75 -8.69 -45.65
CA ASP D 267 -34.92 -7.81 -45.85
C ASP D 267 -34.83 -6.53 -44.99
N MET E 1 -5.76 -2.15 -7.16
CA MET E 1 -6.24 -0.83 -6.68
C MET E 1 -5.75 -0.57 -5.27
N ILE E 2 -5.89 0.69 -4.82
N ILE E 2 -5.84 0.70 -4.87
CA ILE E 2 -5.21 1.23 -3.66
CA ILE E 2 -5.25 1.26 -3.65
C ILE E 2 -3.71 1.21 -3.92
C ILE E 2 -3.70 1.23 -3.69
N ASN E 3 -3.09 0.05 -3.73
CA ASN E 3 -1.67 -0.15 -3.99
C ASN E 3 -0.77 0.84 -3.26
N VAL E 4 -0.82 0.81 -1.94
CA VAL E 4 0.04 1.62 -1.12
C VAL E 4 1.23 0.76 -0.73
N TYR E 5 2.43 1.14 -1.15
CA TYR E 5 3.69 0.42 -0.88
C TYR E 5 4.53 1.20 0.12
N SER E 6 5.16 0.53 1.08
CA SER E 6 5.98 1.20 2.09
C SER E 6 7.37 0.56 2.08
N ASN E 7 8.36 1.39 2.35
CA ASN E 7 9.72 0.97 2.59
C ASN E 7 9.80 -0.03 3.77
N LEU E 8 10.78 -0.94 3.68
CA LEU E 8 11.00 -1.93 4.74
C LEU E 8 11.19 -1.27 6.13
N MET E 9 11.84 -0.11 6.17
N MET E 9 11.84 -0.10 6.14
CA MET E 9 12.04 0.61 7.41
CA MET E 9 12.07 0.66 7.36
C MET E 9 10.88 1.53 7.83
C MET E 9 10.88 1.52 7.83
N SER E 10 9.81 1.55 7.04
CA SER E 10 8.59 2.26 7.41
C SER E 10 7.93 1.57 8.60
N ALA E 11 7.18 2.36 9.36
CA ALA E 11 6.28 1.84 10.38
C ALA E 11 5.18 0.99 9.74
N TRP E 12 4.83 1.30 8.49
CA TRP E 12 3.65 0.73 7.81
C TRP E 12 4.03 -0.53 6.99
N PRO E 13 3.05 -1.38 6.71
CA PRO E 13 3.37 -2.66 6.07
C PRO E 13 3.77 -2.51 4.62
N ALA E 14 4.38 -3.58 4.11
CA ALA E 14 4.89 -3.58 2.74
C ALA E 14 3.90 -3.18 1.67
N THR E 15 2.72 -3.79 1.67
N THR E 15 2.69 -3.74 1.74
CA THR E 15 1.78 -3.59 0.59
CA THR E 15 1.72 -3.55 0.68
C THR E 15 0.36 -3.68 1.12
C THR E 15 0.30 -3.58 1.23
N MET E 16 -0.46 -2.71 0.74
N MET E 16 -0.55 -2.73 0.65
CA MET E 16 -1.89 -2.92 0.76
CA MET E 16 -1.98 -2.81 0.84
C MET E 16 -2.41 -2.88 -0.66
C MET E 16 -2.59 -2.74 -0.56
N ALA E 17 -3.35 -3.76 -0.95
CA ALA E 17 -3.98 -3.83 -2.26
C ALA E 17 -5.44 -4.30 -2.18
N MET E 18 -6.29 -3.66 -2.96
CA MET E 18 -7.64 -4.14 -3.22
C MET E 18 -7.57 -4.81 -4.57
N SER E 19 -7.96 -6.07 -4.62
CA SER E 19 -7.92 -6.83 -5.87
C SER E 19 -8.96 -6.37 -6.91
N PRO E 20 -8.54 -6.19 -8.18
CA PRO E 20 -9.50 -6.08 -9.26
C PRO E 20 -10.37 -7.31 -9.36
N LYS E 21 -11.58 -7.13 -9.90
N LYS E 21 -11.56 -7.14 -9.92
CA LYS E 21 -12.48 -8.23 -10.17
CA LYS E 21 -12.45 -8.25 -10.20
C LYS E 21 -13.32 -7.86 -11.39
C LYS E 21 -13.32 -7.86 -11.39
N LEU E 22 -13.61 -8.83 -12.25
CA LEU E 22 -14.44 -8.59 -13.42
C LEU E 22 -15.92 -8.40 -13.08
N ASN E 23 -16.41 -9.15 -12.09
CA ASN E 23 -17.83 -9.26 -11.74
C ASN E 23 -18.21 -8.25 -10.64
N ARG E 24 -19.07 -7.29 -10.98
CA ARG E 24 -19.47 -6.26 -10.03
C ARG E 24 -20.26 -6.84 -8.85
N ASN E 25 -20.87 -7.99 -9.06
CA ASN E 25 -21.56 -8.71 -8.01
C ASN E 25 -20.76 -9.66 -7.14
N MET E 26 -19.45 -9.79 -7.34
CA MET E 26 -18.66 -10.56 -6.39
C MET E 26 -18.17 -9.59 -5.30
N PRO E 27 -17.89 -10.13 -4.11
CA PRO E 27 -17.34 -9.27 -3.04
C PRO E 27 -15.97 -8.75 -3.41
N THR E 28 -15.61 -7.61 -2.85
CA THR E 28 -14.31 -7.04 -2.98
C THR E 28 -13.43 -7.74 -1.96
N PHE E 29 -12.17 -7.98 -2.35
CA PHE E 29 -11.17 -8.60 -1.52
C PHE E 29 -10.02 -7.62 -1.39
N SER E 30 -9.60 -7.35 -0.15
CA SER E 30 -8.48 -6.45 0.13
C SER E 30 -7.49 -7.18 1.01
N GLN E 31 -6.20 -6.92 0.78
CA GLN E 31 -5.18 -7.68 1.46
C GLN E 31 -3.98 -6.79 1.81
N ILE E 32 -3.42 -7.02 2.99
CA ILE E 32 -2.17 -6.42 3.40
C ILE E 32 -1.11 -7.51 3.54
N TRP E 33 0.05 -7.31 2.90
CA TRP E 33 1.18 -8.23 3.00
C TRP E 33 2.29 -7.46 3.73
N ASP E 34 2.95 -8.14 4.68
CA ASP E 34 4.00 -7.56 5.48
C ASP E 34 5.08 -8.62 5.72
N TYR E 35 5.67 -9.13 4.64
CA TYR E 35 6.77 -10.09 4.70
C TYR E 35 6.27 -11.30 5.52
N GLU E 36 7.05 -11.78 6.48
CA GLU E 36 6.58 -12.81 7.38
C GLU E 36 6.58 -12.30 8.81
N ARG E 37 6.39 -10.99 8.95
CA ARG E 37 6.18 -10.41 10.27
C ARG E 37 4.89 -10.99 10.85
N ILE E 38 3.85 -11.04 10.02
CA ILE E 38 2.58 -11.78 10.27
C ILE E 38 2.18 -12.43 8.95
N THR E 39 1.22 -13.34 8.97
CA THR E 39 0.71 -13.86 7.69
C THR E 39 -0.20 -12.78 7.09
N PRO E 40 -0.38 -12.76 5.76
CA PRO E 40 -1.13 -11.67 5.13
C PRO E 40 -2.54 -11.48 5.72
N ALA E 41 -2.96 -10.24 5.91
CA ALA E 41 -4.24 -9.94 6.50
C ALA E 41 -5.23 -9.56 5.41
N SER E 42 -6.43 -10.11 5.46
CA SER E 42 -7.40 -9.78 4.41
C SER E 42 -8.84 -9.73 4.93
N ALA E 43 -9.70 -9.17 4.10
CA ALA E 43 -11.13 -9.09 4.37
C ALA E 43 -11.83 -9.02 3.04
N ALA E 44 -13.09 -9.45 3.05
CA ALA E 44 -13.89 -9.41 1.88
C ALA E 44 -15.28 -8.94 2.24
N GLY E 45 -15.92 -8.28 1.29
CA GLY E 45 -17.30 -7.85 1.40
C GLY E 45 -17.57 -6.66 0.51
N GLU E 46 -18.48 -5.80 0.96
CA GLU E 46 -18.66 -4.49 0.35
C GLU E 46 -17.29 -3.81 0.31
N THR E 47 -17.05 -3.00 -0.72
CA THR E 47 -15.72 -2.41 -0.94
C THR E 47 -15.08 -1.74 0.28
N LEU E 48 -15.76 -0.76 0.85
CA LEU E 48 -15.20 -0.03 1.98
C LEU E 48 -15.02 -0.92 3.23
N LYS E 49 -16.01 -1.75 3.56
CA LYS E 49 -15.89 -2.74 4.65
C LYS E 49 -14.70 -3.68 4.41
N SER E 50 -14.44 -4.04 3.15
CA SER E 50 -13.30 -4.91 2.85
C SER E 50 -11.95 -4.20 3.11
N ILE E 51 -11.90 -2.91 2.75
CA ILE E 51 -10.74 -2.09 2.98
C ILE E 51 -10.53 -1.90 4.48
N GLN E 52 -11.61 -1.52 5.16
CA GLN E 52 -11.59 -1.31 6.62
C GLN E 52 -11.22 -2.58 7.38
N GLY E 53 -11.75 -3.71 6.93
CA GLY E 53 -11.50 -5.01 7.50
C GLY E 53 -10.06 -5.45 7.33
N ALA E 54 -9.47 -5.25 6.14
CA ALA E 54 -8.09 -5.67 5.93
C ALA E 54 -7.16 -4.86 6.83
N ILE E 55 -7.39 -3.55 6.91
CA ILE E 55 -6.60 -2.67 7.79
C ILE E 55 -6.74 -3.12 9.27
N GLY E 56 -7.97 -3.32 9.72
CA GLY E 56 -8.25 -3.81 11.07
C GLY E 56 -7.65 -5.16 11.40
N GLU E 57 -7.74 -6.10 10.46
CA GLU E 57 -7.11 -7.41 10.60
C GLU E 57 -5.59 -7.29 10.75
N TYR E 58 -4.99 -6.42 9.94
CA TYR E 58 -3.58 -6.15 10.04
C TYR E 58 -3.21 -5.56 11.41
N PHE E 59 -3.90 -4.51 11.85
CA PHE E 59 -3.60 -3.90 13.15
C PHE E 59 -3.75 -4.93 14.27
N GLU E 60 -4.82 -5.73 14.20
CA GLU E 60 -5.09 -6.75 15.21
C GLU E 60 -3.96 -7.77 15.31
N ARG E 61 -3.66 -8.42 14.19
CA ARG E 61 -2.64 -9.46 14.14
C ARG E 61 -1.25 -8.94 14.44
N ARG E 62 -0.93 -7.75 13.97
CA ARG E 62 0.34 -7.16 14.31
C ARG E 62 0.47 -6.94 15.82
N HIS E 63 -0.60 -6.48 16.45
CA HIS E 63 -0.56 -6.25 17.87
C HIS E 63 -0.27 -7.53 18.70
N PHE E 64 -1.09 -8.56 18.46
CA PHE E 64 -1.02 -9.80 19.24
C PHE E 64 0.20 -10.65 18.89
N PHE E 65 0.62 -10.64 17.63
CA PHE E 65 1.82 -11.40 17.19
C PHE E 65 3.15 -10.69 17.43
N ASN E 66 3.19 -9.36 17.33
CA ASN E 66 4.49 -8.67 17.20
C ASN E 66 4.77 -7.63 18.23
N GLU E 67 3.76 -7.20 19.00
CA GLU E 67 3.85 -5.90 19.70
C GLU E 67 3.52 -5.85 21.19
N ILE E 68 3.22 -6.98 21.82
CA ILE E 68 2.84 -6.95 23.23
C ILE E 68 4.08 -6.80 24.11
N VAL E 69 4.03 -5.87 25.05
CA VAL E 69 5.01 -5.79 26.16
C VAL E 69 4.23 -5.93 27.46
N THR E 70 4.69 -6.83 28.33
CA THR E 70 3.98 -7.13 29.58
C THR E 70 4.24 -6.11 30.65
N GLY E 71 3.35 -6.03 31.63
CA GLY E 71 3.37 -4.92 32.57
C GLY E 71 3.92 -5.27 33.92
N GLY E 72 4.63 -6.40 34.04
CA GLY E 72 5.10 -6.87 35.33
C GLY E 72 4.99 -8.38 35.46
N GLN E 73 5.14 -8.84 36.69
CA GLN E 73 5.22 -10.27 36.98
C GLN E 73 4.59 -10.49 38.36
N LYS E 74 3.57 -11.34 38.42
N LYS E 74 3.57 -11.34 38.42
CA LYS E 74 2.80 -11.60 39.63
CA LYS E 74 2.80 -11.60 39.63
C LYS E 74 2.26 -13.01 39.59
C LYS E 74 2.26 -13.01 39.59
N THR E 75 1.93 -13.55 40.78
CA THR E 75 1.21 -14.82 40.88
C THR E 75 -0.24 -14.57 40.52
N LEU E 76 -0.97 -15.64 40.26
CA LEU E 76 -2.38 -15.54 39.93
C LEU E 76 -3.17 -14.80 41.03
N TYR E 77 -2.92 -15.16 42.29
CA TYR E 77 -3.66 -14.56 43.43
C TYR E 77 -3.22 -13.15 43.81
N GLU E 78 -2.05 -12.70 43.35
CA GLU E 78 -1.66 -11.27 43.45
C GLU E 78 -2.33 -10.41 42.36
N MET E 79 -2.64 -11.07 41.24
CA MET E 79 -2.95 -10.44 39.96
C MET E 79 -4.44 -10.12 39.80
N MET E 80 -5.30 -10.86 40.50
CA MET E 80 -6.74 -10.78 40.32
C MET E 80 -7.45 -11.21 41.60
N PRO E 81 -8.78 -11.03 41.68
CA PRO E 81 -9.54 -11.59 42.80
C PRO E 81 -9.46 -13.12 42.93
N PRO E 82 -9.73 -13.65 44.13
CA PRO E 82 -9.45 -15.07 44.41
C PRO E 82 -10.24 -16.10 43.58
N SER E 83 -11.52 -15.85 43.29
CA SER E 83 -12.29 -16.82 42.50
C SER E 83 -11.91 -16.81 41.00
N ALA E 84 -11.40 -15.69 40.48
CA ALA E 84 -10.83 -15.70 39.13
C ALA E 84 -9.50 -16.47 39.10
N ALA E 85 -8.65 -16.21 40.09
CA ALA E 85 -7.37 -16.91 40.21
C ALA E 85 -7.56 -18.44 40.31
N LYS E 86 -8.60 -18.87 41.03
CA LYS E 86 -8.93 -20.31 41.16
C LYS E 86 -9.34 -20.94 39.82
N ALA E 87 -10.17 -20.25 39.05
CA ALA E 87 -10.57 -20.73 37.72
C ALA E 87 -9.39 -20.82 36.75
N PHE E 88 -8.48 -19.86 36.78
CA PHE E 88 -7.26 -19.94 35.96
C PHE E 88 -6.42 -21.15 36.38
N THR E 89 -6.23 -21.32 37.69
CA THR E 89 -5.49 -22.46 38.23
C THR E 89 -6.05 -23.78 37.73
N GLU E 90 -7.37 -23.92 37.75
CA GLU E 90 -8.03 -25.13 37.25
C GLU E 90 -7.91 -25.29 35.73
N ALA E 91 -7.87 -24.18 34.99
CA ALA E 91 -7.57 -24.23 33.55
C ALA E 91 -6.13 -24.69 33.32
N PHE E 92 -5.17 -24.00 33.94
CA PHE E 92 -3.74 -24.34 33.79
C PHE E 92 -3.40 -25.75 34.26
N PHE E 93 -4.03 -26.20 35.34
CA PHE E 93 -3.82 -27.58 35.83
C PHE E 93 -4.15 -28.65 34.78
N GLN E 94 -5.09 -28.40 33.88
CA GLN E 94 -5.39 -29.35 32.78
C GLN E 94 -4.46 -29.22 31.56
N ILE E 95 -3.88 -28.05 31.41
CA ILE E 95 -3.15 -27.70 30.18
C ILE E 95 -1.73 -28.28 30.21
N SER E 96 -1.01 -28.13 31.32
CA SER E 96 0.30 -28.79 31.51
C SER E 96 0.17 -29.96 32.49
N SER E 97 1.24 -30.70 32.69
CA SER E 97 1.29 -31.72 33.75
C SER E 97 1.75 -31.14 35.10
N LEU E 98 1.91 -29.82 35.22
CA LEU E 98 2.45 -29.22 36.45
C LEU E 98 1.39 -29.20 37.55
N THR E 99 1.85 -29.22 38.80
CA THR E 99 0.98 -29.30 39.97
C THR E 99 0.30 -27.95 40.24
N ARG E 100 -0.79 -27.98 41.01
CA ARG E 100 -1.46 -26.77 41.48
C ARG E 100 -0.51 -25.90 42.31
N ASP E 101 0.37 -26.54 43.08
CA ASP E 101 1.38 -25.84 43.88
C ASP E 101 2.31 -25.03 42.96
N GLU E 102 2.79 -25.67 41.89
CA GLU E 102 3.66 -24.97 40.95
C GLU E 102 2.91 -23.84 40.25
N ILE E 103 1.64 -24.08 39.88
CA ILE E 103 0.83 -23.06 39.21
C ILE E 103 0.57 -21.85 40.12
N ILE E 104 0.22 -22.07 41.39
CA ILE E 104 -0.11 -20.90 42.23
C ILE E 104 1.10 -20.11 42.73
N THR E 105 2.30 -20.69 42.67
CA THR E 105 3.51 -19.96 43.11
C THR E 105 4.29 -19.34 41.96
N HIS E 106 3.98 -19.71 40.72
CA HIS E 106 4.70 -19.16 39.58
C HIS E 106 4.32 -17.68 39.36
N LYS E 107 5.33 -16.87 39.08
CA LYS E 107 5.14 -15.45 38.79
C LYS E 107 4.94 -15.28 37.27
N PHE E 108 3.67 -15.15 36.86
CA PHE E 108 3.32 -14.94 35.44
C PHE E 108 3.52 -13.50 34.99
N LYS E 109 3.98 -13.35 33.76
CA LYS E 109 3.97 -12.03 33.12
C LYS E 109 2.50 -11.61 33.00
N THR E 110 2.23 -10.33 33.24
CA THR E 110 0.88 -9.79 33.33
C THR E 110 0.53 -8.86 32.18
N VAL E 111 -0.75 -8.80 31.86
CA VAL E 111 -1.33 -7.76 31.04
C VAL E 111 -2.60 -7.25 31.69
N ARG E 112 -2.95 -6.01 31.33
CA ARG E 112 -4.09 -5.31 31.89
C ARG E 112 -5.39 -5.96 31.42
N ALA E 113 -6.42 -5.95 32.26
CA ALA E 113 -7.74 -6.43 31.88
C ALA E 113 -8.81 -5.86 32.79
N PHE E 114 -10.05 -5.96 32.38
CA PHE E 114 -11.15 -5.74 33.31
C PHE E 114 -12.19 -6.83 33.17
N ASN E 115 -12.91 -7.09 34.27
CA ASN E 115 -13.99 -8.07 34.26
C ASN E 115 -15.13 -7.55 33.39
N LEU E 116 -15.58 -8.38 32.44
CA LEU E 116 -16.61 -7.99 31.48
C LEU E 116 -17.91 -7.46 32.11
N PHE E 117 -18.26 -7.98 33.27
CA PHE E 117 -19.54 -7.66 33.91
C PHE E 117 -19.43 -6.56 34.98
N SER E 118 -18.43 -6.64 35.84
CA SER E 118 -18.27 -5.68 36.95
C SER E 118 -17.40 -4.46 36.60
N LEU E 119 -16.67 -4.54 35.49
CA LEU E 119 -15.62 -3.58 35.13
C LEU E 119 -14.48 -3.47 36.14
N GLU E 120 -14.35 -4.45 37.03
CA GLU E 120 -13.28 -4.48 38.02
C GLU E 120 -11.94 -4.68 37.30
N GLN E 121 -11.02 -3.76 37.53
CA GLN E 121 -9.72 -3.81 36.92
C GLN E 121 -8.86 -4.86 37.57
N GLN E 122 -8.07 -5.55 36.74
CA GLN E 122 -7.14 -6.57 37.23
C GLN E 122 -6.07 -6.85 36.16
N GLU E 123 -5.33 -7.92 36.34
CA GLU E 123 -4.45 -8.43 35.30
C GLU E 123 -4.75 -9.90 35.03
N ILE E 124 -4.35 -10.34 33.85
CA ILE E 124 -4.42 -11.74 33.49
C ILE E 124 -3.06 -12.15 32.94
N PRO E 125 -2.82 -13.49 32.82
CA PRO E 125 -1.52 -13.92 32.32
C PRO E 125 -1.29 -13.53 30.87
N ALA E 126 -0.14 -12.91 30.63
CA ALA E 126 0.25 -12.47 29.31
C ALA E 126 0.43 -13.64 28.34
N VAL E 127 0.82 -14.81 28.87
CA VAL E 127 1.05 -16.00 28.05
C VAL E 127 -0.18 -16.43 27.21
N ILE E 128 -1.37 -16.10 27.70
CA ILE E 128 -2.61 -16.40 26.98
C ILE E 128 -2.83 -15.47 25.76
N ILE E 129 -2.30 -14.25 25.83
N ILE E 129 -2.31 -14.24 25.86
CA ILE E 129 -2.61 -13.17 24.90
CA ILE E 129 -2.60 -13.15 24.93
C ILE E 129 -1.57 -12.97 23.81
C ILE E 129 -1.58 -13.02 23.81
N ALA E 130 -0.29 -13.02 24.17
CA ALA E 130 0.79 -12.77 23.24
C ALA E 130 1.03 -14.00 22.34
N LEU E 131 1.08 -13.84 21.02
N LEU E 131 1.09 -13.80 21.01
CA LEU E 131 1.24 -15.00 20.14
CA LEU E 131 1.22 -14.90 20.04
C LEU E 131 2.70 -15.34 19.86
C LEU E 131 2.66 -15.19 19.59
N ASP E 132 3.61 -14.38 20.06
CA ASP E 132 5.05 -14.65 19.88
C ASP E 132 5.62 -15.48 21.04
N ASN E 133 6.82 -16.02 20.86
CA ASN E 133 7.40 -16.92 21.89
C ASN E 133 8.37 -16.24 22.86
N ILE E 134 8.50 -14.92 22.74
CA ILE E 134 9.43 -14.13 23.54
C ILE E 134 8.75 -13.43 24.71
N THR E 135 7.58 -12.87 24.46
CA THR E 135 6.89 -12.01 25.42
C THR E 135 6.75 -12.68 26.79
N ALA E 136 6.27 -13.92 26.82
CA ALA E 136 6.07 -14.65 28.06
C ALA E 136 6.71 -16.04 27.98
N ALA E 137 7.91 -16.07 27.41
CA ALA E 137 8.70 -17.30 27.25
C ALA E 137 8.74 -18.22 28.48
N ASP E 138 8.97 -17.65 29.66
CA ASP E 138 9.14 -18.43 30.91
C ASP E 138 7.81 -19.02 31.45
N ASP E 139 6.68 -18.57 30.88
CA ASP E 139 5.34 -19.08 31.22
C ASP E 139 4.82 -20.12 30.22
N LEU E 140 5.56 -20.39 29.14
CA LEU E 140 5.03 -21.27 28.09
C LEU E 140 4.83 -22.73 28.50
N LYS E 141 5.61 -23.18 29.47
CA LYS E 141 5.43 -24.52 30.03
C LYS E 141 4.00 -24.70 30.59
N PHE E 142 3.39 -23.61 31.07
CA PHE E 142 2.03 -23.63 31.62
C PHE E 142 0.95 -23.57 30.56
N TYR E 143 1.28 -23.05 29.38
CA TYR E 143 0.28 -22.71 28.36
C TYR E 143 0.98 -22.62 27.01
N PRO E 144 1.30 -23.79 26.42
CA PRO E 144 2.16 -23.80 25.23
C PRO E 144 1.43 -23.48 23.93
N ASP E 145 0.12 -23.73 23.87
CA ASP E 145 -0.69 -23.51 22.68
C ASP E 145 -1.55 -22.24 22.81
N ARG E 146 -1.28 -21.26 21.93
CA ARG E 146 -1.95 -19.96 21.89
C ARG E 146 -2.62 -19.75 20.52
N ASP E 147 -3.63 -18.89 20.50
CA ASP E 147 -4.23 -18.45 19.24
C ASP E 147 -4.99 -17.15 19.44
N THR E 148 -5.64 -16.68 18.37
CA THR E 148 -6.26 -15.35 18.38
C THR E 148 -7.76 -15.34 18.66
N CYS E 149 -8.31 -16.41 19.25
CA CYS E 149 -9.75 -16.43 19.61
C CYS E 149 -10.12 -15.26 20.50
N GLY E 150 -11.22 -14.59 20.14
CA GLY E 150 -11.73 -13.46 20.87
C GLY E 150 -11.01 -12.14 20.65
N CYS E 151 -10.06 -12.09 19.73
CA CYS E 151 -9.27 -10.87 19.47
C CYS E 151 -10.01 -9.97 18.50
N SER E 152 -9.91 -8.65 18.74
CA SER E 152 -10.54 -7.67 17.87
C SER E 152 -9.80 -6.34 17.90
N PHE E 153 -10.03 -5.56 16.84
CA PHE E 153 -9.46 -4.22 16.69
C PHE E 153 -10.57 -3.31 16.20
N HIS E 154 -10.71 -2.13 16.79
CA HIS E 154 -11.63 -1.14 16.25
C HIS E 154 -11.32 0.27 16.71
N GLY E 155 -11.97 1.26 16.10
CA GLY E 155 -11.87 2.66 16.49
C GLY E 155 -12.60 3.11 17.75
N SER E 156 -13.44 2.24 18.32
CA SER E 156 -14.09 2.52 19.61
C SER E 156 -14.00 1.28 20.49
N LEU E 157 -13.85 1.51 21.79
CA LEU E 157 -13.77 0.42 22.75
C LEU E 157 -15.03 -0.47 22.70
N ASN E 158 -16.22 0.14 22.63
CA ASN E 158 -17.47 -0.64 22.56
C ASN E 158 -17.53 -1.51 21.30
N ASP E 159 -17.13 -0.96 20.15
CA ASP E 159 -17.07 -1.74 18.92
C ASP E 159 -15.99 -2.85 18.99
N ALA E 160 -14.86 -2.60 19.64
CA ALA E 160 -13.83 -3.65 19.78
C ALA E 160 -14.38 -4.77 20.67
N ILE E 161 -14.98 -4.40 21.80
CA ILE E 161 -15.58 -5.38 22.72
C ILE E 161 -16.67 -6.20 22.01
N GLU E 162 -17.56 -5.52 21.31
CA GLU E 162 -18.59 -6.18 20.46
C GLU E 162 -17.97 -7.16 19.45
N GLY E 163 -16.88 -6.74 18.78
CA GLY E 163 -16.18 -7.61 17.84
C GLY E 163 -15.56 -8.82 18.55
N SER E 164 -14.95 -8.60 19.71
CA SER E 164 -14.37 -9.68 20.50
C SER E 164 -15.46 -10.65 21.00
N LEU E 165 -16.55 -10.11 21.49
CA LEU E 165 -17.70 -10.93 21.92
C LEU E 165 -18.25 -11.81 20.80
N CYS E 166 -18.36 -11.26 19.59
CA CYS E 166 -18.84 -12.00 18.44
C CYS E 166 -17.92 -13.16 18.11
N GLU E 167 -16.62 -12.88 18.07
CA GLU E 167 -15.66 -13.93 17.81
C GLU E 167 -15.65 -14.99 18.91
N PHE E 168 -15.73 -14.56 20.17
CA PHE E 168 -15.83 -15.48 21.32
C PHE E 168 -17.03 -16.41 21.17
N MET E 169 -18.19 -15.82 20.89
N MET E 169 -18.19 -15.83 20.89
CA MET E 169 -19.39 -16.61 20.63
CA MET E 169 -19.39 -16.64 20.67
C MET E 169 -19.17 -17.58 19.48
C MET E 169 -19.22 -17.57 19.46
N GLU E 170 -18.57 -17.10 18.40
CA GLU E 170 -18.30 -17.94 17.21
C GLU E 170 -17.49 -19.19 17.56
N ARG E 171 -16.36 -18.98 18.23
CA ARG E 171 -15.41 -20.05 18.48
C ARG E 171 -15.90 -21.00 19.56
N GLN E 172 -16.51 -20.47 20.62
CA GLN E 172 -17.07 -21.33 21.67
C GLN E 172 -18.20 -22.17 21.08
N SER E 173 -19.06 -21.56 20.26
CA SER E 173 -20.11 -22.28 19.54
C SER E 173 -19.56 -23.36 18.63
N LEU E 174 -18.49 -23.06 17.93
CA LEU E 174 -17.89 -23.99 16.99
C LEU E 174 -17.28 -25.21 17.69
N LEU E 175 -16.57 -24.97 18.79
CA LEU E 175 -15.97 -26.06 19.58
C LEU E 175 -17.01 -26.99 20.18
N LEU E 176 -18.10 -26.45 20.72
N LEU E 176 -18.08 -26.44 20.73
CA LEU E 176 -19.17 -27.29 21.24
CA LEU E 176 -19.18 -27.26 21.24
C LEU E 176 -19.81 -28.13 20.13
C LEU E 176 -19.81 -28.13 20.13
N TYR E 177 -20.07 -27.50 18.97
CA TYR E 177 -20.57 -28.21 17.78
C TYR E 177 -19.61 -29.30 17.31
N TRP E 178 -18.33 -28.94 17.21
CA TRP E 178 -17.28 -29.90 16.86
C TRP E 178 -17.30 -31.12 17.80
N LEU E 179 -17.30 -30.87 19.11
CA LEU E 179 -17.19 -31.95 20.09
C LEU E 179 -18.43 -32.85 20.20
N GLN E 180 -19.61 -32.26 20.10
CA GLN E 180 -20.88 -32.95 20.34
C GLN E 180 -21.70 -33.29 19.10
N GLY E 181 -21.43 -32.60 17.99
CA GLY E 181 -22.22 -32.76 16.78
C GLY E 181 -23.62 -32.14 16.79
N LYS E 182 -23.94 -31.31 17.78
N LYS E 182 -23.94 -31.31 17.78
CA LYS E 182 -25.29 -30.78 17.96
CA LYS E 182 -25.30 -30.79 17.94
C LYS E 182 -25.43 -29.36 17.39
C LYS E 182 -25.43 -29.37 17.41
N ALA E 183 -26.45 -29.15 16.57
CA ALA E 183 -26.82 -27.85 16.02
C ALA E 183 -28.26 -27.55 16.37
N ASN E 184 -28.66 -26.29 16.33
CA ASN E 184 -30.05 -25.93 16.67
C ASN E 184 -30.99 -26.20 15.51
N THR E 185 -30.62 -25.75 14.33
N THR E 185 -30.63 -25.70 14.34
CA THR E 185 -31.47 -25.88 13.16
CA THR E 185 -31.47 -25.73 13.16
C THR E 185 -30.60 -25.83 11.91
C THR E 185 -30.59 -25.82 11.91
N GLU E 186 -31.19 -26.28 10.81
CA GLU E 186 -30.58 -26.17 9.49
C GLU E 186 -31.36 -25.08 8.70
N ILE E 187 -30.64 -24.21 8.00
CA ILE E 187 -31.24 -23.25 7.07
C ILE E 187 -31.19 -23.84 5.69
N SER E 188 -32.25 -23.67 4.91
CA SER E 188 -32.33 -24.30 3.59
C SER E 188 -31.11 -23.96 2.76
N SER E 189 -30.56 -24.99 2.14
CA SER E 189 -29.40 -24.84 1.28
C SER E 189 -29.77 -24.07 0.00
N GLU E 190 -31.07 -24.03 -0.34
CA GLU E 190 -31.55 -23.21 -1.47
C GLU E 190 -31.98 -21.78 -1.08
N ILE E 191 -31.67 -21.36 0.15
CA ILE E 191 -32.08 -20.05 0.67
C ILE E 191 -31.71 -18.93 -0.29
N VAL E 192 -32.62 -17.98 -0.47
CA VAL E 192 -32.35 -16.75 -1.23
C VAL E 192 -32.37 -15.57 -0.25
N THR E 193 -31.28 -14.79 -0.22
CA THR E 193 -31.17 -13.66 0.71
C THR E 193 -31.63 -12.31 0.17
N GLY E 194 -31.71 -12.15 -1.15
CA GLY E 194 -31.94 -10.83 -1.76
C GLY E 194 -30.70 -9.93 -1.84
N ILE E 195 -29.59 -10.31 -1.22
CA ILE E 195 -28.38 -9.50 -1.28
C ILE E 195 -27.54 -10.07 -2.41
N ASN E 196 -27.29 -9.25 -3.44
CA ASN E 196 -26.74 -9.72 -4.71
C ASN E 196 -25.41 -10.50 -4.54
N HIS E 197 -24.48 -9.99 -3.74
CA HIS E 197 -23.18 -10.66 -3.64
C HIS E 197 -23.24 -11.98 -2.85
N ILE E 198 -24.23 -12.12 -1.97
CA ILE E 198 -24.39 -13.34 -1.18
C ILE E 198 -25.00 -14.41 -2.06
N ASP E 199 -26.04 -14.05 -2.80
CA ASP E 199 -26.69 -14.97 -3.72
C ASP E 199 -25.79 -15.42 -4.87
N GLU E 200 -24.93 -14.53 -5.33
CA GLU E 200 -23.91 -14.87 -6.34
C GLU E 200 -22.97 -15.97 -5.83
N ILE E 201 -22.46 -15.82 -4.60
CA ILE E 201 -21.62 -16.85 -3.98
C ILE E 201 -22.41 -18.15 -3.79
N LEU E 202 -23.61 -18.07 -3.20
CA LEU E 202 -24.37 -19.29 -2.96
C LEU E 202 -24.67 -20.05 -4.26
N LEU E 203 -25.06 -19.33 -5.32
CA LEU E 203 -25.33 -20.00 -6.61
C LEU E 203 -24.06 -20.68 -7.17
N ALA E 204 -22.95 -19.97 -7.13
CA ALA E 204 -21.68 -20.52 -7.62
C ALA E 204 -21.30 -21.79 -6.84
N LEU E 205 -21.44 -21.75 -5.51
CA LEU E 205 -21.13 -22.93 -4.66
C LEU E 205 -22.05 -24.10 -4.98
N ARG E 206 -23.35 -23.83 -5.10
N ARG E 206 -23.34 -23.84 -5.12
CA ARG E 206 -24.36 -24.82 -5.50
CA ARG E 206 -24.30 -24.89 -5.46
C ARG E 206 -24.08 -25.44 -6.86
C ARG E 206 -24.16 -25.42 -6.89
N SER E 207 -23.53 -24.65 -7.78
CA SER E 207 -23.16 -25.15 -9.13
C SER E 207 -21.87 -25.98 -9.12
N GLU E 208 -20.93 -25.64 -8.24
CA GLU E 208 -19.64 -26.34 -8.15
C GLU E 208 -19.72 -27.62 -7.30
N GLY E 209 -20.60 -27.61 -6.29
CA GLY E 209 -20.67 -28.72 -5.33
C GLY E 209 -21.96 -28.65 -4.53
N ASP E 210 -21.88 -28.82 -3.21
CA ASP E 210 -23.05 -28.72 -2.32
C ASP E 210 -22.72 -27.98 -1.04
N ILE E 211 -23.77 -27.40 -0.43
CA ILE E 211 -23.61 -26.69 0.83
C ILE E 211 -24.62 -27.13 1.89
N ARG E 212 -24.21 -26.95 3.15
CA ARG E 212 -25.08 -27.08 4.29
C ARG E 212 -24.90 -25.85 5.17
N ILE E 213 -25.99 -25.35 5.74
CA ILE E 213 -25.99 -24.17 6.59
C ILE E 213 -26.66 -24.54 7.92
N PHE E 214 -25.92 -24.43 9.01
CA PHE E 214 -26.40 -24.76 10.32
C PHE E 214 -26.31 -23.57 11.27
N ASP E 215 -27.35 -23.37 12.08
CA ASP E 215 -27.26 -22.51 13.25
C ASP E 215 -26.66 -23.35 14.39
N ILE E 216 -25.42 -23.04 14.79
CA ILE E 216 -24.72 -23.76 15.85
C ILE E 216 -24.57 -22.93 17.14
N THR E 217 -25.34 -21.85 17.29
CA THR E 217 -25.26 -20.98 18.45
C THR E 217 -25.24 -21.76 19.77
N LEU E 218 -24.38 -21.40 20.73
CA LEU E 218 -24.39 -22.02 22.06
C LEU E 218 -25.84 -22.09 22.54
N PRO E 219 -26.27 -23.27 23.02
CA PRO E 219 -27.67 -23.45 23.48
C PRO E 219 -28.13 -22.40 24.49
N GLY E 220 -29.31 -21.82 24.23
CA GLY E 220 -29.88 -20.82 25.11
C GLY E 220 -29.34 -19.43 24.92
N ALA E 221 -28.26 -19.27 24.13
CA ALA E 221 -27.68 -17.96 23.90
C ALA E 221 -28.54 -17.14 22.92
N PRO E 222 -28.55 -15.81 23.08
CA PRO E 222 -29.11 -14.92 22.05
C PRO E 222 -28.25 -14.84 20.80
N GLY E 223 -28.77 -14.19 19.78
CA GLY E 223 -28.07 -14.07 18.52
C GLY E 223 -27.96 -15.40 17.79
N HIS E 224 -27.10 -15.44 16.78
CA HIS E 224 -27.04 -16.55 15.86
C HIS E 224 -25.61 -16.74 15.37
N ALA E 225 -25.04 -17.92 15.64
CA ALA E 225 -23.75 -18.32 15.04
C ALA E 225 -24.09 -19.23 13.89
N VAL E 226 -23.80 -18.79 12.68
CA VAL E 226 -24.16 -19.55 11.50
C VAL E 226 -22.93 -20.15 10.86
N LEU E 227 -22.93 -21.47 10.68
CA LEU E 227 -21.83 -22.20 10.10
C LEU E 227 -22.26 -22.60 8.70
N THR E 228 -21.48 -22.19 7.71
N THR E 228 -21.48 -22.20 7.70
CA THR E 228 -21.72 -22.59 6.32
CA THR E 228 -21.75 -22.62 6.33
C THR E 228 -20.64 -23.62 5.98
C THR E 228 -20.65 -23.61 5.96
N LEU E 229 -21.04 -24.68 5.28
CA LEU E 229 -20.17 -25.79 4.93
C LEU E 229 -20.30 -26.05 3.45
N TYR E 230 -19.18 -26.33 2.80
CA TYR E 230 -19.13 -26.62 1.39
C TYR E 230 -18.27 -27.83 1.17
N GLY E 231 -18.68 -28.65 0.21
CA GLY E 231 -17.86 -29.74 -0.29
C GLY E 231 -18.22 -30.13 -1.71
N THR E 232 -17.22 -30.59 -2.48
CA THR E 232 -17.47 -31.14 -3.80
C THR E 232 -16.65 -32.40 -4.10
N LYS E 233 -17.23 -33.29 -4.91
CA LYS E 233 -16.51 -34.44 -5.46
C LYS E 233 -15.87 -34.11 -6.79
N ASN E 234 -16.16 -32.93 -7.36
CA ASN E 234 -15.73 -32.59 -8.70
C ASN E 234 -14.20 -32.63 -8.81
N LYS E 235 -13.71 -33.35 -9.82
CA LYS E 235 -12.29 -33.69 -9.93
C LYS E 235 -11.44 -32.46 -10.14
N ILE E 236 -11.84 -31.60 -11.07
CA ILE E 236 -11.02 -30.45 -11.45
C ILE E 236 -11.14 -29.25 -10.51
N SER E 237 -12.04 -29.31 -9.51
CA SER E 237 -12.04 -28.32 -8.43
C SER E 237 -10.84 -28.50 -7.51
N ARG E 238 -10.12 -27.40 -7.22
CA ARG E 238 -9.02 -27.42 -6.27
C ARG E 238 -9.52 -27.41 -4.83
N ILE E 239 -10.62 -26.72 -4.56
CA ILE E 239 -11.19 -26.69 -3.24
C ILE E 239 -12.27 -27.77 -3.12
N LYS E 240 -11.98 -28.78 -2.31
CA LYS E 240 -12.89 -29.87 -2.07
C LYS E 240 -13.80 -29.60 -0.87
N TYR E 241 -13.37 -28.68 0.00
CA TYR E 241 -14.04 -28.38 1.25
C TYR E 241 -13.74 -26.95 1.65
N SER E 242 -14.74 -26.25 2.19
CA SER E 242 -14.50 -24.97 2.84
C SER E 242 -15.58 -24.68 3.84
N THR E 243 -15.37 -23.65 4.65
CA THR E 243 -16.31 -23.34 5.71
C THR E 243 -16.25 -21.87 6.02
N GLY E 244 -17.36 -21.37 6.56
CA GLY E 244 -17.46 -20.01 7.04
C GLY E 244 -18.29 -19.99 8.30
N LEU E 245 -18.01 -19.01 9.15
CA LEU E 245 -18.68 -18.89 10.42
C LEU E 245 -18.82 -17.43 10.79
N SER E 246 -19.98 -17.06 11.30
CA SER E 246 -20.16 -15.73 11.84
C SER E 246 -21.28 -15.68 12.84
N TYR E 247 -21.13 -14.81 13.83
CA TYR E 247 -22.13 -14.58 14.84
C TYR E 247 -22.61 -13.14 14.75
N ALA E 248 -23.92 -12.97 14.77
CA ALA E 248 -24.53 -11.65 14.83
C ALA E 248 -25.88 -11.76 15.54
N ASN E 249 -26.47 -10.61 15.90
CA ASN E 249 -27.82 -10.59 16.50
C ASN E 249 -28.89 -11.01 15.51
N SER E 250 -28.74 -10.55 14.28
CA SER E 250 -29.61 -10.88 13.16
C SER E 250 -29.18 -12.19 12.52
N LEU E 251 -30.12 -13.10 12.33
CA LEU E 251 -29.88 -14.34 11.62
C LEU E 251 -29.43 -14.09 10.19
N LYS E 252 -30.12 -13.17 9.51
CA LYS E 252 -29.74 -12.82 8.14
C LYS E 252 -28.29 -12.29 8.05
N LYS E 253 -27.94 -11.36 8.94
CA LYS E 253 -26.62 -10.78 8.99
C LYS E 253 -25.60 -11.87 9.24
N ALA E 254 -25.85 -12.76 10.19
CA ALA E 254 -24.91 -13.84 10.50
C ALA E 254 -24.71 -14.73 9.27
N LEU E 255 -25.81 -15.07 8.60
CA LEU E 255 -25.72 -15.93 7.41
C LEU E 255 -24.93 -15.24 6.31
N CYS E 256 -25.21 -13.96 6.06
CA CYS E 256 -24.49 -13.22 5.02
C CYS E 256 -23.00 -13.14 5.30
N LYS E 257 -22.62 -12.73 6.52
CA LYS E 257 -21.21 -12.72 6.90
C LYS E 257 -20.58 -14.12 6.77
N SER E 258 -21.28 -15.15 7.21
CA SER E 258 -20.76 -16.53 7.13
C SER E 258 -20.43 -16.96 5.69
N VAL E 259 -21.33 -16.66 4.77
CA VAL E 259 -21.13 -16.96 3.35
C VAL E 259 -19.87 -16.26 2.80
N VAL E 260 -19.68 -15.00 3.18
CA VAL E 260 -18.53 -14.23 2.69
C VAL E 260 -17.23 -14.74 3.35
N GLU E 261 -17.30 -15.12 4.62
CA GLU E 261 -16.16 -15.78 5.28
C GLU E 261 -15.77 -17.08 4.55
N LEU E 262 -16.76 -17.88 4.16
CA LEU E 262 -16.48 -19.07 3.36
C LEU E 262 -15.79 -18.71 2.03
N TRP E 263 -16.37 -17.79 1.27
CA TRP E 263 -15.78 -17.37 0.01
C TRP E 263 -14.33 -16.88 0.18
N GLN E 264 -14.10 -16.08 1.21
CA GLN E 264 -12.76 -15.63 1.53
C GLN E 264 -11.78 -16.79 1.75
N SER E 265 -12.15 -17.80 2.55
CA SER E 265 -11.23 -18.94 2.77
C SER E 265 -11.09 -19.76 1.51
N TYR E 266 -12.19 -19.93 0.79
CA TYR E 266 -12.18 -20.68 -0.48
C TYR E 266 -11.20 -20.05 -1.46
N ILE E 267 -11.34 -18.74 -1.68
CA ILE E 267 -10.53 -18.09 -2.71
C ILE E 267 -9.06 -17.94 -2.32
N CYS E 268 -8.77 -17.67 -1.04
CA CYS E 268 -7.36 -17.59 -0.60
C CYS E 268 -6.63 -18.90 -0.80
N LEU E 269 -7.24 -20.00 -0.37
CA LEU E 269 -6.64 -21.31 -0.61
C LEU E 269 -6.59 -21.66 -2.09
N HIS E 270 -7.65 -21.34 -2.83
CA HIS E 270 -7.65 -21.58 -4.30
C HIS E 270 -6.48 -20.87 -4.98
N ASN E 271 -6.23 -19.62 -4.60
CA ASN E 271 -5.18 -18.82 -5.20
C ASN E 271 -3.77 -19.25 -4.80
N PHE E 272 -3.65 -19.70 -3.55
CA PHE E 272 -2.45 -20.39 -3.06
C PHE E 272 -2.16 -21.61 -3.96
N LEU E 273 -3.17 -22.44 -4.20
CA LEU E 273 -2.98 -23.68 -4.98
C LEU E 273 -2.72 -23.47 -6.48
N ILE E 274 -3.33 -22.48 -7.13
CA ILE E 274 -3.06 -22.20 -8.55
C ILE E 274 -1.80 -21.35 -8.74
N GLY E 275 -1.40 -20.65 -7.67
CA GLY E 275 -0.09 -20.02 -7.61
C GLY E 275 1.09 -20.99 -7.56
N GLY E 276 0.86 -22.23 -7.12
CA GLY E 276 1.92 -23.24 -7.03
C GLY E 276 2.89 -23.02 -5.86
N TYR E 277 2.44 -22.28 -4.85
CA TYR E 277 3.25 -21.96 -3.67
C TYR E 277 3.56 -23.24 -2.87
N THR E 278 4.77 -23.33 -2.32
CA THR E 278 5.23 -24.54 -1.62
C THR E 278 4.73 -24.52 -0.18
N ASP E 279 4.90 -25.66 0.49
CA ASP E 279 4.59 -25.76 1.91
C ASP E 279 5.52 -24.93 2.81
N ASP E 280 6.74 -24.63 2.35
CA ASP E 280 7.61 -23.73 3.10
C ASP E 280 7.07 -22.27 3.16
N ASP E 281 6.12 -21.93 2.30
CA ASP E 281 5.45 -20.63 2.34
C ASP E 281 4.38 -20.56 3.42
N ILE E 282 3.93 -21.71 3.91
CA ILE E 282 2.95 -21.75 5.00
C ILE E 282 3.71 -21.77 6.31
N ILE E 283 3.56 -20.69 7.09
CA ILE E 283 4.22 -20.58 8.41
C ILE E 283 3.29 -20.74 9.60
N ASP E 284 1.96 -20.81 9.38
CA ASP E 284 0.97 -20.87 10.43
C ASP E 284 0.41 -22.30 10.57
N SER E 285 0.49 -22.87 11.76
CA SER E 285 0.09 -24.26 11.95
C SER E 285 -1.43 -24.47 11.73
N TYR E 286 -2.27 -23.47 12.07
CA TYR E 286 -3.73 -23.55 11.82
C TYR E 286 -4.00 -23.55 10.31
N GLN E 287 -3.27 -22.73 9.57
CA GLN E 287 -3.41 -22.70 8.10
C GLN E 287 -2.93 -24.01 7.48
N ARG E 288 -1.82 -24.55 7.98
CA ARG E 288 -1.31 -25.86 7.54
C ARG E 288 -2.34 -26.96 7.81
N HIS E 289 -2.88 -26.99 9.01
CA HIS E 289 -3.92 -27.96 9.36
C HIS E 289 -5.16 -27.80 8.45
N PHE E 290 -5.61 -26.55 8.25
CA PHE E 290 -6.78 -26.33 7.40
C PHE E 290 -6.57 -26.84 5.98
N MET E 291 -5.37 -26.60 5.42
N MET E 291 -5.37 -26.62 5.43
CA MET E 291 -5.03 -27.08 4.08
CA MET E 291 -5.04 -27.08 4.10
C MET E 291 -5.08 -28.60 3.97
C MET E 291 -5.03 -28.60 3.95
N SER E 292 -4.62 -29.31 5.00
CA SER E 292 -4.71 -30.79 5.00
C SER E 292 -6.15 -31.31 5.15
N CYS E 293 -7.06 -30.45 5.62
CA CYS E 293 -8.51 -30.77 5.65
C CYS E 293 -9.29 -30.48 4.35
N ASN E 294 -8.61 -29.97 3.32
CA ASN E 294 -9.21 -29.70 2.00
C ASN E 294 -9.48 -31.00 1.27
N LYS E 295 -10.52 -31.71 1.71
CA LYS E 295 -10.95 -32.95 1.10
C LYS E 295 -12.42 -33.17 1.42
N TYR E 296 -13.10 -33.85 0.52
CA TYR E 296 -14.54 -34.06 0.63
C TYR E 296 -14.94 -34.71 1.97
N GLU E 297 -14.07 -35.56 2.51
CA GLU E 297 -14.34 -36.27 3.77
C GLU E 297 -14.50 -35.34 4.97
N SER E 298 -13.89 -34.16 4.93
CA SER E 298 -14.13 -33.14 5.95
C SER E 298 -15.63 -32.74 5.93
N PHE E 299 -16.16 -32.51 4.73
CA PHE E 299 -17.58 -32.13 4.52
C PHE E 299 -18.54 -33.22 5.00
N THR E 300 -18.33 -34.44 4.53
CA THR E 300 -19.19 -35.57 4.91
C THR E 300 -19.11 -35.90 6.39
N ASP E 301 -17.89 -35.95 6.93
CA ASP E 301 -17.71 -36.19 8.36
C ASP E 301 -18.48 -35.20 9.26
N LEU E 302 -18.47 -33.91 8.89
CA LEU E 302 -19.27 -32.93 9.64
C LEU E 302 -20.78 -33.15 9.47
N CYS E 303 -21.24 -33.26 8.22
CA CYS E 303 -22.67 -33.29 7.91
C CYS E 303 -23.36 -34.55 8.41
N GLU E 304 -22.74 -35.71 8.20
N GLU E 304 -22.72 -35.70 8.21
CA GLU E 304 -23.30 -36.98 8.63
CA GLU E 304 -23.25 -37.00 8.64
C GLU E 304 -23.32 -37.18 10.15
C GLU E 304 -23.32 -37.17 10.16
N ASN E 305 -22.49 -36.44 10.90
CA ASN E 305 -22.49 -36.47 12.37
C ASN E 305 -23.23 -35.31 13.03
N THR E 306 -23.94 -34.48 12.25
CA THR E 306 -24.72 -33.38 12.79
C THR E 306 -26.17 -33.81 13.16
N VAL E 307 -26.57 -33.54 14.39
CA VAL E 307 -27.92 -33.80 14.88
C VAL E 307 -28.58 -32.44 15.13
N LEU E 308 -29.77 -32.25 14.58
CA LEU E 308 -30.50 -31.00 14.71
C LEU E 308 -31.49 -31.08 15.86
N LEU E 309 -31.53 -30.06 16.72
CA LEU E 309 -32.58 -29.95 17.76
C LEU E 309 -33.97 -29.81 17.11
N SER E 310 -34.05 -29.08 16.00
CA SER E 310 -35.28 -28.92 15.21
C SER E 310 -35.16 -29.62 13.86
N ASP E 311 -36.13 -30.48 13.56
CA ASP E 311 -36.20 -31.23 12.30
C ASP E 311 -36.57 -30.37 11.07
N ASP E 312 -37.39 -29.34 11.27
CA ASP E 312 -37.84 -28.47 10.17
C ASP E 312 -36.68 -27.63 9.61
N VAL E 313 -36.38 -27.81 8.34
CA VAL E 313 -35.39 -27.00 7.63
C VAL E 313 -35.97 -25.59 7.43
N LYS E 314 -35.26 -24.57 7.91
CA LYS E 314 -35.78 -23.22 7.89
C LYS E 314 -35.78 -22.65 6.46
N LEU E 315 -36.94 -22.15 6.02
CA LEU E 315 -37.11 -21.53 4.70
C LEU E 315 -37.03 -19.99 4.74
N THR E 316 -37.07 -19.40 5.93
CA THR E 316 -36.96 -17.95 6.14
C THR E 316 -36.03 -17.64 7.31
N LEU E 317 -35.61 -16.38 7.41
CA LEU E 317 -34.56 -15.97 8.33
C LEU E 317 -35.05 -15.08 9.47
N GLU E 318 -36.21 -15.38 10.05
CA GLU E 318 -36.69 -14.60 11.19
C GLU E 318 -36.00 -14.95 12.54
N GLU E 319 -35.94 -13.95 13.42
N GLU E 319 -35.96 -13.94 13.42
CA GLU E 319 -35.50 -14.15 14.80
CA GLU E 319 -35.57 -14.07 14.82
C GLU E 319 -36.61 -14.86 15.60
C GLU E 319 -36.62 -14.88 15.60
N ASN E 320 -36.26 -15.31 16.80
CA ASN E 320 -37.20 -15.99 17.72
C ASN E 320 -37.04 -15.42 19.13
N ILE E 321 -37.84 -15.94 20.06
CA ILE E 321 -37.93 -15.36 21.40
C ILE E 321 -36.59 -15.33 22.16
N THR E 322 -35.70 -16.28 21.92
CA THR E 322 -34.36 -16.29 22.56
C THR E 322 -33.37 -15.31 21.94
N SER E 323 -33.53 -15.00 20.65
CA SER E 323 -32.53 -14.20 19.89
C SER E 323 -32.14 -12.88 20.53
N ASP E 324 -33.07 -12.21 21.21
CA ASP E 324 -32.80 -10.85 21.74
C ASP E 324 -32.78 -10.76 23.28
N THR E 325 -32.58 -11.89 23.96
CA THR E 325 -32.25 -11.87 25.38
C THR E 325 -30.88 -11.22 25.55
N ASN E 326 -30.48 -10.97 26.78
CA ASN E 326 -29.28 -10.16 27.02
C ASN E 326 -28.06 -11.08 26.98
N LEU E 327 -27.14 -10.83 26.05
CA LEU E 327 -25.96 -11.71 25.89
C LEU E 327 -25.05 -11.70 27.13
N LEU E 328 -24.82 -10.51 27.69
CA LEU E 328 -24.03 -10.39 28.93
C LEU E 328 -24.66 -11.13 30.11
N ASN E 329 -25.99 -11.06 30.26
CA ASN E 329 -26.68 -11.83 31.30
C ASN E 329 -26.51 -13.31 31.05
N TYR E 330 -26.72 -13.75 29.81
CA TYR E 330 -26.55 -15.15 29.47
C TYR E 330 -25.15 -15.64 29.85
N LEU E 331 -24.12 -14.92 29.43
CA LEU E 331 -22.74 -15.31 29.71
C LEU E 331 -22.43 -15.34 31.20
N GLN E 332 -22.90 -14.33 31.93
CA GLN E 332 -22.65 -14.22 33.36
C GLN E 332 -23.27 -15.37 34.15
N GLN E 333 -24.40 -15.89 33.68
CA GLN E 333 -25.07 -17.05 34.30
C GLN E 333 -24.20 -18.30 34.21
N ILE E 334 -23.44 -18.42 33.11
CA ILE E 334 -22.48 -19.51 32.96
C ILE E 334 -21.26 -19.25 33.84
N SER E 335 -20.71 -18.03 33.83
CA SER E 335 -19.51 -17.71 34.63
C SER E 335 -19.28 -16.21 34.77
N ASP E 336 -18.92 -15.78 35.99
CA ASP E 336 -18.51 -14.39 36.25
C ASP E 336 -17.08 -14.11 35.76
N ASN E 337 -16.32 -15.16 35.43
CA ASN E 337 -14.90 -15.07 35.10
C ASN E 337 -14.65 -14.90 33.60
N ILE E 338 -15.08 -13.76 33.08
CA ILE E 338 -14.85 -13.39 31.69
C ILE E 338 -14.20 -12.01 31.73
N PHE E 339 -13.08 -11.89 31.05
CA PHE E 339 -12.20 -10.73 31.16
C PHE E 339 -11.95 -10.15 29.79
N VAL E 340 -11.70 -8.84 29.77
CA VAL E 340 -11.38 -8.13 28.57
C VAL E 340 -9.95 -7.62 28.71
N TYR E 341 -9.02 -8.23 27.96
CA TYR E 341 -7.73 -7.61 27.73
C TYR E 341 -7.96 -6.44 26.83
N TYR E 342 -7.24 -5.34 27.09
CA TYR E 342 -7.37 -4.15 26.23
C TYR E 342 -6.05 -3.43 26.12
N ALA E 343 -5.88 -2.79 24.95
CA ALA E 343 -4.77 -1.88 24.70
C ALA E 343 -5.32 -0.79 23.77
N ARG E 344 -4.70 0.38 23.82
CA ARG E 344 -5.09 1.48 22.97
C ARG E 344 -3.92 2.37 22.60
N GLU E 345 -4.06 3.01 21.43
CA GLU E 345 -3.01 3.85 20.84
C GLU E 345 -3.64 5.06 20.14
N ARG E 346 -3.09 6.22 20.41
CA ARG E 346 -3.50 7.43 19.73
C ARG E 346 -3.12 7.42 18.24
N VAL E 347 -4.12 7.72 17.43
CA VAL E 347 -3.96 7.90 15.98
C VAL E 347 -4.69 9.22 15.67
N SER E 348 -3.95 10.25 15.26
CA SER E 348 -4.46 11.62 15.12
C SER E 348 -5.13 12.07 16.43
N ASN E 349 -6.40 12.49 16.36
CA ASN E 349 -7.17 12.87 17.56
C ASN E 349 -8.11 11.78 18.04
N SER E 350 -7.80 10.53 17.71
CA SER E 350 -8.62 9.39 18.09
C SER E 350 -7.77 8.35 18.78
N LEU E 351 -8.44 7.34 19.30
CA LEU E 351 -7.81 6.14 19.85
C LEU E 351 -8.29 4.96 19.05
N VAL E 352 -7.39 4.06 18.74
CA VAL E 352 -7.73 2.72 18.25
C VAL E 352 -7.53 1.75 19.41
N TRP E 353 -8.29 0.65 19.37
CA TRP E 353 -8.48 -0.29 20.48
C TRP E 353 -8.19 -1.70 20.03
N TYR E 354 -7.44 -2.42 20.86
CA TYR E 354 -7.21 -3.85 20.69
C TYR E 354 -7.83 -4.51 21.90
N THR E 355 -8.61 -5.57 21.68
CA THR E 355 -9.23 -6.27 22.81
C THR E 355 -9.16 -7.77 22.57
N LYS E 356 -9.16 -8.52 23.67
CA LYS E 356 -9.38 -9.97 23.62
C LYS E 356 -10.22 -10.39 24.82
N ILE E 357 -11.30 -11.09 24.53
CA ILE E 357 -12.15 -11.64 25.55
C ILE E 357 -11.68 -13.04 25.85
N VAL E 358 -11.40 -13.28 27.13
CA VAL E 358 -10.79 -14.48 27.67
C VAL E 358 -11.59 -14.98 28.87
N SER E 359 -11.86 -16.27 28.92
CA SER E 359 -12.42 -16.91 30.09
C SER E 359 -11.84 -18.31 30.35
N PRO E 360 -11.25 -18.55 31.53
CA PRO E 360 -10.84 -19.94 31.90
C PRO E 360 -12.00 -20.89 32.19
N ASP E 361 -13.23 -20.38 32.25
CA ASP E 361 -14.44 -21.22 32.33
C ASP E 361 -15.03 -21.65 30.99
N PHE E 362 -14.44 -21.18 29.89
CA PHE E 362 -14.76 -21.60 28.56
C PHE E 362 -13.46 -22.12 27.95
N PHE E 363 -13.51 -22.57 26.69
CA PHE E 363 -12.27 -22.95 26.01
C PHE E 363 -11.31 -21.75 25.86
N LEU E 364 -10.06 -21.93 26.30
CA LEU E 364 -9.07 -20.85 26.20
C LEU E 364 -8.53 -20.66 24.78
N HIS E 365 -8.61 -21.70 23.96
CA HIS E 365 -8.23 -21.60 22.57
C HIS E 365 -8.95 -22.71 21.80
N MET E 366 -8.76 -22.80 20.50
CA MET E 366 -9.59 -23.70 19.67
C MET E 366 -8.92 -24.97 19.15
N ASN E 367 -7.71 -25.25 19.62
CA ASN E 367 -6.99 -26.46 19.21
C ASN E 367 -7.13 -27.59 20.25
N ASN E 368 -8.13 -28.45 20.11
CA ASN E 368 -8.25 -29.54 21.10
C ASN E 368 -7.33 -30.75 20.78
N SER E 369 -6.49 -30.67 19.73
CA SER E 369 -5.36 -31.59 19.57
C SER E 369 -4.13 -31.15 20.39
N GLY E 370 -4.14 -29.94 20.94
CA GLY E 370 -3.03 -29.44 21.75
C GLY E 370 -3.40 -29.49 23.21
N ALA E 371 -2.79 -28.62 23.99
CA ALA E 371 -2.96 -28.57 25.44
C ALA E 371 -4.08 -27.57 25.78
N ILE E 372 -5.25 -28.11 26.13
CA ILE E 372 -6.47 -27.31 26.24
C ILE E 372 -7.23 -27.64 27.53
N ASN E 373 -7.99 -26.66 28.02
CA ASN E 373 -8.84 -26.86 29.20
C ASN E 373 -10.17 -27.51 28.79
N ILE E 374 -10.09 -28.80 28.49
CA ILE E 374 -11.22 -29.59 28.00
C ILE E 374 -12.43 -29.61 28.97
N ASN E 375 -12.14 -29.57 30.27
CA ASN E 375 -13.20 -29.54 31.30
C ASN E 375 -13.41 -28.12 31.76
N ASN E 376 -14.58 -27.57 31.44
CA ASN E 376 -14.89 -26.16 31.69
C ASN E 376 -16.41 -26.03 31.91
N LYS E 377 -16.96 -24.81 31.94
CA LYS E 377 -18.40 -24.65 32.21
C LYS E 377 -19.34 -25.01 31.08
N ILE E 378 -18.83 -25.28 29.87
CA ILE E 378 -19.71 -25.73 28.76
C ILE E 378 -19.38 -27.12 28.21
N TYR E 379 -18.33 -27.76 28.70
CA TYR E 379 -18.00 -29.10 28.27
C TYR E 379 -17.21 -29.84 29.35
N HIS E 380 -17.39 -31.16 29.41
CA HIS E 380 -16.57 -32.03 30.25
C HIS E 380 -16.22 -33.26 29.41
N THR E 381 -15.00 -33.77 29.57
CA THR E 381 -14.56 -35.01 28.89
C THR E 381 -15.65 -36.09 28.95
N GLY E 382 -15.92 -36.71 27.81
CA GLY E 382 -16.93 -37.77 27.73
C GLY E 382 -18.33 -37.33 27.35
N ASP E 383 -18.61 -36.02 27.35
CA ASP E 383 -19.89 -35.49 26.94
C ASP E 383 -20.17 -35.74 25.46
N GLY E 384 -19.18 -35.53 24.61
CA GLY E 384 -19.35 -35.61 23.17
C GLY E 384 -18.65 -36.79 22.54
N ILE E 385 -18.25 -36.61 21.29
CA ILE E 385 -17.62 -37.65 20.48
C ILE E 385 -16.13 -37.77 20.83
N LYS E 386 -15.73 -38.98 21.25
CA LYS E 386 -14.39 -39.20 21.82
C LYS E 386 -13.22 -38.80 20.91
N VAL E 387 -13.21 -39.29 19.67
CA VAL E 387 -12.17 -38.90 18.69
C VAL E 387 -12.07 -37.39 18.45
N ARG E 388 -13.20 -36.67 18.51
CA ARG E 388 -13.19 -35.23 18.31
C ARG E 388 -12.44 -34.52 19.45
N GLU E 389 -12.41 -35.10 20.65
CA GLU E 389 -11.73 -34.47 21.79
C GLU E 389 -10.20 -34.37 21.66
N SER E 390 -9.62 -35.18 20.76
CA SER E 390 -8.19 -35.16 20.47
C SER E 390 -7.82 -34.62 19.07
N LYS E 391 -8.79 -34.12 18.30
CA LYS E 391 -8.56 -33.71 16.91
C LYS E 391 -8.93 -32.24 16.75
N MET E 392 -8.12 -31.48 16.04
CA MET E 392 -8.48 -30.10 15.81
C MET E 392 -9.63 -29.98 14.80
N VAL E 393 -10.62 -29.16 15.13
CA VAL E 393 -11.72 -28.78 14.21
C VAL E 393 -11.19 -28.34 12.84
N PRO E 394 -11.81 -28.79 11.72
CA PRO E 394 -11.36 -28.42 10.37
C PRO E 394 -11.83 -27.01 9.93
N PHE E 395 -11.27 -26.01 10.60
CA PHE E 395 -11.66 -24.61 10.48
C PHE E 395 -10.36 -23.81 10.52
N PRO E 396 -10.20 -22.76 9.69
CA PRO E 396 -8.95 -21.97 9.71
C PRO E 396 -8.79 -21.04 10.92
#